data_8AN2
#
_entry.id   8AN2
#
_cell.length_a   1.00
_cell.length_b   1.00
_cell.length_c   1.00
_cell.angle_alpha   90.00
_cell.angle_beta   90.00
_cell.angle_gamma   90.00
#
_symmetry.space_group_name_H-M   'P 1'
#
loop_
_entity.id
_entity.type
_entity.pdbx_description
1 polymer 'S-layer protein A'
2 branched alpha-D-mannopyranose-(1-6)-2-acetamido-2-deoxy-beta-D-glucopyranose-(1-4)-2-acetamido-2-deoxy-beta-D-glucopyranose
3 branched 2-acetamido-2-deoxy-beta-D-glucopyranose-(1-4)-2-acetamido-2-deoxy-beta-D-glucopyranose
4 branched beta-D-glucopyranose-(1-4)-6-deoxy-6-sulfo-beta-D-glucopyranose-(1-3)-[alpha-D-mannopyranose-(1-4)][alpha-D-mannopyranose-(1-6)]2-acetamido-2-deoxy-beta-D-glucopyranose-(1-4)-2-acetamido-2-deoxy-beta-D-glucopyranose
5 branched 6-deoxy-6-sulfo-beta-D-glucopyranose-(1-3)-2-acetamido-2-deoxy-beta-D-glucopyranose-(1-4)-2-acetamido-2-deoxy-beta-D-glucopyranose
6 branched 6-deoxy-6-sulfo-beta-D-glucopyranose-(1-3)-[alpha-D-mannopyranose-(1-4)][alpha-D-mannopyranose-(1-6)]2-acetamido-2-deoxy-beta-D-glucopyranose-(1-4)-2-acetamido-2-deoxy-beta-D-glucopyranose
7 branched 6-deoxy-6-sulfo-beta-D-glucopyranose-(1-3)-[alpha-D-mannopyranose-(1-6)]2-acetamido-2-deoxy-beta-D-glucopyranose-(1-4)-2-acetamido-2-deoxy-beta-D-glucopyranose
8 non-polymer 2-acetamido-2-deoxy-beta-D-glucopyranose
#
_entity_poly.entity_id   1
_entity_poly.type   'polypeptide(L)'
_entity_poly.pdbx_seq_one_letter_code
;MNKLVGLLVSSLFLASILIGIAPAITTTALTPPVSAGGIQAYLLTGSGAPASGLVLFVVNVSNIQVSSSNVTNVISTVVS
NIQINAKTENAQTGATTGSVTVRFPTSGYNAYYDSVDKVVFVVVSFLYPYTTTSVNIPLSYLSKYLPGLLTAQPYDETGA
QVTSVSSTPFGSLIDTSTGQQILGTNPVLTSYNSYTTQANTNMQEGVVSGTLTSFTLGGQSFSGSTVPVILYAPFIFSNS
PYQAGLYNPMQVNGNLGSLSSEAYYHPVIWGRALINTTLIDTYASGSVPFTFQLNYSVPGPLTINMAQLAWIASINNLPT
SFTYLSYKFSNGYESFLGIISNSTQLTAGALTINPSGNFTINGKKFYVYLLVVGSTNSTTPVEYVTKLVVEYPSSTNFLP
QGVTVTTSSNKYTLPVYEIGGPAGTTITLTGNWYSTPYTVQITVGSTPTLTNYVSQILLKAVAYEGINVSTTQSPYYSTA
ILSTPPSEISITGSSTITAQGKLTATSASATVNLLTNATLTYENIPLTQYSFNGIIVTPGYAAINGTTAMAYVIGALYNK
TSDYVLSFAGSQEPMQVMNNNLTEVTTLAPFGLTLLAPSVPATETGTSPLQLEFFTVPSTSYIALVDFGLWGNLTSVTVS
AYDTVNNKLSVNLGYFYGIVIPPSISTAPYNYQNFICPNNYVTVTIYDPDAVLDPYPSGSFTTSSLPLKYGNMNITGAVI
FPGSSVYNPSGVFGYSNFNKGAAVTTFTYTAQSGPFSPVALTGNTNYLSQYADNNPTDNYYFIQTVNGMPVLMGGLSIVA
SPVSASLPSSTSSPGFMYLLPSAAQVPSPLPGMATPNYNLNIYITYKIDGATVGNNMINGLYVASQNTLIYVVPNGSFVG
SNIKLTYTTTDYAVLHYFYSTGQYKVFKTVSVPNVTANLYFPSSTTPLYQLSVPLYLSEPYYGSPLPTYIGLGTNGTSLW
NSPNYVLFGVSAVQQYLGFIKSISVTLSNGTTVVIPLTTSNMQTLFPQLVGQELQACNGTFQFGISITGLEKLLNLNVQQ
LNNSILSVTYHDYVTGETLTATTKLVALSTLSLVAKGAGVVEFLLTAYPYTGNITFAPPWFIAENVVKQPFMTYSDLQFA
KTNPSAILSLSTVNITVVGLGGKASVYYNSTSGQTVITNIYGQTVATLSGNVLPTLTELAAGNGTFTGSLQFTIVPNNTV
VQIPSSLTKTSFAVYTNGSLAIVLNGKAYSLGPAGLFLLPFVTYTGSAIGANATAIITVSDGVGTSTTQVPITAENFTPI
RLAPFQVPAQVPLPNAPKLKYEYNGSIVITPQQQVLKIYVTSILPYPQEFQIQAFVYEASQFNVHTGSPTAAPVYFSYSA
VRAYPALGIGTSVPNLLVYVQLQGISNLPAGKYVIVLSAVPFAGGPVLSEYPAQLIFTNVTLTQ
;
_entity_poly.pdbx_strand_id   AAA
#
loop_
_chem_comp.id
_chem_comp.type
_chem_comp.name
_chem_comp.formula
BGC D-saccharide, beta linking beta-D-glucopyranose 'C6 H12 O6'
MAN D-saccharide, alpha linking alpha-D-mannopyranose 'C6 H12 O6'
NAG D-saccharide, beta linking 2-acetamido-2-deoxy-beta-D-glucopyranose 'C8 H15 N O6'
YZT saccharide 6-deoxy-6-sulfo-beta-D-glucopyranose 'C6 H12 O8 S'
#
# COMPACT_ATOMS: atom_id res chain seq x y z
N LEU A 30 -8.03 38.05 10.09
CA LEU A 30 -6.67 37.83 9.51
C LEU A 30 -5.99 36.68 10.24
N THR A 31 -5.48 35.72 9.45
CA THR A 31 -4.79 34.53 9.96
C THR A 31 -3.36 34.49 9.42
N PRO A 32 -2.30 34.41 10.28
CA PRO A 32 -2.42 34.40 11.74
C PRO A 32 -2.76 35.78 12.32
N PRO A 33 -3.11 35.87 13.63
CA PRO A 33 -3.49 37.15 14.25
C PRO A 33 -2.38 38.21 14.30
N VAL A 34 -2.83 39.47 14.40
CA VAL A 34 -2.00 40.56 14.87
C VAL A 34 -2.42 40.87 16.31
N SER A 35 -1.43 40.93 17.22
CA SER A 35 -1.66 41.01 18.66
C SER A 35 -2.05 42.43 19.09
N ALA A 36 -2.42 42.58 20.38
CA ALA A 36 -2.55 43.88 21.02
C ALA A 36 -1.19 44.61 21.02
N GLY A 37 -1.19 45.87 20.55
CA GLY A 37 0.04 46.66 20.40
C GLY A 37 1.11 46.01 19.52
N GLY A 38 0.70 45.10 18.63
CA GLY A 38 1.63 44.29 17.85
C GLY A 38 1.74 44.68 16.37
N ILE A 39 2.89 44.33 15.78
CA ILE A 39 3.12 44.34 14.33
C ILE A 39 2.95 42.92 13.80
N GLN A 40 2.51 42.81 12.53
CA GLN A 40 2.40 41.53 11.84
C GLN A 40 2.55 41.75 10.32
N ALA A 41 2.97 40.72 9.57
CA ALA A 41 3.16 40.87 8.12
C ALA A 41 2.47 39.74 7.36
N TYR A 42 2.00 40.02 6.13
CA TYR A 42 1.39 39.04 5.23
C TYR A 42 1.87 39.20 3.78
N LEU A 43 2.19 38.09 3.11
CA LEU A 43 2.65 38.12 1.72
C LEU A 43 1.43 38.15 0.82
N LEU A 44 1.38 39.12 -0.11
CA LEU A 44 0.21 39.31 -0.96
C LEU A 44 0.10 38.22 -2.03
N THR A 45 -1.11 37.65 -2.18
CA THR A 45 -1.39 36.48 -2.99
C THR A 45 -2.90 36.40 -3.32
N GLY A 46 -3.26 35.49 -4.24
CA GLY A 46 -4.59 35.40 -4.83
C GLY A 46 -4.68 36.16 -6.15
N SER A 47 -5.70 35.87 -6.96
CA SER A 47 -5.93 36.61 -8.20
C SER A 47 -6.28 38.07 -7.91
N GLY A 48 -5.76 38.99 -8.74
CA GLY A 48 -5.97 40.42 -8.53
C GLY A 48 -4.85 41.11 -7.74
N ALA A 49 -3.94 40.34 -7.14
CA ALA A 49 -2.72 40.87 -6.53
C ALA A 49 -1.78 41.34 -7.64
N PRO A 50 -1.45 42.65 -7.73
CA PRO A 50 -0.75 43.22 -8.90
C PRO A 50 0.62 42.69 -9.31
N ALA A 51 1.44 42.28 -8.34
CA ALA A 51 2.83 41.94 -8.60
C ALA A 51 3.40 40.92 -7.60
N SER A 52 4.44 40.19 -8.02
CA SER A 52 5.16 39.26 -7.15
C SER A 52 6.12 40.02 -6.22
N GLY A 53 6.47 39.41 -5.08
CA GLY A 53 7.42 39.97 -4.14
C GLY A 53 6.88 41.19 -3.39
N LEU A 54 5.57 41.23 -3.09
CA LEU A 54 4.99 42.28 -2.25
C LEU A 54 4.69 41.72 -0.87
N VAL A 55 5.14 42.40 0.18
CA VAL A 55 4.70 42.07 1.52
C VAL A 55 4.08 43.31 2.19
N LEU A 56 2.99 43.07 2.93
CA LEU A 56 2.32 44.11 3.69
C LEU A 56 2.73 43.98 5.16
N PHE A 57 2.79 45.13 5.88
CA PHE A 57 2.96 45.20 7.33
C PHE A 57 1.81 45.96 7.95
N VAL A 58 1.23 45.40 9.03
CA VAL A 58 0.15 46.06 9.78
C VAL A 58 0.51 46.22 11.25
N VAL A 59 0.14 47.38 11.83
CA VAL A 59 0.32 47.66 13.26
C VAL A 59 -1.06 47.88 13.87
N ASN A 60 -1.34 47.16 14.96
CA ASN A 60 -2.68 47.12 15.52
C ASN A 60 -2.92 48.33 16.40
N VAL A 61 -3.17 49.48 15.75
CA VAL A 61 -3.33 50.79 16.38
C VAL A 61 -4.70 50.94 17.05
N SER A 62 -5.50 49.86 17.08
CA SER A 62 -6.77 49.76 17.80
C SER A 62 -6.71 50.24 19.25
N ASN A 63 -5.52 50.15 19.88
CA ASN A 63 -5.37 50.39 21.30
C ASN A 63 -5.36 51.88 21.69
N ILE A 64 -5.50 52.82 20.73
CA ILE A 64 -5.45 54.26 20.99
C ILE A 64 -6.51 55.05 20.22
N GLN A 65 -6.75 56.31 20.64
CA GLN A 65 -7.64 57.25 19.94
C GLN A 65 -6.90 57.95 18.80
N VAL A 66 -7.62 58.23 17.69
CA VAL A 66 -7.13 58.88 16.47
C VAL A 66 -8.26 59.72 15.85
N SER A 67 -7.90 60.82 15.15
CA SER A 67 -8.82 61.53 14.25
C SER A 67 -8.06 62.12 13.06
N SER A 68 -8.76 62.49 11.99
CA SER A 68 -8.15 63.14 10.83
C SER A 68 -7.40 64.43 11.20
N SER A 69 -7.82 65.08 12.28
CA SER A 69 -7.19 66.30 12.78
C SER A 69 -5.75 66.08 13.25
N ASN A 70 -5.46 64.85 13.75
CA ASN A 70 -4.18 64.55 14.40
C ASN A 70 -3.53 63.25 13.90
N VAL A 71 -4.05 62.71 12.79
CA VAL A 71 -3.59 61.44 12.21
C VAL A 71 -2.13 61.48 11.75
N THR A 72 -1.67 62.63 11.22
CA THR A 72 -0.31 62.73 10.66
C THR A 72 0.74 62.50 11.73
N ASN A 73 0.46 62.99 12.95
CA ASN A 73 1.25 62.68 14.12
C ASN A 73 1.39 61.18 14.30
N VAL A 74 0.26 60.46 14.39
CA VAL A 74 0.26 59.05 14.76
C VAL A 74 0.89 58.16 13.68
N ILE A 75 0.59 58.39 12.39
CA ILE A 75 1.20 57.60 11.32
C ILE A 75 2.71 57.79 11.28
N SER A 76 3.17 59.04 11.45
CA SER A 76 4.59 59.36 11.51
C SER A 76 5.26 58.69 12.72
N THR A 77 4.54 58.67 13.86
CA THR A 77 4.99 58.05 15.10
C THR A 77 5.23 56.55 14.91
N VAL A 78 4.34 55.90 14.15
CA VAL A 78 4.39 54.46 13.91
C VAL A 78 5.58 54.12 13.04
N VAL A 79 5.73 54.74 11.85
CA VAL A 79 6.68 54.30 10.84
C VAL A 79 8.14 54.33 11.31
N SER A 80 8.51 55.35 12.08
CA SER A 80 9.90 55.62 12.43
C SER A 80 10.54 54.49 13.25
N ASN A 81 9.72 53.67 13.89
CA ASN A 81 10.15 52.60 14.77
C ASN A 81 10.31 51.25 14.04
N ILE A 82 9.88 51.15 12.77
CA ILE A 82 9.89 49.87 12.05
C ILE A 82 11.29 49.56 11.54
N GLN A 83 11.74 48.31 11.73
CA GLN A 83 12.95 47.79 11.12
C GLN A 83 12.65 46.52 10.31
N ILE A 84 13.34 46.36 9.17
CA ILE A 84 13.10 45.31 8.19
C ILE A 84 14.40 44.58 7.90
N ASN A 85 14.36 43.24 7.91
CA ASN A 85 15.53 42.41 7.67
C ASN A 85 15.32 41.48 6.47
N ALA A 86 16.43 41.18 5.79
CA ALA A 86 16.37 40.52 4.49
C ALA A 86 17.60 39.63 4.28
N LYS A 87 17.38 38.43 3.70
CA LYS A 87 18.44 37.43 3.59
C LYS A 87 18.36 36.66 2.27
N THR A 88 19.51 36.06 1.94
CA THR A 88 19.65 35.11 0.85
C THR A 88 20.25 33.81 1.41
N GLU A 89 19.68 32.68 1.00
CA GLU A 89 19.94 31.40 1.65
C GLU A 89 20.10 30.27 0.62
N ASN A 90 20.67 29.15 1.06
CA ASN A 90 20.77 27.96 0.24
C ASN A 90 19.62 27.04 0.58
N ALA A 91 18.77 26.75 -0.41
CA ALA A 91 17.45 26.17 -0.21
C ALA A 91 17.51 24.74 0.37
N GLN A 92 18.61 24.01 0.11
CA GLN A 92 18.81 22.64 0.59
C GLN A 92 19.42 22.61 1.99
N THR A 93 20.52 23.36 2.20
CA THR A 93 21.40 23.26 3.35
C THR A 93 20.94 24.15 4.53
N GLY A 94 20.22 25.24 4.23
CA GLY A 94 19.66 26.15 5.22
C GLY A 94 20.62 27.24 5.69
N ALA A 95 21.78 27.36 5.02
CA ALA A 95 22.82 28.32 5.35
C ALA A 95 22.46 29.75 4.93
N THR A 96 22.75 30.72 5.82
CA THR A 96 22.69 32.14 5.47
C THR A 96 23.90 32.48 4.60
N THR A 97 23.63 33.07 3.43
CA THR A 97 24.65 33.50 2.48
C THR A 97 24.91 35.01 2.61
N GLY A 98 23.84 35.82 2.76
CA GLY A 98 23.92 37.25 2.98
C GLY A 98 22.76 37.77 3.83
N SER A 99 23.00 38.82 4.63
CA SER A 99 22.01 39.42 5.51
C SER A 99 22.10 40.95 5.47
N VAL A 100 20.95 41.64 5.48
CA VAL A 100 20.90 43.10 5.46
C VAL A 100 19.76 43.58 6.33
N THR A 101 19.90 44.81 6.85
CA THR A 101 18.98 45.34 7.85
C THR A 101 18.78 46.83 7.66
N VAL A 102 17.51 47.23 7.53
CA VAL A 102 17.18 48.57 7.07
C VAL A 102 15.99 49.15 7.85
N ARG A 103 15.81 50.48 7.70
CA ARG A 103 14.75 51.28 8.31
C ARG A 103 14.19 52.24 7.26
N PHE A 104 12.98 52.75 7.49
CA PHE A 104 12.36 53.66 6.54
C PHE A 104 13.04 55.03 6.56
N PRO A 105 13.16 55.70 5.38
CA PRO A 105 13.63 57.08 5.31
C PRO A 105 12.72 58.08 6.02
N THR A 106 13.23 59.31 6.20
CA THR A 106 12.51 60.39 6.87
C THR A 106 11.33 60.90 6.06
N SER A 107 11.43 60.80 4.73
CA SER A 107 10.40 61.22 3.78
C SER A 107 10.49 60.43 2.48
N GLY A 108 9.40 60.44 1.69
CA GLY A 108 9.35 59.77 0.39
C GLY A 108 8.67 58.41 0.42
N TYR A 109 8.43 57.89 1.63
CA TYR A 109 7.61 56.70 1.88
C TYR A 109 6.14 57.05 1.67
N ASN A 110 5.29 56.04 1.38
CA ASN A 110 3.84 56.15 1.45
C ASN A 110 3.29 55.19 2.50
N ALA A 111 2.46 55.69 3.41
CA ALA A 111 1.97 54.91 4.54
C ALA A 111 0.58 55.42 4.95
N TYR A 112 -0.26 54.50 5.42
CA TYR A 112 -1.70 54.72 5.34
C TYR A 112 -2.41 54.35 6.64
N TYR A 113 -3.65 54.85 6.79
CA TYR A 113 -4.43 54.59 7.99
C TYR A 113 -5.89 54.25 7.64
N ASP A 114 -6.45 53.32 8.41
CA ASP A 114 -7.88 53.02 8.37
C ASP A 114 -8.52 53.24 9.74
N SER A 115 -9.54 54.11 9.79
CA SER A 115 -10.34 54.38 10.98
C SER A 115 -11.23 53.20 11.38
N VAL A 116 -11.59 52.35 10.41
CA VAL A 116 -12.58 51.30 10.60
C VAL A 116 -11.91 50.09 11.25
N ASP A 117 -10.89 49.52 10.59
CA ASP A 117 -10.17 48.35 11.08
C ASP A 117 -9.12 48.72 12.14
N LYS A 118 -8.83 50.03 12.30
CA LYS A 118 -7.90 50.62 13.27
C LYS A 118 -6.48 50.08 13.14
N VAL A 119 -5.91 50.21 11.93
CA VAL A 119 -4.54 49.82 11.65
C VAL A 119 -3.82 50.95 10.91
N VAL A 120 -2.53 51.11 11.20
CA VAL A 120 -1.61 51.73 10.26
C VAL A 120 -0.97 50.59 9.45
N PHE A 121 -0.62 50.88 8.19
CA PHE A 121 -0.03 49.87 7.34
C PHE A 121 0.88 50.45 6.25
N VAL A 122 1.79 49.61 5.74
CA VAL A 122 2.70 49.92 4.64
C VAL A 122 2.97 48.67 3.82
N VAL A 123 3.12 48.85 2.50
CA VAL A 123 3.47 47.75 1.61
C VAL A 123 4.79 48.07 0.95
N VAL A 124 5.60 47.05 0.75
CA VAL A 124 6.96 47.23 0.28
C VAL A 124 7.17 46.22 -0.84
N SER A 125 7.73 46.68 -1.96
CA SER A 125 7.94 45.78 -3.08
C SER A 125 9.43 45.41 -3.19
N PHE A 126 9.74 44.11 -3.16
CA PHE A 126 11.08 43.64 -2.90
C PHE A 126 11.83 43.09 -4.10
N LEU A 127 11.18 42.32 -4.98
CA LEU A 127 11.86 41.71 -6.12
C LEU A 127 11.63 42.54 -7.38
N TYR A 128 12.36 42.22 -8.47
CA TYR A 128 12.20 42.86 -9.77
C TYR A 128 10.89 42.47 -10.47
N PRO A 129 10.20 43.36 -11.23
CA PRO A 129 10.47 44.81 -11.27
C PRO A 129 9.77 45.46 -10.07
N TYR A 130 9.88 46.79 -9.96
CA TYR A 130 9.34 47.55 -8.84
C TYR A 130 10.20 47.42 -7.59
N THR A 131 11.51 47.18 -7.78
CA THR A 131 12.49 47.26 -6.71
C THR A 131 12.73 48.72 -6.30
N THR A 132 12.45 49.67 -7.21
CA THR A 132 12.89 51.06 -7.12
C THR A 132 11.74 52.05 -7.41
N THR A 133 10.66 51.59 -8.07
CA THR A 133 9.51 52.44 -8.40
C THR A 133 8.21 51.88 -7.84
N SER A 134 7.33 52.79 -7.40
CA SER A 134 6.10 52.44 -6.71
C SER A 134 5.07 51.87 -7.68
N VAL A 135 4.39 50.80 -7.24
CA VAL A 135 3.38 50.13 -8.04
C VAL A 135 2.03 50.27 -7.32
N ASN A 136 0.98 50.61 -8.07
CA ASN A 136 -0.33 50.92 -7.49
C ASN A 136 -1.10 49.64 -7.21
N ILE A 137 -1.94 49.69 -6.15
CA ILE A 137 -2.58 48.52 -5.56
C ILE A 137 -4.09 48.80 -5.44
N PRO A 138 -4.94 48.18 -6.29
CA PRO A 138 -6.37 48.48 -6.28
C PRO A 138 -7.03 48.23 -4.92
N LEU A 139 -7.88 49.18 -4.55
CA LEU A 139 -8.43 49.23 -3.21
C LEU A 139 -9.37 48.05 -2.97
N SER A 140 -9.81 47.41 -4.06
CA SER A 140 -10.65 46.22 -4.05
C SER A 140 -9.85 45.03 -3.51
N TYR A 141 -8.75 44.71 -4.20
CA TYR A 141 -7.86 43.62 -3.83
C TYR A 141 -7.44 43.72 -2.36
N LEU A 142 -6.85 44.85 -1.94
CA LEU A 142 -6.25 44.96 -0.61
C LEU A 142 -7.31 44.81 0.49
N SER A 143 -8.55 45.20 0.19
CA SER A 143 -9.65 45.12 1.15
C SER A 143 -9.96 43.67 1.57
N LYS A 144 -9.54 42.69 0.77
CA LYS A 144 -9.70 41.29 1.17
C LYS A 144 -9.10 41.05 2.56
N TYR A 145 -7.98 41.72 2.84
CA TYR A 145 -7.28 41.64 4.10
C TYR A 145 -7.82 42.66 5.09
N LEU A 146 -8.21 43.86 4.59
CA LEU A 146 -8.70 44.96 5.41
C LEU A 146 -10.05 45.45 4.86
N PRO A 147 -11.18 44.77 5.19
CA PRO A 147 -12.50 45.12 4.64
C PRO A 147 -12.96 46.56 4.88
N GLY A 148 -12.40 47.21 5.92
CA GLY A 148 -12.63 48.62 6.16
C GLY A 148 -12.37 49.50 4.94
N LEU A 149 -11.47 49.06 4.04
CA LEU A 149 -11.15 49.78 2.80
C LEU A 149 -12.35 49.80 1.84
N LEU A 150 -13.35 48.94 2.05
CA LEU A 150 -14.63 49.03 1.35
C LEU A 150 -15.60 49.91 2.13
N THR A 151 -15.52 49.87 3.47
CA THR A 151 -16.35 50.68 4.36
C THR A 151 -16.16 52.17 4.10
N ALA A 152 -14.91 52.62 3.98
CA ALA A 152 -14.51 54.00 3.73
C ALA A 152 -13.11 54.05 3.14
N GLN A 153 -12.75 55.20 2.54
CA GLN A 153 -11.42 55.40 1.98
C GLN A 153 -10.37 55.38 3.09
N PRO A 154 -9.13 54.89 2.80
CA PRO A 154 -8.02 55.04 3.72
C PRO A 154 -7.50 56.47 3.68
N TYR A 155 -6.80 56.84 4.76
CA TYR A 155 -6.14 58.12 4.87
C TYR A 155 -4.68 58.01 4.42
N ASP A 156 -4.23 59.06 3.73
CA ASP A 156 -2.86 59.28 3.29
C ASP A 156 -2.01 59.83 4.43
N GLU A 157 -0.68 59.86 4.24
CA GLU A 157 0.15 60.83 4.97
C GLU A 157 -0.39 62.24 4.70
N THR A 158 -0.25 63.13 5.68
CA THR A 158 -0.81 64.49 5.65
C THR A 158 -2.34 64.53 5.78
N GLY A 159 -3.01 63.39 5.94
CA GLY A 159 -4.31 63.34 6.61
C GLY A 159 -5.55 63.38 5.72
N ALA A 160 -5.36 63.45 4.41
CA ALA A 160 -6.48 63.43 3.46
C ALA A 160 -6.97 62.01 3.21
N GLN A 161 -8.19 61.86 2.69
CA GLN A 161 -8.69 60.60 2.15
C GLN A 161 -8.20 60.41 0.70
N VAL A 162 -7.81 59.16 0.34
CA VAL A 162 -7.25 58.84 -0.97
C VAL A 162 -7.79 57.54 -1.56
N THR A 163 -7.86 57.50 -2.90
CA THR A 163 -8.56 56.44 -3.63
C THR A 163 -7.69 55.21 -3.90
N SER A 164 -6.40 55.26 -3.58
CA SER A 164 -5.44 54.24 -3.99
C SER A 164 -4.30 54.09 -2.99
N VAL A 165 -3.64 52.92 -3.04
CA VAL A 165 -2.49 52.56 -2.21
C VAL A 165 -1.35 52.17 -3.13
N SER A 166 -0.10 52.46 -2.72
CA SER A 166 1.07 52.06 -3.51
C SER A 166 2.28 51.75 -2.62
N SER A 167 3.20 50.95 -3.18
CA SER A 167 4.36 50.43 -2.47
C SER A 167 5.40 51.51 -2.20
N THR A 168 6.14 51.38 -1.10
CA THR A 168 7.41 52.07 -0.99
C THR A 168 8.50 51.14 -1.52
N PRO A 169 9.28 51.50 -2.56
CA PRO A 169 10.28 50.58 -3.11
C PRO A 169 11.53 50.37 -2.26
N PHE A 170 12.01 49.12 -2.24
CA PHE A 170 13.05 48.63 -1.36
C PHE A 170 14.37 49.42 -1.48
N GLY A 171 14.79 49.74 -2.70
CA GLY A 171 16.04 50.45 -2.93
C GLY A 171 16.08 51.87 -2.34
N SER A 172 14.96 52.34 -1.77
CA SER A 172 14.85 53.65 -1.16
C SER A 172 15.36 53.64 0.29
N LEU A 173 15.37 52.47 0.92
CA LEU A 173 15.55 52.34 2.37
C LEU A 173 17.04 52.46 2.76
N ILE A 174 17.28 52.61 4.08
CA ILE A 174 18.57 53.02 4.61
C ILE A 174 19.19 51.89 5.44
N ASP A 175 20.48 51.58 5.18
CA ASP A 175 21.26 50.56 5.87
C ASP A 175 21.59 51.01 7.30
N THR A 176 21.05 50.27 8.29
CA THR A 176 21.17 50.64 9.70
C THR A 176 22.61 50.59 10.20
N SER A 177 23.46 49.85 9.47
CA SER A 177 24.90 49.70 9.74
C SER A 177 25.72 50.91 9.28
N THR A 178 25.14 51.77 8.42
CA THR A 178 25.92 52.62 7.53
C THR A 178 25.44 54.07 7.50
N GLY A 179 24.15 54.29 7.78
CA GLY A 179 23.57 55.63 7.85
C GLY A 179 23.48 56.29 6.48
N GLN A 180 23.36 55.47 5.43
CA GLN A 180 23.19 55.91 4.05
C GLN A 180 22.15 55.03 3.34
N GLN A 181 21.57 55.56 2.25
CA GLN A 181 20.65 54.83 1.39
C GLN A 181 21.37 53.62 0.78
N ILE A 182 20.67 52.49 0.66
CA ILE A 182 21.25 51.25 0.17
C ILE A 182 21.91 51.44 -1.21
N LEU A 183 23.11 50.86 -1.39
CA LEU A 183 23.89 50.95 -2.62
C LEU A 183 23.74 49.71 -3.48
N GLY A 184 23.86 49.90 -4.80
CA GLY A 184 23.67 48.85 -5.80
C GLY A 184 24.72 47.74 -5.74
N THR A 185 25.74 47.92 -4.89
CA THR A 185 26.85 47.00 -4.76
C THR A 185 26.53 45.86 -3.78
N ASN A 186 25.52 46.05 -2.93
CA ASN A 186 25.21 45.14 -1.84
C ASN A 186 24.70 43.80 -2.38
N PRO A 187 25.16 42.64 -1.88
CA PRO A 187 24.74 41.35 -2.41
C PRO A 187 23.25 41.01 -2.27
N VAL A 188 22.59 41.53 -1.22
CA VAL A 188 21.19 41.25 -0.99
C VAL A 188 20.33 41.97 -2.03
N LEU A 189 20.51 43.29 -2.18
CA LEU A 189 19.78 44.03 -3.21
C LEU A 189 20.17 43.55 -4.61
N THR A 190 21.43 43.17 -4.80
CA THR A 190 21.88 42.56 -6.05
C THR A 190 21.02 41.34 -6.34
N SER A 191 20.87 40.46 -5.35
CA SER A 191 20.16 39.20 -5.51
C SER A 191 18.68 39.41 -5.80
N TYR A 192 18.03 40.23 -4.98
CA TYR A 192 16.58 40.39 -5.06
C TYR A 192 16.13 40.86 -6.44
N ASN A 193 16.98 41.65 -7.11
CA ASN A 193 16.71 42.21 -8.42
C ASN A 193 16.96 41.17 -9.51
N SER A 194 17.60 40.03 -9.16
CA SER A 194 18.17 39.05 -10.08
C SER A 194 17.64 37.64 -9.83
N TYR A 195 16.50 37.49 -9.14
CA TYR A 195 16.00 36.23 -8.61
C TYR A 195 15.67 35.21 -9.70
N THR A 196 15.22 35.68 -10.87
CA THR A 196 14.61 34.87 -11.92
C THR A 196 15.44 33.62 -12.23
N THR A 197 16.75 33.80 -12.45
CA THR A 197 17.66 32.70 -12.72
C THR A 197 18.39 32.23 -11.46
N GLN A 198 18.63 33.16 -10.53
CA GLN A 198 19.47 32.93 -9.36
C GLN A 198 18.88 31.86 -8.43
N ALA A 199 17.55 31.72 -8.42
CA ALA A 199 16.86 30.72 -7.61
C ALA A 199 17.31 29.30 -7.99
N ASN A 200 17.38 29.02 -9.30
CA ASN A 200 17.77 27.72 -9.82
C ASN A 200 19.30 27.55 -9.82
N THR A 201 19.99 28.53 -10.40
CA THR A 201 21.40 28.41 -10.77
C THR A 201 22.31 28.31 -9.55
N ASN A 202 21.93 28.94 -8.42
CA ASN A 202 22.73 28.93 -7.20
C ASN A 202 21.94 28.38 -5.99
N MET A 203 20.81 27.71 -6.24
CA MET A 203 19.92 27.16 -5.21
C MET A 203 19.48 28.23 -4.20
N GLN A 204 19.29 29.47 -4.67
CA GLN A 204 19.08 30.62 -3.78
C GLN A 204 17.61 30.76 -3.36
N GLU A 205 17.41 31.09 -2.08
CA GLU A 205 16.10 31.35 -1.51
C GLU A 205 16.13 32.72 -0.86
N GLY A 206 15.02 33.48 -0.97
CA GLY A 206 14.90 34.82 -0.40
C GLY A 206 13.88 34.87 0.74
N VAL A 207 14.25 35.54 1.84
CA VAL A 207 13.47 35.54 3.07
C VAL A 207 13.47 36.93 3.69
N VAL A 208 12.36 37.28 4.35
CA VAL A 208 12.15 38.59 4.96
C VAL A 208 11.40 38.44 6.27
N SER A 209 11.72 39.30 7.26
CA SER A 209 10.97 39.48 8.51
C SER A 209 11.20 40.87 9.08
N GLY A 210 10.28 41.32 9.97
CA GLY A 210 10.32 42.67 10.50
C GLY A 210 10.08 42.76 12.02
N THR A 211 10.50 43.88 12.64
CA THR A 211 10.32 44.10 14.08
C THR A 211 10.19 45.59 14.40
N LEU A 212 9.22 45.88 15.28
CA LEU A 212 8.87 47.23 15.68
C LEU A 212 9.55 47.52 17.02
N THR A 213 10.57 48.40 17.02
CA THR A 213 11.34 48.70 18.23
C THR A 213 10.45 49.36 19.27
N SER A 214 10.40 48.79 20.48
CA SER A 214 9.39 49.13 21.47
C SER A 214 9.40 50.62 21.80
N PHE A 215 8.19 51.21 21.84
CA PHE A 215 8.01 52.64 22.06
C PHE A 215 6.69 52.91 22.77
N THR A 216 6.60 54.13 23.34
CA THR A 216 5.45 54.59 24.11
C THR A 216 4.79 55.77 23.38
N LEU A 217 3.45 55.71 23.31
CA LEU A 217 2.62 56.78 22.75
C LEU A 217 1.31 56.84 23.55
N GLY A 218 1.00 58.03 24.07
CA GLY A 218 -0.25 58.30 24.77
C GLY A 218 -0.44 57.46 26.03
N GLY A 219 0.67 57.03 26.63
CA GLY A 219 0.64 56.18 27.82
C GLY A 219 0.45 54.69 27.52
N GLN A 220 0.20 54.33 26.25
CA GLN A 220 0.22 52.96 25.79
C GLN A 220 1.58 52.65 25.18
N SER A 221 1.90 51.35 25.03
CA SER A 221 3.16 50.92 24.43
C SER A 221 2.98 49.78 23.42
N PHE A 222 3.98 49.65 22.54
CA PHE A 222 3.97 48.77 21.40
C PHE A 222 5.23 47.91 21.40
N SER A 223 5.13 46.70 20.83
CA SER A 223 6.26 45.78 20.66
C SER A 223 5.90 44.61 19.73
N GLY A 224 6.91 44.07 19.02
CA GLY A 224 6.74 42.78 18.35
C GLY A 224 7.71 42.47 17.20
N SER A 225 7.66 41.20 16.76
CA SER A 225 8.42 40.67 15.65
C SER A 225 7.53 39.76 14.82
N THR A 226 7.60 39.90 13.48
CA THR A 226 6.76 39.14 12.56
C THR A 226 7.34 37.74 12.35
N VAL A 227 6.47 36.76 12.02
CA VAL A 227 6.87 35.48 11.46
C VAL A 227 7.62 35.71 10.15
N PRO A 228 8.59 34.85 9.74
CA PRO A 228 9.30 35.06 8.47
C PRO A 228 8.39 34.74 7.28
N VAL A 229 8.58 35.48 6.17
CA VAL A 229 7.90 35.19 4.93
C VAL A 229 8.92 34.79 3.87
N ILE A 230 8.55 33.84 3.00
CA ILE A 230 9.44 33.47 1.92
C ILE A 230 8.99 34.18 0.63
N LEU A 231 9.92 34.90 -0.02
CA LEU A 231 9.66 35.62 -1.27
C LEU A 231 9.74 34.68 -2.46
N TYR A 232 10.84 33.92 -2.55
CA TYR A 232 11.07 33.01 -3.66
C TYR A 232 11.97 31.86 -3.24
N ALA A 233 11.88 30.75 -3.98
CA ALA A 233 12.79 29.63 -3.84
C ALA A 233 12.66 28.75 -5.06
N PRO A 234 13.65 27.91 -5.40
CA PRO A 234 13.48 26.98 -6.52
C PRO A 234 12.46 25.89 -6.16
N PHE A 235 11.97 25.14 -7.15
CA PHE A 235 11.07 24.03 -6.85
C PHE A 235 11.90 22.82 -6.43
N ILE A 236 11.83 22.44 -5.13
CA ILE A 236 12.69 21.36 -4.63
C ILE A 236 11.96 20.38 -3.70
N PHE A 237 12.58 19.20 -3.50
CA PHE A 237 12.29 18.37 -2.33
C PHE A 237 12.94 19.02 -1.11
N SER A 238 12.17 19.20 -0.01
CA SER A 238 12.72 19.74 1.21
C SER A 238 13.79 18.80 1.74
N ASN A 239 14.84 19.34 2.38
CA ASN A 239 15.90 18.48 2.89
C ASN A 239 16.19 18.71 4.38
N SER A 240 15.21 19.22 5.14
CA SER A 240 15.41 19.40 6.56
C SER A 240 14.10 19.21 7.32
N PRO A 241 13.99 18.33 8.36
CA PRO A 241 15.06 17.47 8.84
C PRO A 241 15.37 16.20 8.06
N TYR A 242 14.51 15.82 7.10
CA TYR A 242 14.67 14.55 6.38
C TYR A 242 15.59 14.76 5.17
N GLN A 243 16.86 14.35 5.31
CA GLN A 243 17.89 14.68 4.33
C GLN A 243 17.75 13.89 3.03
N ALA A 244 16.75 13.00 2.94
CA ALA A 244 16.45 12.27 1.72
C ALA A 244 15.17 12.80 1.04
N GLY A 245 14.47 13.77 1.64
CA GLY A 245 13.28 14.32 1.02
C GLY A 245 12.03 13.46 1.20
N LEU A 246 12.21 12.18 1.54
CA LEU A 246 11.10 11.28 1.80
C LEU A 246 11.34 10.59 3.14
N TYR A 247 10.27 10.19 3.83
CA TYR A 247 10.38 9.54 5.12
C TYR A 247 9.21 8.60 5.39
N ASN A 248 9.45 7.57 6.20
CA ASN A 248 8.40 6.66 6.63
C ASN A 248 8.10 6.98 8.08
N PRO A 249 6.89 7.47 8.43
CA PRO A 249 6.56 7.90 9.80
C PRO A 249 6.84 6.87 10.89
N MET A 250 6.79 5.58 10.53
CA MET A 250 6.94 4.45 11.42
C MET A 250 8.40 4.20 11.77
N GLN A 251 9.30 4.41 10.81
CA GLN A 251 10.72 4.27 11.02
C GLN A 251 11.22 5.39 11.95
N VAL A 252 10.65 6.58 11.83
CA VAL A 252 11.04 7.77 12.57
C VAL A 252 10.70 7.63 14.06
N ASN A 253 9.47 7.21 14.40
CA ASN A 253 9.11 6.65 15.70
C ASN A 253 9.88 5.33 15.89
N GLY A 254 9.78 4.69 17.06
CA GLY A 254 10.73 3.60 17.32
C GLY A 254 10.41 2.19 16.76
N ASN A 255 9.37 2.03 15.92
CA ASN A 255 8.66 0.78 15.82
C ASN A 255 9.13 -0.11 14.67
N LEU A 256 10.45 -0.21 14.42
CA LEU A 256 10.98 -1.04 13.34
C LEU A 256 12.36 -1.62 13.63
N GLY A 257 12.74 -1.69 14.90
CA GLY A 257 14.06 -2.18 15.26
C GLY A 257 15.17 -1.26 14.78
N SER A 258 16.31 -1.86 14.39
CA SER A 258 17.58 -1.18 14.21
C SER A 258 17.51 -0.03 13.20
N LEU A 259 16.66 -0.23 12.19
CA LEU A 259 16.50 0.69 11.08
C LEU A 259 15.98 2.06 11.52
N SER A 260 15.52 2.18 12.78
CA SER A 260 15.03 3.45 13.31
C SER A 260 16.16 4.47 13.51
N SER A 261 17.39 3.98 13.70
CA SER A 261 18.61 4.77 13.88
C SER A 261 18.90 5.67 12.68
N GLU A 262 18.36 5.33 11.51
CA GLU A 262 18.80 5.89 10.23
C GLU A 262 17.66 6.53 9.44
N ALA A 263 16.55 6.81 10.13
CA ALA A 263 15.32 7.28 9.53
C ALA A 263 15.48 8.61 8.78
N TYR A 264 16.58 9.34 9.04
CA TYR A 264 16.76 10.71 8.57
C TYR A 264 17.55 10.79 7.26
N TYR A 265 18.14 9.67 6.83
CA TYR A 265 19.02 9.68 5.66
C TYR A 265 19.01 8.38 4.83
N HIS A 266 18.29 7.34 5.27
CA HIS A 266 18.15 6.08 4.56
C HIS A 266 16.74 5.50 4.73
N PRO A 267 15.72 6.07 4.05
CA PRO A 267 14.35 5.63 4.24
C PRO A 267 14.03 4.30 3.54
N VAL A 268 13.17 3.50 4.20
CA VAL A 268 12.68 2.25 3.64
C VAL A 268 11.16 2.16 3.62
N ILE A 269 10.60 1.40 2.65
CA ILE A 269 9.18 1.05 2.66
C ILE A 269 8.89 -0.23 1.88
N TRP A 270 7.77 -0.89 2.24
CA TRP A 270 7.30 -2.12 1.64
C TRP A 270 6.49 -1.85 0.38
N GLY A 271 6.04 -2.91 -0.31
CA GLY A 271 5.75 -2.83 -1.73
C GLY A 271 4.55 -2.00 -2.17
N ARG A 272 3.45 -2.04 -1.41
CA ARG A 272 2.21 -1.48 -1.95
C ARG A 272 1.72 -0.24 -1.20
N ALA A 273 2.50 0.33 -0.28
CA ALA A 273 2.02 1.30 0.68
C ALA A 273 2.28 2.75 0.23
N LEU A 274 2.00 3.74 1.11
CA LEU A 274 2.26 5.16 0.89
C LEU A 274 3.49 5.63 1.67
N ILE A 275 4.36 6.46 1.09
CA ILE A 275 5.50 7.05 1.79
C ILE A 275 5.37 8.58 1.79
N ASN A 276 5.70 9.27 2.91
CA ASN A 276 5.40 10.70 3.07
C ASN A 276 6.51 11.60 2.53
N THR A 277 6.15 12.81 2.05
CA THR A 277 7.09 13.77 1.46
C THR A 277 6.54 15.20 1.48
N THR A 278 7.44 16.19 1.36
CA THR A 278 7.12 17.61 1.30
C THR A 278 7.91 18.32 0.20
N LEU A 279 7.19 19.22 -0.51
CA LEU A 279 7.75 20.01 -1.60
C LEU A 279 7.60 21.48 -1.26
N ILE A 280 8.51 22.32 -1.79
CA ILE A 280 8.35 23.78 -1.71
C ILE A 280 8.00 24.33 -3.09
N ASP A 281 6.93 25.13 -3.19
CA ASP A 281 6.48 25.69 -4.45
C ASP A 281 5.96 27.12 -4.27
N THR A 282 6.81 28.10 -4.62
CA THR A 282 6.48 29.50 -4.43
C THR A 282 5.78 30.09 -5.64
N TYR A 283 5.53 29.29 -6.70
CA TYR A 283 4.81 29.73 -7.89
C TYR A 283 3.29 29.62 -7.73
N ALA A 284 2.83 28.46 -7.25
CA ALA A 284 1.43 28.10 -7.38
C ALA A 284 0.56 28.80 -6.34
N SER A 285 -0.75 28.76 -6.59
CA SER A 285 -1.76 29.14 -5.61
C SER A 285 -2.93 28.17 -5.68
N GLY A 286 -3.58 27.93 -4.52
CA GLY A 286 -4.64 26.94 -4.39
C GLY A 286 -4.13 25.49 -4.56
N SER A 287 -5.04 24.59 -4.96
CA SER A 287 -4.73 23.18 -5.15
C SER A 287 -3.97 22.98 -6.44
N VAL A 288 -3.13 21.95 -6.45
CA VAL A 288 -2.21 21.72 -7.54
C VAL A 288 -2.09 20.22 -7.79
N PRO A 289 -2.42 19.72 -8.99
CA PRO A 289 -1.96 18.41 -9.43
C PRO A 289 -0.46 18.34 -9.67
N PHE A 290 0.20 17.32 -9.14
CA PHE A 290 1.60 17.04 -9.45
C PHE A 290 1.71 15.65 -10.10
N THR A 291 2.77 15.42 -10.85
CA THR A 291 3.04 14.14 -11.45
C THR A 291 4.52 13.80 -11.23
N PHE A 292 4.81 12.51 -11.02
CA PHE A 292 6.10 12.05 -10.53
C PHE A 292 6.61 10.95 -11.43
N GLN A 293 7.94 10.81 -11.49
CA GLN A 293 8.55 9.78 -12.30
C GLN A 293 9.52 9.02 -11.41
N LEU A 294 9.38 7.68 -11.37
CA LEU A 294 10.15 6.87 -10.45
C LEU A 294 11.01 5.93 -11.30
N ASN A 295 12.32 5.81 -10.99
CA ASN A 295 13.21 4.90 -11.71
C ASN A 295 13.85 3.90 -10.74
N TYR A 296 13.72 2.59 -11.00
CA TYR A 296 14.10 1.52 -10.08
C TYR A 296 15.34 0.83 -10.61
N SER A 297 16.25 0.44 -9.71
CA SER A 297 17.52 -0.14 -10.10
C SER A 297 18.08 -1.05 -9.01
N VAL A 298 18.95 -1.99 -9.45
CA VAL A 298 19.52 -3.06 -8.66
C VAL A 298 21.01 -3.18 -8.97
N PRO A 299 21.89 -3.41 -7.97
CA PRO A 299 23.32 -3.64 -8.24
C PRO A 299 23.62 -5.00 -8.88
N GLY A 300 24.26 -4.98 -10.05
CA GLY A 300 24.66 -6.23 -10.71
C GLY A 300 23.57 -6.87 -11.58
N PRO A 301 23.94 -7.81 -12.51
CA PRO A 301 22.99 -8.38 -13.46
C PRO A 301 22.11 -9.48 -12.90
N LEU A 302 20.98 -9.73 -13.57
CA LEU A 302 19.94 -10.58 -13.03
C LEU A 302 19.63 -11.72 -14.00
N THR A 303 19.38 -12.91 -13.46
CA THR A 303 19.00 -14.06 -14.26
C THR A 303 17.49 -14.03 -14.52
N ILE A 304 17.10 -14.12 -15.79
CA ILE A 304 15.72 -13.94 -16.23
C ILE A 304 15.28 -15.11 -17.10
N ASN A 305 14.00 -15.47 -16.98
CA ASN A 305 13.41 -16.58 -17.70
C ASN A 305 12.51 -16.09 -18.86
N MET A 306 12.71 -16.63 -20.08
CA MET A 306 11.91 -16.28 -21.26
C MET A 306 11.49 -17.50 -22.07
N ALA A 307 10.44 -17.31 -22.86
CA ALA A 307 9.76 -18.40 -23.53
C ALA A 307 9.44 -18.05 -24.99
N GLN A 308 9.41 -19.06 -25.88
CA GLN A 308 9.36 -18.80 -27.33
C GLN A 308 7.91 -18.79 -27.84
N LEU A 309 7.48 -17.65 -28.39
CA LEU A 309 6.14 -17.44 -28.89
C LEU A 309 6.07 -17.78 -30.37
N ALA A 310 7.04 -17.32 -31.17
CA ALA A 310 7.03 -17.67 -32.59
C ALA A 310 8.43 -17.84 -33.15
N TRP A 311 8.56 -18.72 -34.15
CA TRP A 311 9.81 -18.97 -34.86
C TRP A 311 9.58 -18.70 -36.35
N ILE A 312 10.42 -17.83 -36.94
CA ILE A 312 10.15 -17.26 -38.26
C ILE A 312 11.37 -17.52 -39.16
N ALA A 313 11.16 -18.05 -40.38
CA ALA A 313 12.28 -18.45 -41.22
C ALA A 313 11.93 -18.57 -42.71
N SER A 314 12.96 -18.49 -43.56
CA SER A 314 12.87 -18.90 -44.95
C SER A 314 12.78 -20.43 -45.01
N ILE A 315 12.07 -20.97 -46.03
CA ILE A 315 11.83 -22.42 -46.22
C ILE A 315 13.12 -23.26 -46.44
N ASN A 316 14.27 -22.62 -46.63
CA ASN A 316 15.54 -23.32 -46.68
C ASN A 316 16.14 -23.59 -45.29
N ASN A 317 15.73 -22.84 -44.25
CA ASN A 317 16.37 -22.90 -42.94
C ASN A 317 15.67 -23.87 -41.97
N LEU A 318 14.38 -24.14 -42.17
CA LEU A 318 13.67 -25.14 -41.36
C LEU A 318 14.19 -26.53 -41.68
N PRO A 319 14.33 -27.44 -40.69
CA PRO A 319 14.89 -28.78 -40.93
C PRO A 319 13.96 -29.70 -41.71
N THR A 320 14.53 -30.76 -42.31
CA THR A 320 13.86 -31.68 -43.23
C THR A 320 12.65 -32.33 -42.57
N SER A 321 12.78 -32.67 -41.27
CA SER A 321 11.68 -33.16 -40.44
C SER A 321 11.86 -32.73 -38.99
N PHE A 322 10.74 -32.57 -38.28
CA PHE A 322 10.69 -32.28 -36.85
C PHE A 322 9.30 -32.54 -36.28
N THR A 323 9.23 -32.68 -34.94
CA THR A 323 7.98 -32.94 -34.23
C THR A 323 7.61 -31.72 -33.40
N TYR A 324 6.35 -31.26 -33.55
CA TYR A 324 5.94 -29.98 -32.99
C TYR A 324 4.44 -29.99 -32.69
N LEU A 325 4.04 -29.25 -31.63
CA LEU A 325 2.65 -28.93 -31.32
C LEU A 325 2.57 -27.62 -30.52
N SER A 326 1.71 -26.69 -30.98
CA SER A 326 1.63 -25.33 -30.44
C SER A 326 1.16 -25.28 -28.98
N TYR A 327 1.79 -24.39 -28.20
CA TYR A 327 1.52 -24.14 -26.78
C TYR A 327 0.49 -23.03 -26.59
N LYS A 328 -0.16 -23.01 -25.42
CA LYS A 328 -1.25 -22.08 -25.13
C LYS A 328 -0.97 -21.30 -23.84
N PHE A 329 -0.90 -19.97 -23.97
CA PHE A 329 -0.46 -19.09 -22.89
C PHE A 329 -1.61 -18.75 -21.96
N SER A 330 -1.29 -18.12 -20.82
CA SER A 330 -2.23 -17.81 -19.74
C SER A 330 -3.41 -16.99 -20.24
N ASN A 331 -3.14 -15.97 -21.06
CA ASN A 331 -4.17 -15.18 -21.70
C ASN A 331 -5.04 -15.98 -22.69
N GLY A 332 -4.54 -17.11 -23.21
CA GLY A 332 -5.27 -17.89 -24.19
C GLY A 332 -4.72 -17.83 -25.62
N TYR A 333 -3.61 -17.09 -25.85
CA TYR A 333 -2.97 -16.99 -27.16
C TYR A 333 -2.15 -18.25 -27.47
N GLU A 334 -1.88 -18.55 -28.76
CA GLU A 334 -1.12 -19.75 -29.12
C GLU A 334 0.10 -19.48 -30.02
N SER A 335 1.19 -20.26 -29.79
CA SER A 335 2.45 -20.16 -30.51
C SER A 335 2.26 -20.38 -32.00
N PHE A 336 3.15 -19.80 -32.83
CA PHE A 336 3.04 -20.01 -34.27
C PHE A 336 4.38 -20.17 -34.99
N LEU A 337 4.32 -20.64 -36.23
CA LEU A 337 5.49 -20.87 -37.06
C LEU A 337 5.33 -20.08 -38.35
N GLY A 338 6.33 -19.26 -38.70
CA GLY A 338 6.27 -18.46 -39.92
C GLY A 338 7.23 -18.96 -41.02
N ILE A 339 6.68 -19.23 -42.22
CA ILE A 339 7.47 -19.70 -43.35
C ILE A 339 7.42 -18.64 -44.45
N ILE A 340 8.60 -18.21 -44.92
CA ILE A 340 8.69 -17.30 -46.06
C ILE A 340 9.07 -18.11 -47.29
N SER A 341 8.48 -17.77 -48.46
CA SER A 341 8.70 -18.52 -49.70
C SER A 341 8.53 -17.65 -50.95
N ASN A 342 9.06 -18.16 -52.07
CA ASN A 342 9.00 -17.53 -53.39
C ASN A 342 7.65 -17.86 -54.07
N SER A 343 7.04 -19.01 -53.70
CA SER A 343 5.87 -19.57 -54.35
C SER A 343 4.57 -18.87 -53.93
N THR A 344 3.58 -18.93 -54.82
CA THR A 344 2.27 -18.28 -54.63
C THR A 344 1.35 -19.08 -53.71
N GLN A 345 1.70 -20.35 -53.51
CA GLN A 345 1.05 -21.23 -52.54
C GLN A 345 2.09 -22.15 -51.89
N LEU A 346 1.69 -22.75 -50.75
CA LEU A 346 2.29 -24.00 -50.30
C LEU A 346 1.25 -25.11 -50.50
N THR A 347 1.75 -26.28 -50.94
CA THR A 347 0.89 -27.37 -51.40
C THR A 347 1.15 -28.65 -50.61
N ALA A 348 0.05 -29.37 -50.31
CA ALA A 348 0.09 -30.55 -49.47
C ALA A 348 -1.04 -31.50 -49.88
N GLY A 349 -0.93 -32.05 -51.10
CA GLY A 349 -1.93 -32.94 -51.68
C GLY A 349 -3.27 -32.26 -51.88
N ALA A 350 -4.28 -32.70 -51.12
CA ALA A 350 -5.63 -32.16 -51.13
C ALA A 350 -5.70 -30.79 -50.45
N LEU A 351 -4.70 -30.45 -49.60
CA LEU A 351 -4.69 -29.18 -48.87
C LEU A 351 -3.85 -28.13 -49.59
N THR A 352 -4.48 -26.98 -49.87
CA THR A 352 -3.82 -25.79 -50.39
C THR A 352 -3.75 -24.73 -49.31
N ILE A 353 -2.56 -24.16 -49.10
CA ILE A 353 -2.34 -23.08 -48.15
C ILE A 353 -1.98 -21.80 -48.90
N ASN A 354 -2.83 -20.77 -48.77
CA ASN A 354 -2.56 -19.45 -49.32
C ASN A 354 -1.79 -18.61 -48.29
N PRO A 355 -0.99 -17.63 -48.73
CA PRO A 355 -0.27 -16.76 -47.81
C PRO A 355 -1.12 -15.85 -46.94
N SER A 356 -0.51 -15.45 -45.81
CA SER A 356 -0.99 -14.48 -44.84
C SER A 356 -0.64 -13.05 -45.27
N GLY A 357 0.45 -12.88 -46.04
CA GLY A 357 0.92 -11.57 -46.48
C GLY A 357 2.07 -11.61 -47.50
N ASN A 358 2.44 -10.44 -48.04
CA ASN A 358 3.35 -10.29 -49.17
C ASN A 358 4.28 -9.08 -49.02
N PHE A 359 5.53 -9.18 -49.53
CA PHE A 359 6.49 -8.06 -49.60
C PHE A 359 7.47 -8.20 -50.77
N THR A 360 8.25 -7.15 -51.08
CA THR A 360 9.31 -7.22 -52.08
C THR A 360 10.64 -6.64 -51.61
N ILE A 361 11.75 -7.25 -52.06
CA ILE A 361 13.09 -6.69 -51.90
C ILE A 361 13.66 -6.39 -53.29
N ASN A 362 13.79 -5.09 -53.61
CA ASN A 362 14.30 -4.60 -54.89
C ASN A 362 13.61 -5.29 -56.07
N GLY A 363 12.28 -5.48 -55.98
CA GLY A 363 11.49 -6.06 -57.07
C GLY A 363 11.23 -7.56 -56.97
N LYS A 364 12.10 -8.31 -56.25
CA LYS A 364 11.90 -9.74 -56.01
C LYS A 364 10.77 -9.91 -55.00
N LYS A 365 9.84 -10.84 -55.29
CA LYS A 365 8.61 -10.97 -54.51
C LYS A 365 8.66 -12.17 -53.58
N PHE A 366 8.27 -11.95 -52.31
CA PHE A 366 8.27 -12.96 -51.26
C PHE A 366 6.95 -12.96 -50.47
N TYR A 367 6.48 -14.14 -50.08
CA TYR A 367 5.23 -14.32 -49.38
C TYR A 367 5.46 -14.98 -48.02
N VAL A 368 4.61 -14.61 -47.04
CA VAL A 368 4.70 -15.10 -45.68
C VAL A 368 3.46 -15.92 -45.36
N TYR A 369 3.68 -17.14 -44.83
CA TYR A 369 2.63 -18.06 -44.40
C TYR A 369 2.74 -18.25 -42.89
N LEU A 370 1.62 -18.07 -42.16
CA LEU A 370 1.60 -18.13 -40.70
C LEU A 370 0.71 -19.27 -40.22
N LEU A 371 1.29 -20.25 -39.48
CA LEU A 371 0.60 -21.49 -39.16
C LEU A 371 0.63 -21.83 -37.67
N VAL A 372 -0.49 -22.35 -37.17
CA VAL A 372 -0.58 -22.95 -35.85
C VAL A 372 -0.79 -24.46 -36.00
N VAL A 373 0.21 -25.28 -35.62
CA VAL A 373 0.04 -26.73 -35.60
C VAL A 373 -0.74 -27.13 -34.36
N GLY A 374 -1.95 -27.68 -34.59
CA GLY A 374 -2.94 -28.03 -33.56
C GLY A 374 -3.90 -29.15 -33.99
N SER A 375 -5.22 -28.88 -33.90
CA SER A 375 -6.25 -29.90 -33.79
C SER A 375 -6.89 -30.32 -35.12
N THR A 376 -7.13 -29.36 -36.04
CA THR A 376 -7.89 -29.57 -37.26
C THR A 376 -7.58 -28.48 -38.28
N ASN A 377 -7.81 -28.79 -39.57
CA ASN A 377 -7.54 -27.87 -40.65
C ASN A 377 -8.62 -26.79 -40.70
N SER A 378 -8.37 -25.70 -39.94
CA SER A 378 -9.30 -24.62 -39.64
C SER A 378 -9.36 -23.63 -40.81
N THR A 379 -10.54 -23.47 -41.40
CA THR A 379 -10.69 -22.72 -42.65
C THR A 379 -10.65 -21.21 -42.40
N THR A 380 -11.30 -20.76 -41.31
CA THR A 380 -11.39 -19.36 -40.93
C THR A 380 -10.28 -19.00 -39.94
N PRO A 381 -9.91 -17.69 -39.81
CA PRO A 381 -8.87 -17.29 -38.86
C PRO A 381 -9.12 -17.57 -37.38
N VAL A 382 -8.02 -17.56 -36.62
CA VAL A 382 -7.98 -17.82 -35.18
C VAL A 382 -7.39 -16.62 -34.45
N GLU A 383 -6.26 -16.10 -34.95
CA GLU A 383 -5.56 -14.96 -34.36
C GLU A 383 -4.70 -14.27 -35.43
N TYR A 384 -4.07 -13.13 -35.04
CA TYR A 384 -3.44 -12.23 -35.99
C TYR A 384 -2.14 -11.61 -35.48
N VAL A 385 -1.29 -11.18 -36.43
CA VAL A 385 -0.27 -10.19 -36.15
C VAL A 385 -0.65 -8.88 -36.86
N THR A 386 -0.72 -7.76 -36.10
CA THR A 386 -1.28 -6.49 -36.55
C THR A 386 -0.32 -5.76 -37.47
N LYS A 387 0.98 -5.89 -37.20
CA LYS A 387 2.03 -5.26 -38.01
C LYS A 387 3.34 -5.99 -37.73
N LEU A 388 4.22 -6.10 -38.73
CA LEU A 388 5.37 -6.98 -38.63
C LEU A 388 6.47 -6.53 -39.58
N VAL A 389 7.68 -6.28 -39.04
CA VAL A 389 8.78 -5.71 -39.82
C VAL A 389 9.84 -6.76 -40.14
N VAL A 390 10.19 -6.85 -41.44
CA VAL A 390 11.30 -7.66 -41.92
C VAL A 390 12.42 -6.75 -42.45
N GLU A 391 13.68 -7.16 -42.26
CA GLU A 391 14.82 -6.27 -42.33
C GLU A 391 15.98 -6.98 -43.04
N TYR A 392 16.68 -6.27 -43.92
CA TYR A 392 17.67 -6.87 -44.81
C TYR A 392 18.84 -5.92 -45.08
N PRO A 393 20.07 -6.42 -45.30
CA PRO A 393 21.17 -5.54 -45.72
C PRO A 393 20.94 -5.09 -47.16
N SER A 394 20.78 -3.78 -47.37
CA SER A 394 20.64 -3.25 -48.72
C SER A 394 21.95 -3.35 -49.50
N SER A 395 21.87 -3.77 -50.77
CA SER A 395 23.00 -3.88 -51.68
C SER A 395 23.77 -2.56 -51.81
N THR A 396 23.01 -1.46 -51.74
CA THR A 396 23.47 -0.08 -51.94
C THR A 396 24.56 0.32 -50.96
N ASN A 397 24.58 -0.27 -49.74
CA ASN A 397 25.41 0.23 -48.65
C ASN A 397 25.87 -0.84 -47.67
N PHE A 398 25.23 -2.03 -47.69
CA PHE A 398 25.28 -3.00 -46.60
C PHE A 398 24.86 -2.36 -45.26
N LEU A 399 23.92 -1.40 -45.33
CA LEU A 399 23.35 -0.71 -44.18
C LEU A 399 21.86 -1.04 -44.07
N PRO A 400 21.33 -1.33 -42.84
CA PRO A 400 19.98 -1.86 -42.68
C PRO A 400 18.83 -1.08 -43.31
N GLN A 401 17.86 -1.84 -43.85
CA GLN A 401 16.56 -1.36 -44.33
C GLN A 401 15.50 -2.41 -44.06
N GLY A 402 14.23 -1.98 -43.97
CA GLY A 402 13.14 -2.93 -43.74
C GLY A 402 11.76 -2.43 -44.15
N VAL A 403 10.79 -3.37 -44.15
CA VAL A 403 9.44 -3.11 -44.62
C VAL A 403 8.41 -3.85 -43.77
N THR A 404 7.19 -3.31 -43.75
CA THR A 404 6.06 -3.96 -43.14
C THR A 404 5.40 -4.92 -44.13
N VAL A 405 5.20 -6.17 -43.70
CA VAL A 405 4.48 -7.16 -44.50
C VAL A 405 3.00 -6.84 -44.45
N THR A 406 2.30 -6.89 -45.60
CA THR A 406 0.87 -6.56 -45.67
C THR A 406 0.06 -7.64 -46.38
N THR A 407 -1.26 -7.52 -46.31
CA THR A 407 -2.19 -8.32 -47.10
C THR A 407 -2.07 -7.94 -48.58
N SER A 408 -2.73 -8.70 -49.47
CA SER A 408 -2.78 -8.39 -50.90
C SER A 408 -3.58 -7.13 -51.22
N SER A 409 -4.62 -6.85 -50.43
CA SER A 409 -5.37 -5.60 -50.45
C SER A 409 -4.64 -4.47 -49.70
N ASN A 410 -3.44 -4.76 -49.18
CA ASN A 410 -2.50 -3.80 -48.60
C ASN A 410 -2.87 -3.32 -47.18
N LYS A 411 -3.95 -3.82 -46.58
CA LYS A 411 -4.23 -3.59 -45.16
C LYS A 411 -3.24 -4.37 -44.28
N TYR A 412 -3.09 -3.95 -43.01
CA TYR A 412 -1.92 -4.29 -42.20
C TYR A 412 -2.03 -5.61 -41.43
N THR A 413 -3.21 -5.90 -40.85
CA THR A 413 -3.36 -7.06 -39.99
C THR A 413 -3.41 -8.35 -40.82
N LEU A 414 -2.62 -9.37 -40.43
CA LEU A 414 -2.40 -10.57 -41.22
C LEU A 414 -3.01 -11.78 -40.54
N PRO A 415 -3.81 -12.63 -41.24
CA PRO A 415 -4.41 -13.83 -40.63
C PRO A 415 -3.45 -14.99 -40.38
N VAL A 416 -3.60 -15.61 -39.19
CA VAL A 416 -2.93 -16.85 -38.80
C VAL A 416 -3.97 -17.97 -38.74
N TYR A 417 -3.62 -19.15 -39.26
CA TYR A 417 -4.55 -20.27 -39.38
C TYR A 417 -4.05 -21.51 -38.64
N GLU A 418 -4.99 -22.31 -38.10
CA GLU A 418 -4.66 -23.54 -37.39
C GLU A 418 -4.86 -24.74 -38.32
N ILE A 419 -3.91 -25.69 -38.28
CA ILE A 419 -3.94 -26.92 -39.05
C ILE A 419 -3.45 -28.09 -38.18
N GLY A 420 -3.71 -29.33 -38.61
CA GLY A 420 -3.14 -30.50 -37.94
C GLY A 420 -4.08 -31.70 -37.93
N GLY A 421 -3.95 -32.55 -36.89
CA GLY A 421 -4.78 -33.75 -36.77
C GLY A 421 -4.53 -34.54 -35.47
N PRO A 422 -4.91 -35.84 -35.40
CA PRO A 422 -4.58 -36.69 -34.25
C PRO A 422 -3.07 -36.91 -34.06
N ALA A 423 -2.65 -37.19 -32.81
CA ALA A 423 -1.23 -37.28 -32.49
C ALA A 423 -0.51 -38.34 -33.34
N GLY A 424 0.68 -37.99 -33.83
CA GLY A 424 1.46 -38.89 -34.66
C GLY A 424 1.20 -38.76 -36.17
N THR A 425 0.17 -37.99 -36.55
CA THR A 425 -0.09 -37.63 -37.94
C THR A 425 1.09 -36.82 -38.48
N THR A 426 1.43 -37.02 -39.78
CA THR A 426 2.47 -36.21 -40.42
C THR A 426 1.99 -35.59 -41.74
N ILE A 427 2.34 -34.31 -41.91
CA ILE A 427 2.04 -33.51 -43.09
C ILE A 427 3.37 -33.14 -43.74
N THR A 428 3.42 -33.22 -45.08
CA THR A 428 4.49 -32.55 -45.80
C THR A 428 3.95 -31.27 -46.44
N LEU A 429 4.67 -30.16 -46.24
CA LEU A 429 4.43 -28.95 -47.01
C LEU A 429 5.48 -28.82 -48.12
N THR A 430 5.08 -28.22 -49.25
CA THR A 430 5.92 -28.04 -50.43
C THR A 430 5.99 -26.55 -50.79
N GLY A 431 7.21 -26.04 -51.08
CA GLY A 431 7.42 -24.66 -51.46
C GLY A 431 8.68 -24.46 -52.29
N ASN A 432 8.99 -23.20 -52.63
CA ASN A 432 10.20 -22.89 -53.37
C ASN A 432 11.00 -21.78 -52.68
N TRP A 433 12.34 -21.89 -52.68
CA TRP A 433 13.22 -20.76 -52.38
C TRP A 433 14.08 -20.45 -53.60
N TYR A 434 13.92 -19.23 -54.15
CA TYR A 434 14.38 -18.87 -55.49
C TYR A 434 13.92 -19.95 -56.48
N SER A 435 14.87 -20.55 -57.23
CA SER A 435 14.56 -21.50 -58.29
C SER A 435 14.55 -22.96 -57.83
N THR A 436 14.76 -23.21 -56.53
CA THR A 436 14.92 -24.55 -55.96
C THR A 436 13.67 -24.94 -55.15
N PRO A 437 13.04 -26.11 -55.41
CA PRO A 437 11.96 -26.58 -54.55
C PRO A 437 12.50 -27.26 -53.28
N TYR A 438 11.66 -27.22 -52.23
CA TYR A 438 11.94 -27.78 -50.92
C TYR A 438 10.67 -28.39 -50.30
N THR A 439 10.88 -29.38 -49.41
CA THR A 439 9.81 -30.01 -48.64
C THR A 439 10.17 -30.12 -47.16
N VAL A 440 9.17 -29.92 -46.29
CA VAL A 440 9.31 -29.95 -44.84
C VAL A 440 8.21 -30.83 -44.23
N GLN A 441 8.58 -31.74 -43.31
CA GLN A 441 7.66 -32.75 -42.78
C GLN A 441 7.43 -32.56 -41.28
N ILE A 442 6.17 -32.27 -40.91
CA ILE A 442 5.79 -31.93 -39.55
C ILE A 442 5.06 -33.12 -38.96
N THR A 443 5.51 -33.57 -37.77
CA THR A 443 4.82 -34.59 -37.00
C THR A 443 4.06 -33.90 -35.88
N VAL A 444 2.74 -34.11 -35.84
CA VAL A 444 1.89 -33.49 -34.82
C VAL A 444 2.14 -34.19 -33.50
N GLY A 445 2.87 -33.51 -32.60
CA GLY A 445 3.31 -34.07 -31.34
C GLY A 445 2.18 -34.32 -30.33
N SER A 446 2.46 -35.17 -29.33
CA SER A 446 1.46 -35.60 -28.37
C SER A 446 1.32 -34.61 -27.21
N THR A 447 2.39 -33.82 -26.96
CA THR A 447 2.50 -32.89 -25.84
C THR A 447 3.07 -31.54 -26.31
N PRO A 448 2.56 -30.39 -25.82
CA PRO A 448 3.04 -29.07 -26.26
C PRO A 448 4.53 -28.76 -26.10
N THR A 449 5.04 -28.05 -27.12
CA THR A 449 6.45 -27.82 -27.34
C THR A 449 6.93 -26.54 -26.64
N LEU A 450 6.77 -26.47 -25.31
CA LEU A 450 7.24 -25.28 -24.58
C LEU A 450 8.76 -25.25 -24.54
N THR A 451 9.33 -24.09 -24.93
CA THR A 451 10.76 -23.89 -25.13
C THR A 451 11.20 -22.65 -24.33
N ASN A 452 12.35 -22.74 -23.65
CA ASN A 452 12.78 -21.68 -22.76
C ASN A 452 14.21 -21.21 -23.04
N TYR A 453 14.45 -19.93 -22.70
CA TYR A 453 15.79 -19.33 -22.74
C TYR A 453 16.04 -18.69 -21.38
N VAL A 454 17.27 -18.87 -20.89
CA VAL A 454 17.65 -18.36 -19.58
C VAL A 454 18.85 -17.45 -19.77
N SER A 455 18.68 -16.18 -19.40
CA SER A 455 19.63 -15.15 -19.80
C SER A 455 20.02 -14.28 -18.61
N GLN A 456 21.22 -13.70 -18.66
CA GLN A 456 21.59 -12.70 -17.69
C GLN A 456 21.60 -11.33 -18.35
N ILE A 457 20.82 -10.39 -17.77
CA ILE A 457 20.57 -9.07 -18.34
C ILE A 457 20.82 -8.02 -17.27
N LEU A 458 21.37 -6.88 -17.67
CA LEU A 458 21.26 -5.66 -16.88
C LEU A 458 19.86 -5.07 -17.04
N LEU A 459 19.02 -5.01 -15.97
CA LEU A 459 17.62 -4.55 -16.08
C LEU A 459 17.29 -3.33 -15.22
N LYS A 460 16.38 -2.47 -15.72
CA LYS A 460 15.90 -1.30 -15.01
C LYS A 460 14.48 -0.94 -15.44
N ALA A 461 13.72 -0.24 -14.58
CA ALA A 461 12.32 0.03 -14.82
C ALA A 461 11.92 1.46 -14.47
N VAL A 462 10.77 1.95 -14.98
CA VAL A 462 10.33 3.31 -14.80
C VAL A 462 8.82 3.36 -14.83
N ALA A 463 8.24 4.29 -14.07
CA ALA A 463 6.80 4.34 -13.78
C ALA A 463 6.37 5.76 -13.39
N TYR A 464 5.06 6.02 -13.40
CA TYR A 464 4.53 7.37 -13.37
C TYR A 464 3.25 7.37 -12.56
N GLU A 465 2.97 8.54 -11.97
CA GLU A 465 1.96 8.62 -10.94
C GLU A 465 1.54 10.08 -10.71
N GLY A 466 0.28 10.31 -10.23
CA GLY A 466 -0.23 11.65 -9.95
C GLY A 466 -1.15 11.72 -8.75
N ILE A 467 -1.25 12.91 -8.11
CA ILE A 467 -2.22 13.21 -7.05
C ILE A 467 -2.55 14.71 -7.02
N ASN A 468 -3.66 15.13 -6.39
CA ASN A 468 -4.05 16.53 -6.34
C ASN A 468 -3.85 17.12 -4.94
N VAL A 469 -2.70 17.76 -4.66
CA VAL A 469 -2.40 18.25 -3.31
C VAL A 469 -2.90 19.66 -3.06
N SER A 470 -3.46 19.88 -1.86
CA SER A 470 -3.84 21.20 -1.34
C SER A 470 -3.06 21.53 -0.06
N THR A 471 -3.00 22.82 0.36
CA THR A 471 -2.26 23.14 1.58
C THR A 471 -2.94 24.20 2.42
N THR A 472 -2.75 24.09 3.75
CA THR A 472 -3.13 25.15 4.69
C THR A 472 -2.01 26.18 4.88
N GLN A 473 -0.79 25.88 4.41
CA GLN A 473 0.37 26.71 4.70
C GLN A 473 1.28 26.83 3.49
N SER A 474 1.09 27.90 2.71
CA SER A 474 2.02 28.28 1.65
C SER A 474 3.41 28.59 2.22
N PRO A 475 4.53 28.32 1.50
CA PRO A 475 4.58 27.55 0.26
C PRO A 475 4.90 26.07 0.40
N TYR A 476 4.38 25.40 1.46
CA TYR A 476 4.71 24.01 1.75
C TYR A 476 3.57 23.10 1.34
N TYR A 477 3.84 22.15 0.42
CA TYR A 477 2.83 21.20 0.00
C TYR A 477 3.24 19.81 0.46
N SER A 478 2.40 19.16 1.28
CA SER A 478 2.74 17.85 1.83
C SER A 478 1.70 16.81 1.44
N THR A 479 2.15 15.56 1.31
CA THR A 479 1.37 14.50 0.68
C THR A 479 2.01 13.15 0.95
N ALA A 480 1.41 12.07 0.40
CA ALA A 480 2.08 10.78 0.27
C ALA A 480 1.94 10.23 -1.15
N ILE A 481 2.88 9.38 -1.59
CA ILE A 481 2.81 8.70 -2.89
C ILE A 481 3.00 7.19 -2.78
N LEU A 482 2.50 6.41 -3.75
CA LEU A 482 2.60 4.95 -3.72
C LEU A 482 4.03 4.44 -3.98
N SER A 483 4.41 3.40 -3.24
CA SER A 483 5.67 2.68 -3.40
C SER A 483 5.77 2.03 -4.79
N THR A 484 4.65 1.45 -5.26
CA THR A 484 4.56 0.82 -6.59
C THR A 484 3.23 1.16 -7.26
N PRO A 485 3.16 2.11 -8.22
CA PRO A 485 1.87 2.51 -8.80
C PRO A 485 1.25 1.46 -9.72
N PRO A 486 -0.04 1.10 -9.58
CA PRO A 486 -0.67 0.12 -10.45
C PRO A 486 -1.04 0.68 -11.80
N SER A 487 -0.12 0.56 -12.76
CA SER A 487 -0.28 1.12 -14.10
C SER A 487 0.70 0.42 -15.05
N GLU A 488 0.83 0.88 -16.29
CA GLU A 488 1.85 0.34 -17.18
C GLU A 488 3.22 0.68 -16.62
N ILE A 489 4.11 -0.31 -16.57
CA ILE A 489 5.52 -0.13 -16.27
C ILE A 489 6.29 -0.70 -17.45
N SER A 490 7.40 -0.06 -17.84
CA SER A 490 8.27 -0.72 -18.78
C SER A 490 9.57 -1.16 -18.13
N ILE A 491 9.98 -2.41 -18.44
CA ILE A 491 11.20 -3.06 -17.95
C ILE A 491 12.15 -3.21 -19.13
N THR A 492 13.39 -2.74 -18.98
CA THR A 492 14.30 -2.56 -20.10
C THR A 492 15.72 -3.00 -19.74
N GLY A 493 16.45 -3.54 -20.73
CA GLY A 493 17.82 -4.01 -20.52
C GLY A 493 18.66 -4.01 -21.77
N SER A 494 19.97 -4.28 -21.60
CA SER A 494 20.95 -4.31 -22.68
C SER A 494 21.81 -5.57 -22.60
N SER A 495 22.13 -6.13 -23.77
CA SER A 495 22.79 -7.42 -23.85
C SER A 495 23.57 -7.50 -25.17
N THR A 496 23.84 -8.72 -25.66
CA THR A 496 24.79 -8.92 -26.74
C THR A 496 24.19 -9.82 -27.81
N ILE A 497 24.62 -9.59 -29.06
CA ILE A 497 24.44 -10.54 -30.16
C ILE A 497 25.82 -10.75 -30.83
N THR A 498 26.07 -11.97 -31.33
CA THR A 498 27.38 -12.30 -31.88
C THR A 498 27.25 -13.36 -32.95
N ALA A 499 28.16 -13.33 -33.94
CA ALA A 499 28.20 -14.27 -35.05
C ALA A 499 29.57 -14.96 -35.14
N GLN A 500 29.56 -16.23 -35.57
CA GLN A 500 30.74 -16.94 -36.06
C GLN A 500 30.50 -17.35 -37.51
N GLY A 501 31.51 -17.18 -38.37
CA GLY A 501 31.33 -17.39 -39.80
C GLY A 501 32.45 -18.19 -40.47
N LYS A 502 32.09 -18.85 -41.58
CA LYS A 502 32.97 -19.62 -42.45
C LYS A 502 32.65 -19.28 -43.90
N LEU A 503 33.68 -18.89 -44.68
CA LEU A 503 33.50 -18.45 -46.08
C LEU A 503 34.11 -19.45 -47.07
N THR A 504 33.49 -19.52 -48.26
CA THR A 504 33.93 -20.33 -49.39
C THR A 504 33.73 -19.53 -50.67
N ALA A 505 34.36 -20.00 -51.76
CA ALA A 505 34.43 -19.34 -53.05
C ALA A 505 33.09 -18.80 -53.54
N THR A 506 31.99 -19.50 -53.25
CA THR A 506 30.68 -19.21 -53.81
C THR A 506 29.56 -19.13 -52.76
N SER A 507 29.87 -19.46 -51.50
CA SER A 507 28.86 -19.50 -50.44
C SER A 507 29.47 -19.27 -49.05
N ALA A 508 28.63 -18.86 -48.09
CA ALA A 508 29.01 -18.72 -46.69
C ALA A 508 28.12 -19.57 -45.80
N SER A 509 28.66 -19.98 -44.63
CA SER A 509 27.91 -20.65 -43.58
C SER A 509 28.12 -19.92 -42.24
N ALA A 510 27.07 -19.79 -41.42
CA ALA A 510 27.12 -18.96 -40.22
C ALA A 510 26.11 -19.37 -39.14
N THR A 511 26.37 -18.88 -37.91
CA THR A 511 25.51 -19.08 -36.76
C THR A 511 25.59 -17.86 -35.83
N VAL A 512 24.51 -17.58 -35.10
CA VAL A 512 24.45 -16.46 -34.16
C VAL A 512 23.92 -16.90 -32.79
N ASN A 513 24.35 -16.18 -31.75
CA ASN A 513 23.85 -16.37 -30.40
C ASN A 513 23.36 -15.06 -29.82
N LEU A 514 22.25 -15.15 -29.10
CA LEU A 514 21.59 -14.04 -28.44
C LEU A 514 20.86 -14.58 -27.22
N LEU A 515 20.51 -13.67 -26.28
CA LEU A 515 19.85 -14.00 -25.03
C LEU A 515 20.54 -15.18 -24.34
N THR A 516 21.89 -15.21 -24.36
CA THR A 516 22.73 -16.21 -23.71
C THR A 516 22.67 -17.62 -24.31
N ASN A 517 21.47 -18.20 -24.55
CA ASN A 517 21.38 -19.56 -25.09
C ASN A 517 20.32 -19.79 -26.17
N ALA A 518 19.83 -18.73 -26.82
CA ALA A 518 19.11 -18.88 -28.09
C ALA A 518 20.12 -18.95 -29.23
N THR A 519 19.98 -19.95 -30.12
CA THR A 519 20.92 -20.14 -31.22
C THR A 519 20.18 -20.25 -32.55
N LEU A 520 20.63 -19.50 -33.56
CA LEU A 520 20.08 -19.59 -34.91
C LEU A 520 21.19 -19.98 -35.89
N THR A 521 20.79 -20.66 -36.97
CA THR A 521 21.73 -21.26 -37.90
C THR A 521 21.33 -20.96 -39.34
N TYR A 522 22.29 -20.47 -40.16
CA TYR A 522 22.03 -20.16 -41.56
C TYR A 522 22.50 -21.29 -42.48
N GLU A 523 21.56 -21.82 -43.30
CA GLU A 523 21.84 -22.69 -44.43
C GLU A 523 22.81 -21.96 -45.37
N ASN A 524 23.77 -22.67 -45.96
CA ASN A 524 24.85 -21.98 -46.65
C ASN A 524 24.33 -21.08 -47.77
N ILE A 525 24.57 -19.76 -47.63
CA ILE A 525 23.98 -18.73 -48.47
C ILE A 525 24.84 -18.59 -49.73
N PRO A 526 24.29 -18.74 -50.96
CA PRO A 526 25.05 -18.43 -52.18
C PRO A 526 25.28 -16.92 -52.36
N LEU A 527 26.27 -16.54 -53.18
CA LEU A 527 26.40 -15.15 -53.60
C LEU A 527 25.12 -14.66 -54.27
N THR A 528 24.70 -13.44 -53.93
CA THR A 528 23.55 -12.74 -54.52
C THR A 528 22.20 -13.33 -54.10
N GLN A 529 22.10 -13.88 -52.88
CA GLN A 529 20.84 -14.32 -52.31
C GLN A 529 20.65 -13.88 -50.84
N TYR A 530 19.45 -13.39 -50.53
CA TYR A 530 18.97 -13.18 -49.17
C TYR A 530 18.41 -14.47 -48.55
N SER A 531 18.39 -14.54 -47.20
CA SER A 531 17.66 -15.54 -46.40
C SER A 531 17.38 -15.00 -45.00
N PHE A 532 16.39 -15.58 -44.31
CA PHE A 532 15.92 -15.05 -43.02
C PHE A 532 15.78 -16.13 -41.92
N ASN A 533 15.93 -15.70 -40.66
CA ASN A 533 15.58 -16.45 -39.45
C ASN A 533 15.22 -15.46 -38.31
N GLY A 534 14.55 -15.89 -37.22
CA GLY A 534 14.19 -15.01 -36.09
C GLY A 534 13.19 -15.59 -35.08
N ILE A 535 13.03 -14.92 -33.91
CA ILE A 535 12.16 -15.36 -32.80
C ILE A 535 11.33 -14.23 -32.21
N ILE A 536 10.12 -14.54 -31.74
CA ILE A 536 9.39 -13.68 -30.82
C ILE A 536 9.40 -14.34 -29.44
N VAL A 537 9.74 -13.58 -28.38
CA VAL A 537 9.95 -14.12 -27.04
C VAL A 537 9.12 -13.35 -26.02
N THR A 538 8.71 -14.03 -24.93
CA THR A 538 7.79 -13.55 -23.89
C THR A 538 8.29 -13.99 -22.51
N PRO A 539 8.08 -13.29 -21.38
CA PRO A 539 8.60 -13.78 -20.10
C PRO A 539 7.94 -15.09 -19.60
N GLY A 540 8.74 -15.91 -18.90
CA GLY A 540 8.36 -17.29 -18.67
C GLY A 540 7.56 -17.52 -17.39
N TYR A 541 7.23 -16.48 -16.62
CA TYR A 541 6.69 -16.65 -15.28
C TYR A 541 5.18 -16.93 -15.26
N ALA A 542 4.67 -17.19 -14.04
CA ALA A 542 3.33 -17.73 -13.76
C ALA A 542 2.17 -16.94 -14.38
N ALA A 543 1.92 -15.69 -13.95
CA ALA A 543 0.66 -15.03 -14.29
C ALA A 543 0.70 -14.37 -15.66
N ILE A 544 1.88 -13.84 -16.05
CA ILE A 544 1.98 -12.87 -17.15
C ILE A 544 2.38 -13.52 -18.47
N ASN A 545 2.64 -14.84 -18.51
CA ASN A 545 3.13 -15.50 -19.72
C ASN A 545 2.23 -15.24 -20.94
N GLY A 546 2.85 -14.82 -22.06
CA GLY A 546 2.12 -14.58 -23.29
C GLY A 546 1.54 -13.17 -23.41
N THR A 547 1.50 -12.36 -22.33
CA THR A 547 0.82 -11.06 -22.39
C THR A 547 1.65 -9.94 -23.07
N THR A 548 2.98 -10.05 -23.04
CA THR A 548 3.88 -9.10 -23.68
C THR A 548 5.05 -9.83 -24.33
N ALA A 549 5.57 -9.30 -25.44
CA ALA A 549 6.58 -10.00 -26.21
C ALA A 549 7.50 -9.05 -26.96
N MET A 550 8.57 -9.58 -27.54
CA MET A 550 9.41 -8.76 -28.37
C MET A 550 9.97 -9.57 -29.53
N ALA A 551 10.05 -8.92 -30.70
CA ALA A 551 10.31 -9.62 -31.96
C ALA A 551 11.69 -9.24 -32.50
N TYR A 552 12.45 -10.27 -32.86
CA TYR A 552 13.68 -10.08 -33.57
C TYR A 552 13.64 -10.91 -34.84
N VAL A 553 13.90 -10.27 -36.00
CA VAL A 553 14.01 -10.96 -37.27
C VAL A 553 15.29 -10.49 -37.91
N ILE A 554 16.12 -11.44 -38.31
CA ILE A 554 17.37 -11.11 -38.97
C ILE A 554 17.34 -11.61 -40.41
N GLY A 555 17.43 -10.68 -41.37
CA GLY A 555 17.88 -11.01 -42.72
C GLY A 555 19.41 -11.11 -42.81
N ALA A 556 19.89 -11.91 -43.77
CA ALA A 556 21.31 -12.11 -44.00
C ALA A 556 21.60 -12.03 -45.50
N LEU A 557 22.84 -11.64 -45.87
CA LEU A 557 23.28 -11.49 -47.26
C LEU A 557 24.77 -11.82 -47.42
N TYR A 558 25.09 -12.58 -48.48
CA TYR A 558 26.45 -12.87 -48.92
C TYR A 558 26.64 -12.40 -50.37
N ASN A 559 27.70 -11.61 -50.61
CA ASN A 559 27.96 -10.93 -51.88
C ASN A 559 29.46 -10.61 -51.98
N LYS A 560 29.94 -10.18 -53.16
CA LYS A 560 31.36 -9.88 -53.32
C LYS A 560 31.58 -8.55 -54.04
N THR A 561 32.45 -7.71 -53.45
CA THR A 561 32.98 -6.49 -54.05
C THR A 561 34.50 -6.63 -54.14
N SER A 562 35.26 -5.75 -53.48
CA SER A 562 36.70 -5.88 -53.31
C SER A 562 37.04 -7.10 -52.45
N ASP A 563 36.16 -7.36 -51.48
CA ASP A 563 36.17 -8.53 -50.61
C ASP A 563 34.85 -9.28 -50.78
N TYR A 564 34.83 -10.55 -50.39
CA TYR A 564 33.60 -11.18 -49.98
C TYR A 564 33.03 -10.44 -48.76
N VAL A 565 31.72 -10.15 -48.82
CA VAL A 565 30.97 -9.50 -47.74
C VAL A 565 29.87 -10.43 -47.26
N LEU A 566 29.89 -10.73 -45.95
CA LEU A 566 28.77 -11.33 -45.24
C LEU A 566 28.18 -10.30 -44.29
N SER A 567 26.85 -10.20 -44.24
CA SER A 567 26.20 -9.12 -43.52
C SER A 567 24.86 -9.57 -42.94
N PHE A 568 24.53 -8.95 -41.78
CA PHE A 568 23.29 -9.19 -41.05
C PHE A 568 22.64 -7.86 -40.70
N ALA A 569 21.32 -7.82 -40.80
CA ALA A 569 20.53 -6.65 -40.40
C ALA A 569 19.22 -7.12 -39.80
N GLY A 570 18.73 -6.42 -38.77
CA GLY A 570 17.59 -6.97 -38.04
C GLY A 570 16.77 -5.95 -37.24
N SER A 571 15.45 -6.15 -37.27
CA SER A 571 14.53 -5.34 -36.48
C SER A 571 14.53 -5.78 -35.02
N GLN A 572 14.35 -4.82 -34.10
CA GLN A 572 14.01 -5.07 -32.72
C GLN A 572 12.70 -4.34 -32.46
N GLU A 573 11.60 -5.04 -32.18
CA GLU A 573 10.36 -4.32 -31.91
C GLU A 573 9.45 -5.00 -30.90
N PRO A 574 9.12 -4.31 -29.78
CA PRO A 574 8.22 -4.88 -28.78
C PRO A 574 6.74 -4.86 -29.14
N MET A 575 5.99 -5.84 -28.61
CA MET A 575 4.57 -5.99 -28.92
C MET A 575 3.75 -6.36 -27.67
N GLN A 576 2.43 -6.16 -27.74
CA GLN A 576 1.50 -6.64 -26.72
C GLN A 576 0.31 -7.33 -27.39
N VAL A 577 -0.32 -8.26 -26.64
CA VAL A 577 -1.42 -9.07 -27.14
C VAL A 577 -2.73 -8.57 -26.53
N MET A 578 -3.73 -8.32 -27.39
CA MET A 578 -5.10 -8.05 -26.96
C MET A 578 -6.13 -8.50 -28.01
N ASN A 579 -7.13 -9.27 -27.55
CA ASN A 579 -8.24 -9.75 -28.37
C ASN A 579 -7.74 -10.48 -29.63
N ASN A 580 -6.77 -11.38 -29.44
CA ASN A 580 -6.17 -12.22 -30.48
C ASN A 580 -5.36 -11.44 -31.51
N ASN A 581 -5.04 -10.16 -31.25
CA ASN A 581 -4.09 -9.43 -32.07
C ASN A 581 -2.76 -9.27 -31.32
N LEU A 582 -1.66 -9.54 -32.01
CA LEU A 582 -0.32 -9.25 -31.51
C LEU A 582 0.19 -7.99 -32.24
N THR A 583 0.47 -6.90 -31.50
CA THR A 583 0.56 -5.56 -32.09
C THR A 583 1.86 -4.84 -31.73
N GLU A 584 2.41 -4.06 -32.67
CA GLU A 584 3.60 -3.24 -32.44
C GLU A 584 3.26 -2.05 -31.53
N VAL A 585 3.74 -2.07 -30.28
CA VAL A 585 3.51 -1.03 -29.30
C VAL A 585 4.39 0.17 -29.62
N THR A 586 5.66 -0.12 -29.97
CA THR A 586 6.62 0.84 -30.47
C THR A 586 7.65 0.07 -31.29
N THR A 587 8.38 0.77 -32.17
CA THR A 587 9.41 0.11 -32.96
C THR A 587 10.73 0.87 -32.80
N LEU A 588 11.82 0.14 -32.52
CA LEU A 588 13.10 0.71 -32.14
C LEU A 588 14.05 0.82 -33.33
N ALA A 589 15.27 1.35 -33.08
CA ALA A 589 16.29 1.49 -34.09
C ALA A 589 16.83 0.11 -34.48
N PRO A 590 17.14 -0.15 -35.78
CA PRO A 590 17.81 -1.39 -36.18
C PRO A 590 19.24 -1.51 -35.66
N PHE A 591 19.81 -2.70 -35.86
CA PHE A 591 21.24 -2.92 -35.73
C PHE A 591 21.75 -3.68 -36.96
N GLY A 592 23.08 -3.71 -37.11
CA GLY A 592 23.72 -4.43 -38.19
C GLY A 592 25.09 -4.98 -37.78
N LEU A 593 25.53 -6.03 -38.49
CA LEU A 593 26.90 -6.51 -38.40
C LEU A 593 27.42 -6.80 -39.82
N THR A 594 28.74 -6.59 -40.02
CA THR A 594 29.40 -6.85 -41.29
C THR A 594 30.72 -7.58 -41.09
N LEU A 595 30.93 -8.62 -41.92
CA LEU A 595 32.15 -9.40 -41.97
C LEU A 595 32.67 -9.40 -43.41
N LEU A 596 34.00 -9.20 -43.57
CA LEU A 596 34.62 -9.07 -44.88
C LEU A 596 35.95 -9.83 -44.93
N ALA A 597 36.26 -10.40 -46.10
CA ALA A 597 37.57 -10.96 -46.39
C ALA A 597 37.82 -11.04 -47.90
N PRO A 598 39.07 -10.80 -48.39
CA PRO A 598 39.47 -11.17 -49.75
C PRO A 598 39.80 -12.66 -49.93
N SER A 599 40.20 -13.32 -48.84
CA SER A 599 40.58 -14.73 -48.82
C SER A 599 39.38 -15.66 -49.05
N VAL A 600 39.53 -16.59 -49.99
CA VAL A 600 38.49 -17.53 -50.40
C VAL A 600 38.14 -18.48 -49.24
N PRO A 601 39.10 -19.19 -48.60
CA PRO A 601 38.86 -19.78 -47.27
C PRO A 601 39.02 -18.72 -46.20
N ALA A 602 38.06 -18.66 -45.25
CA ALA A 602 38.16 -17.80 -44.08
C ALA A 602 37.23 -18.25 -42.96
N THR A 603 37.63 -17.94 -41.72
CA THR A 603 36.76 -17.91 -40.55
C THR A 603 36.82 -16.54 -39.88
N GLU A 604 35.66 -16.06 -39.41
CA GLU A 604 35.49 -14.68 -38.96
C GLU A 604 34.52 -14.59 -37.78
N THR A 605 34.53 -13.43 -37.10
CA THR A 605 33.77 -13.22 -35.87
C THR A 605 33.43 -11.74 -35.69
N GLY A 606 32.32 -11.46 -34.98
CA GLY A 606 31.84 -10.10 -34.72
C GLY A 606 30.74 -10.01 -33.65
N THR A 607 30.42 -8.78 -33.22
CA THR A 607 29.46 -8.58 -32.14
C THR A 607 28.82 -7.19 -32.17
N SER A 608 27.65 -7.06 -31.52
CA SER A 608 26.87 -5.83 -31.43
C SER A 608 26.08 -5.81 -30.12
N PRO A 609 25.75 -4.63 -29.55
CA PRO A 609 24.71 -4.55 -28.53
C PRO A 609 23.31 -4.89 -29.08
N LEU A 610 22.39 -5.16 -28.15
CA LEU A 610 21.01 -5.52 -28.43
C LEU A 610 20.13 -4.98 -27.31
N GLN A 611 18.88 -4.60 -27.63
CA GLN A 611 17.97 -3.98 -26.66
C GLN A 611 16.73 -4.84 -26.48
N LEU A 612 16.03 -4.61 -25.38
CA LEU A 612 15.01 -5.53 -24.88
C LEU A 612 14.04 -4.76 -23.99
N GLU A 613 12.78 -4.60 -24.42
CA GLU A 613 11.79 -3.82 -23.67
C GLU A 613 10.45 -4.54 -23.55
N PHE A 614 9.99 -4.78 -22.30
CA PHE A 614 8.67 -5.31 -22.03
C PHE A 614 7.81 -4.24 -21.33
N PHE A 615 6.50 -4.14 -21.66
CA PHE A 615 5.54 -3.25 -21.00
C PHE A 615 4.48 -4.08 -20.29
N THR A 616 4.16 -3.77 -19.03
CA THR A 616 3.13 -4.46 -18.25
C THR A 616 1.75 -3.80 -18.39
N VAL A 617 0.77 -4.37 -17.68
CA VAL A 617 -0.63 -3.99 -17.74
C VAL A 617 -1.08 -3.83 -16.29
N PRO A 618 -2.06 -2.92 -15.98
CA PRO A 618 -2.37 -2.50 -14.61
C PRO A 618 -2.54 -3.55 -13.51
N SER A 619 -3.38 -4.56 -13.73
CA SER A 619 -3.67 -5.54 -12.69
C SER A 619 -2.46 -6.42 -12.39
N THR A 620 -1.43 -6.37 -13.26
CA THR A 620 -0.33 -7.33 -13.19
C THR A 620 1.02 -6.76 -12.70
N SER A 621 1.10 -5.44 -12.42
CA SER A 621 2.37 -4.73 -12.34
C SER A 621 3.23 -5.07 -11.14
N TYR A 622 2.64 -5.19 -9.94
CA TYR A 622 3.42 -5.50 -8.74
C TYR A 622 3.95 -6.92 -8.84
N ILE A 623 3.06 -7.87 -9.17
CA ILE A 623 3.38 -9.28 -9.41
C ILE A 623 4.55 -9.39 -10.38
N ALA A 624 4.51 -8.60 -11.44
CA ALA A 624 5.56 -8.63 -12.45
C ALA A 624 6.92 -8.19 -11.92
N LEU A 625 7.00 -7.08 -11.19
CA LEU A 625 8.25 -6.56 -10.65
C LEU A 625 8.84 -7.53 -9.63
N VAL A 626 7.97 -8.12 -8.81
CA VAL A 626 8.32 -9.10 -7.78
C VAL A 626 8.87 -10.37 -8.42
N ASP A 627 8.24 -10.87 -9.51
CA ASP A 627 8.70 -12.04 -10.25
C ASP A 627 10.03 -11.80 -10.95
N PHE A 628 10.19 -10.69 -11.66
CA PHE A 628 11.42 -10.39 -12.39
C PHE A 628 12.61 -10.14 -11.46
N GLY A 629 12.40 -9.76 -10.19
CA GLY A 629 13.48 -9.58 -9.23
C GLY A 629 13.95 -8.13 -9.02
N LEU A 630 13.21 -7.13 -9.51
CA LEU A 630 13.58 -5.74 -9.26
C LEU A 630 13.18 -5.29 -7.85
N TRP A 631 12.17 -5.91 -7.24
CA TRP A 631 11.72 -5.56 -5.89
C TRP A 631 12.21 -6.56 -4.84
N GLY A 632 13.00 -6.07 -3.89
CA GLY A 632 13.63 -6.87 -2.84
C GLY A 632 14.51 -5.98 -1.96
N ASN A 633 15.15 -6.54 -0.93
CA ASN A 633 15.95 -5.80 0.04
C ASN A 633 17.10 -4.99 -0.62
N LEU A 634 17.49 -5.29 -1.87
CA LEU A 634 18.59 -4.60 -2.53
C LEU A 634 18.12 -3.51 -3.50
N THR A 635 16.83 -3.13 -3.51
CA THR A 635 16.34 -2.23 -4.55
C THR A 635 16.50 -0.77 -4.13
N SER A 636 16.91 0.13 -5.07
CA SER A 636 16.96 1.57 -4.82
C SER A 636 16.13 2.34 -5.84
N VAL A 637 15.47 3.42 -5.41
CA VAL A 637 14.52 4.13 -6.25
C VAL A 637 14.97 5.60 -6.32
N THR A 638 14.79 6.27 -7.46
CA THR A 638 14.99 7.72 -7.56
C THR A 638 13.70 8.45 -8.01
N VAL A 639 13.41 9.66 -7.49
CA VAL A 639 12.10 10.27 -7.77
C VAL A 639 12.21 11.74 -8.14
N SER A 640 11.57 12.20 -9.25
CA SER A 640 11.49 13.61 -9.63
C SER A 640 10.07 14.07 -9.87
N ALA A 641 9.80 15.37 -9.72
CA ALA A 641 8.45 15.86 -9.68
C ALA A 641 8.18 17.00 -10.66
N TYR A 642 6.90 17.23 -10.97
CA TYR A 642 6.50 18.15 -12.03
C TYR A 642 5.20 18.84 -11.64
N ASP A 643 5.15 20.18 -11.79
CA ASP A 643 4.00 20.99 -11.44
C ASP A 643 3.17 21.18 -12.69
N THR A 644 1.94 20.68 -12.64
CA THR A 644 1.09 20.60 -13.80
C THR A 644 0.69 21.98 -14.30
N VAL A 645 0.48 22.92 -13.39
CA VAL A 645 -0.21 24.17 -13.70
C VAL A 645 0.77 25.19 -14.26
N ASN A 646 1.94 25.35 -13.63
CA ASN A 646 2.90 26.37 -14.01
C ASN A 646 4.10 25.78 -14.76
N ASN A 647 4.12 24.46 -14.98
CA ASN A 647 5.09 23.75 -15.82
C ASN A 647 6.53 23.96 -15.33
N LYS A 648 6.92 23.31 -14.22
CA LYS A 648 8.29 23.26 -13.74
C LYS A 648 8.70 21.83 -13.39
N LEU A 649 9.97 21.48 -13.55
CA LEU A 649 10.56 20.26 -13.02
C LEU A 649 11.49 20.54 -11.83
N SER A 650 11.68 19.56 -10.97
CA SER A 650 12.45 19.74 -9.76
C SER A 650 13.93 19.96 -10.08
N VAL A 651 14.60 20.75 -9.24
CA VAL A 651 16.03 20.92 -9.40
C VAL A 651 16.81 19.88 -8.61
N ASN A 652 16.12 19.01 -7.86
CA ASN A 652 16.73 17.89 -7.18
C ASN A 652 15.84 16.64 -7.24
N LEU A 653 16.32 15.53 -6.68
CA LEU A 653 15.69 14.22 -6.70
C LEU A 653 15.50 13.74 -5.29
N GLY A 654 14.49 12.91 -5.07
CA GLY A 654 14.35 12.12 -3.84
C GLY A 654 14.92 10.71 -3.94
N TYR A 655 15.36 10.11 -2.83
CA TYR A 655 15.83 8.74 -2.87
C TYR A 655 15.27 7.87 -1.75
N PHE A 656 14.90 6.61 -2.02
CA PHE A 656 14.53 5.66 -0.98
C PHE A 656 14.88 4.25 -1.40
N TYR A 657 14.77 3.30 -0.47
CA TYR A 657 15.11 1.90 -0.67
C TYR A 657 13.96 0.96 -0.26
N GLY A 658 13.96 -0.30 -0.69
CA GLY A 658 12.82 -1.18 -0.44
C GLY A 658 13.08 -2.22 0.65
N ILE A 659 12.03 -2.90 1.14
CA ILE A 659 12.15 -3.86 2.25
C ILE A 659 11.15 -5.00 2.10
N VAL A 660 11.47 -6.19 2.63
CA VAL A 660 10.56 -7.34 2.74
C VAL A 660 10.68 -7.96 4.12
N ILE A 661 9.59 -8.00 4.92
CA ILE A 661 9.66 -8.44 6.32
C ILE A 661 8.57 -9.48 6.63
N PRO A 662 8.89 -10.66 7.21
CA PRO A 662 7.86 -11.65 7.57
C PRO A 662 7.15 -11.42 8.93
N PRO A 663 5.87 -11.81 9.09
CA PRO A 663 5.13 -11.60 10.34
C PRO A 663 5.48 -12.50 11.52
N SER A 664 4.90 -12.19 12.71
CA SER A 664 5.12 -12.89 13.98
C SER A 664 3.94 -12.70 14.95
N ILE A 665 3.72 -13.63 15.90
CA ILE A 665 2.54 -13.63 16.78
C ILE A 665 2.92 -13.91 18.24
N SER A 666 2.21 -13.27 19.18
CA SER A 666 2.60 -13.24 20.59
C SER A 666 1.38 -13.07 21.50
N THR A 667 1.55 -13.35 22.80
CA THR A 667 0.46 -13.16 23.74
C THR A 667 1.01 -12.82 25.12
N ALA A 668 0.30 -11.92 25.83
CA ALA A 668 0.54 -11.64 27.25
C ALA A 668 0.26 -12.89 28.10
N PRO A 669 1.16 -13.30 29.03
CA PRO A 669 0.97 -14.53 29.80
C PRO A 669 -0.32 -14.50 30.61
N TYR A 670 -1.05 -15.62 30.58
CA TYR A 670 -2.37 -15.72 31.16
C TYR A 670 -2.45 -16.93 32.10
N ASN A 671 -3.31 -16.83 33.12
CA ASN A 671 -3.50 -17.84 34.15
C ASN A 671 -4.98 -18.12 34.30
N TYR A 672 -5.43 -18.60 35.45
CA TYR A 672 -6.83 -18.99 35.56
C TYR A 672 -7.75 -17.81 35.78
N GLN A 673 -7.21 -16.66 36.20
CA GLN A 673 -7.98 -15.44 36.45
C GLN A 673 -8.68 -14.93 35.19
N ASN A 674 -8.04 -15.13 34.02
CA ASN A 674 -8.48 -14.57 32.76
C ASN A 674 -9.88 -15.06 32.33
N PHE A 675 -10.38 -16.12 32.96
CA PHE A 675 -11.62 -16.75 32.56
C PHE A 675 -12.63 -16.80 33.71
N ILE A 676 -12.40 -16.06 34.80
CA ILE A 676 -13.38 -16.05 35.88
C ILE A 676 -14.56 -15.14 35.53
N CYS A 677 -14.30 -13.83 35.33
CA CYS A 677 -15.30 -12.78 35.44
C CYS A 677 -15.47 -11.93 34.17
N PRO A 678 -16.67 -11.29 33.95
CA PRO A 678 -17.00 -10.62 32.68
C PRO A 678 -16.05 -9.55 32.15
N ASN A 679 -15.17 -8.99 33.00
CA ASN A 679 -14.29 -7.91 32.62
C ASN A 679 -12.84 -8.38 32.37
N ASN A 680 -12.64 -9.71 32.23
CA ASN A 680 -11.33 -10.32 31.97
C ASN A 680 -11.30 -10.96 30.58
N TYR A 681 -10.09 -11.02 29.97
CA TYR A 681 -9.87 -11.57 28.64
C TYR A 681 -8.41 -11.95 28.40
N VAL A 682 -8.10 -12.51 27.22
CA VAL A 682 -6.76 -12.87 26.80
C VAL A 682 -6.42 -12.02 25.58
N THR A 683 -5.25 -11.37 25.58
CA THR A 683 -4.81 -10.52 24.49
C THR A 683 -3.75 -11.22 23.65
N VAL A 684 -3.96 -11.24 22.34
CA VAL A 684 -3.00 -11.74 21.36
C VAL A 684 -2.57 -10.57 20.47
N THR A 685 -1.27 -10.48 20.17
CA THR A 685 -0.76 -9.42 19.32
C THR A 685 -0.09 -10.01 18.08
N ILE A 686 -0.45 -9.50 16.90
CA ILE A 686 0.20 -9.83 15.64
C ILE A 686 1.11 -8.69 15.23
N TYR A 687 2.37 -9.01 14.90
CA TYR A 687 3.29 -8.07 14.26
C TYR A 687 3.35 -8.36 12.77
N ASP A 688 2.88 -7.42 11.95
CA ASP A 688 2.96 -7.54 10.50
C ASP A 688 3.03 -6.15 9.86
N PRO A 689 4.24 -5.59 9.65
CA PRO A 689 4.36 -4.26 9.07
C PRO A 689 3.96 -4.16 7.60
N ASP A 690 3.98 -5.25 6.82
CA ASP A 690 3.62 -5.21 5.40
C ASP A 690 2.10 -5.14 5.15
N ALA A 691 1.30 -5.04 6.22
CA ALA A 691 -0.14 -4.92 6.12
C ALA A 691 -0.59 -3.48 6.39
N VAL A 692 0.36 -2.58 6.62
CA VAL A 692 0.09 -1.17 6.87
C VAL A 692 0.28 -0.40 5.56
N LEU A 693 -0.84 0.00 4.93
CA LEU A 693 -0.80 0.57 3.61
C LEU A 693 -0.94 2.10 3.64
N ASP A 694 -1.66 2.63 4.62
CA ASP A 694 -1.85 4.05 4.81
C ASP A 694 -1.45 4.36 6.24
N PRO A 695 -0.46 5.26 6.51
CA PRO A 695 0.04 5.48 7.86
C PRO A 695 -0.93 6.00 8.92
N TYR A 696 -2.06 6.56 8.49
CA TYR A 696 -3.12 6.94 9.42
C TYR A 696 -4.02 5.73 9.64
N PRO A 697 -4.08 5.13 10.88
CA PRO A 697 -5.03 4.03 11.16
C PRO A 697 -6.45 4.55 10.93
N SER A 698 -7.27 3.77 10.23
CA SER A 698 -8.60 4.18 9.76
C SER A 698 -8.59 5.03 8.49
N GLY A 699 -7.43 5.21 7.85
CA GLY A 699 -7.33 5.85 6.54
C GLY A 699 -7.64 4.89 5.39
N SER A 700 -8.15 5.45 4.29
CA SER A 700 -8.49 4.66 3.12
C SER A 700 -8.17 5.43 1.82
N PHE A 701 -7.63 4.74 0.78
CA PHE A 701 -7.49 5.33 -0.54
C PHE A 701 -7.84 4.35 -1.65
N THR A 702 -8.23 4.87 -2.83
CA THR A 702 -8.51 4.07 -4.02
C THR A 702 -7.69 4.57 -5.20
N THR A 703 -7.61 3.77 -6.28
CA THR A 703 -6.68 4.12 -7.35
C THR A 703 -7.19 3.62 -8.69
N SER A 704 -6.92 4.40 -9.75
CA SER A 704 -7.35 4.12 -11.11
C SER A 704 -6.26 4.48 -12.13
N SER A 705 -6.34 3.97 -13.37
CA SER A 705 -5.31 4.25 -14.37
C SER A 705 -5.82 5.19 -15.48
N LEU A 706 -5.00 6.17 -15.91
CA LEU A 706 -5.35 7.20 -16.88
C LEU A 706 -4.10 7.67 -17.61
N PRO A 707 -4.22 8.51 -18.64
CA PRO A 707 -3.12 9.32 -19.14
C PRO A 707 -2.84 10.57 -18.30
N LEU A 708 -1.58 10.85 -17.99
CA LEU A 708 -1.10 11.95 -17.16
C LEU A 708 -0.17 12.86 -17.97
N LYS A 709 -0.24 14.18 -17.78
CA LYS A 709 0.78 15.09 -18.30
C LYS A 709 2.07 15.00 -17.48
N TYR A 710 3.22 14.82 -18.16
CA TYR A 710 4.52 14.93 -17.50
C TYR A 710 5.55 15.54 -18.43
N GLY A 711 5.93 16.80 -18.16
CA GLY A 711 6.77 17.57 -19.07
C GLY A 711 6.10 17.81 -20.43
N ASN A 712 6.83 17.56 -21.52
CA ASN A 712 6.38 17.90 -22.86
C ASN A 712 5.65 16.73 -23.54
N MET A 713 5.24 15.72 -22.75
CA MET A 713 4.60 14.51 -23.28
C MET A 713 3.46 13.99 -22.39
N ASN A 714 2.64 13.08 -22.95
CA ASN A 714 1.60 12.38 -22.20
C ASN A 714 1.95 10.89 -22.04
N ILE A 715 1.86 10.36 -20.80
CA ILE A 715 2.18 8.97 -20.50
C ILE A 715 1.08 8.35 -19.63
N THR A 716 0.84 7.04 -19.65
CA THR A 716 -0.10 6.41 -18.72
C THR A 716 0.52 6.28 -17.32
N GLY A 717 -0.32 6.33 -16.27
CA GLY A 717 0.15 6.24 -14.89
C GLY A 717 -0.99 6.19 -13.89
N ALA A 718 -0.66 5.95 -12.62
CA ALA A 718 -1.68 5.73 -11.61
C ALA A 718 -2.07 7.04 -10.92
N VAL A 719 -3.39 7.24 -10.75
CA VAL A 719 -3.87 8.40 -10.05
C VAL A 719 -4.45 7.95 -8.72
N ILE A 720 -3.95 8.52 -7.61
CA ILE A 720 -4.46 8.24 -6.27
C ILE A 720 -5.66 9.12 -5.91
N PHE A 721 -6.63 8.55 -5.19
CA PHE A 721 -7.79 9.32 -4.78
C PHE A 721 -8.18 8.98 -3.33
N PRO A 722 -7.92 9.86 -2.34
CA PRO A 722 -8.26 9.62 -0.93
C PRO A 722 -9.75 9.49 -0.64
N GLY A 723 -10.17 8.39 -0.01
CA GLY A 723 -11.56 8.12 0.31
C GLY A 723 -11.99 6.64 0.20
N SER A 724 -13.30 6.41 0.12
CA SER A 724 -13.90 5.08 0.11
C SER A 724 -14.58 4.75 -1.21
N SER A 725 -14.41 5.61 -2.25
CA SER A 725 -15.15 5.54 -3.52
C SER A 725 -14.25 5.21 -4.71
N VAL A 726 -14.82 4.57 -5.72
CA VAL A 726 -14.05 4.08 -6.86
C VAL A 726 -14.55 4.82 -8.10
N TYR A 727 -13.60 5.25 -8.94
CA TYR A 727 -13.91 6.06 -10.10
C TYR A 727 -13.34 5.44 -11.38
N ASN A 728 -14.14 5.59 -12.43
CA ASN A 728 -13.72 5.46 -13.81
C ASN A 728 -13.67 6.86 -14.37
N PRO A 729 -12.53 7.57 -14.24
CA PRO A 729 -12.40 8.93 -14.75
C PRO A 729 -12.12 9.04 -16.25
N SER A 730 -12.37 10.24 -16.79
CA SER A 730 -12.39 10.54 -18.22
C SER A 730 -11.43 11.68 -18.53
N GLY A 731 -10.86 11.70 -19.75
CA GLY A 731 -9.96 12.78 -20.15
C GLY A 731 -8.50 12.51 -19.81
N VAL A 732 -7.68 13.57 -19.70
CA VAL A 732 -6.24 13.49 -19.44
C VAL A 732 -5.92 14.28 -18.17
N PHE A 733 -5.28 13.64 -17.18
CA PHE A 733 -4.99 14.25 -15.88
C PHE A 733 -4.02 15.40 -16.05
N GLY A 734 -4.44 16.62 -15.69
CA GLY A 734 -3.61 17.79 -15.95
C GLY A 734 -4.15 18.80 -16.97
N TYR A 735 -5.41 18.65 -17.41
CA TYR A 735 -6.09 19.57 -18.33
C TYR A 735 -7.60 19.57 -18.06
N SER A 736 -8.30 20.53 -18.65
CA SER A 736 -9.72 20.73 -18.41
C SER A 736 -10.57 19.56 -18.93
N ASN A 737 -9.97 18.70 -19.78
CA ASN A 737 -10.59 17.47 -20.26
C ASN A 737 -10.90 16.52 -19.10
N PHE A 738 -10.10 16.58 -18.02
CA PHE A 738 -10.20 15.67 -16.89
C PHE A 738 -11.51 15.86 -16.12
N ASN A 739 -12.24 14.76 -15.91
CA ASN A 739 -13.49 14.75 -15.17
C ASN A 739 -13.70 13.34 -14.59
N LYS A 740 -14.08 13.26 -13.31
CA LYS A 740 -14.41 11.98 -12.68
C LYS A 740 -15.90 11.91 -12.35
N GLY A 741 -16.56 10.86 -12.85
CA GLY A 741 -18.01 10.74 -12.82
C GLY A 741 -18.52 10.21 -11.49
N ALA A 742 -19.74 9.68 -11.49
CA ALA A 742 -20.32 9.07 -10.31
C ALA A 742 -19.45 7.90 -9.84
N ALA A 743 -19.37 7.72 -8.52
CA ALA A 743 -18.66 6.59 -7.94
C ALA A 743 -19.35 5.29 -8.33
N VAL A 744 -18.55 4.33 -8.78
CA VAL A 744 -19.02 3.05 -9.24
C VAL A 744 -19.38 2.18 -8.04
N THR A 745 -18.73 2.42 -6.89
CA THR A 745 -18.94 1.72 -5.63
C THR A 745 -18.42 2.61 -4.50
N THR A 746 -19.06 2.54 -3.33
CA THR A 746 -18.51 3.11 -2.12
C THR A 746 -18.56 2.05 -1.02
N PHE A 747 -17.37 1.54 -0.66
CA PHE A 747 -17.16 0.57 0.39
C PHE A 747 -17.42 1.21 1.75
N THR A 748 -18.00 0.47 2.70
CA THR A 748 -18.12 0.94 4.08
C THR A 748 -18.15 -0.22 5.07
N TYR A 749 -17.61 0.04 6.27
CA TYR A 749 -17.81 -0.86 7.39
C TYR A 749 -19.08 -0.43 8.12
N THR A 750 -20.02 -1.37 8.35
CA THR A 750 -21.31 -1.08 8.94
C THR A 750 -21.67 -2.13 9.99
N ALA A 751 -22.44 -1.69 11.01
CA ALA A 751 -23.09 -2.55 12.00
C ALA A 751 -24.12 -3.46 11.32
N GLN A 752 -24.35 -4.65 11.89
CA GLN A 752 -25.16 -5.68 11.26
C GLN A 752 -25.97 -6.48 12.29
N SER A 753 -26.79 -7.38 11.75
CA SER A 753 -27.71 -8.23 12.49
C SER A 753 -26.98 -9.34 13.26
N GLY A 754 -27.74 -10.05 14.11
CA GLY A 754 -27.20 -11.10 14.96
C GLY A 754 -26.91 -10.60 16.37
N PRO A 755 -26.59 -11.50 17.31
CA PRO A 755 -26.42 -11.11 18.70
C PRO A 755 -25.14 -10.29 18.76
N PHE A 756 -24.99 -9.50 19.84
CA PHE A 756 -23.99 -8.43 19.86
C PHE A 756 -24.36 -7.45 18.75
N SER A 757 -23.38 -6.86 18.07
CA SER A 757 -23.63 -6.40 16.71
C SER A 757 -22.30 -6.26 15.99
N PRO A 758 -21.94 -7.20 15.08
CA PRO A 758 -20.65 -7.13 14.40
C PRO A 758 -20.63 -5.98 13.40
N VAL A 759 -19.40 -5.48 13.17
CA VAL A 759 -19.13 -4.50 12.14
C VAL A 759 -18.30 -5.18 11.05
N ALA A 760 -18.79 -5.06 9.80
CA ALA A 760 -18.21 -5.76 8.65
C ALA A 760 -18.42 -4.98 7.35
N LEU A 761 -17.67 -5.40 6.33
CA LEU A 761 -17.45 -4.62 5.12
C LEU A 761 -18.54 -4.89 4.10
N THR A 762 -18.94 -3.81 3.43
CA THR A 762 -19.96 -3.81 2.40
C THR A 762 -19.43 -3.06 1.18
N GLY A 763 -19.72 -3.59 -0.01
CA GLY A 763 -19.26 -3.00 -1.27
C GLY A 763 -19.13 -4.08 -2.34
N ASN A 764 -19.31 -3.70 -3.62
CA ASN A 764 -19.30 -4.63 -4.75
C ASN A 764 -17.89 -5.20 -4.99
N THR A 765 -17.71 -6.48 -4.69
CA THR A 765 -16.38 -7.08 -4.58
C THR A 765 -15.72 -7.27 -5.92
N ASN A 766 -16.40 -6.94 -7.01
CA ASN A 766 -15.75 -6.97 -8.31
C ASN A 766 -14.65 -5.88 -8.42
N TYR A 767 -14.75 -4.83 -7.58
CA TYR A 767 -13.81 -3.71 -7.59
C TYR A 767 -12.91 -3.66 -6.37
N LEU A 768 -12.55 -4.81 -5.78
CA LEU A 768 -11.93 -4.75 -4.47
C LEU A 768 -10.43 -4.53 -4.64
N SER A 769 -9.79 -5.20 -5.62
CA SER A 769 -8.52 -4.64 -6.09
C SER A 769 -8.87 -3.26 -6.62
N GLN A 770 -8.01 -2.25 -6.33
CA GLN A 770 -8.32 -0.83 -6.48
C GLN A 770 -8.74 -0.20 -5.18
N TYR A 771 -8.84 -0.95 -4.06
CA TYR A 771 -9.15 -0.36 -2.76
C TYR A 771 -8.13 -0.80 -1.69
N ALA A 772 -7.70 0.15 -0.83
CA ALA A 772 -6.63 -0.03 0.15
C ALA A 772 -7.04 0.45 1.54
N ASP A 773 -6.55 -0.28 2.56
CA ASP A 773 -6.99 -0.16 3.93
C ASP A 773 -5.91 -0.74 4.84
N ASN A 774 -6.15 -0.82 6.14
CA ASN A 774 -5.18 -1.42 7.04
C ASN A 774 -5.73 -2.69 7.69
N ASN A 775 -6.82 -3.26 7.14
CA ASN A 775 -7.47 -4.45 7.66
C ASN A 775 -6.94 -5.72 6.97
N PRO A 776 -6.14 -6.60 7.62
CA PRO A 776 -5.61 -7.78 6.97
C PRO A 776 -6.68 -8.74 6.48
N THR A 777 -7.90 -8.64 7.01
CA THR A 777 -8.96 -9.53 6.57
C THR A 777 -9.60 -9.14 5.22
N ASP A 778 -9.10 -8.07 4.56
CA ASP A 778 -9.45 -7.79 3.17
C ASP A 778 -8.32 -7.22 2.31
N ASN A 779 -7.24 -6.69 2.91
CA ASN A 779 -6.12 -6.03 2.25
C ASN A 779 -5.44 -6.89 1.18
N TYR A 780 -5.58 -8.21 1.21
CA TYR A 780 -4.77 -9.03 0.32
C TYR A 780 -5.28 -8.94 -1.11
N TYR A 781 -6.37 -8.18 -1.34
CA TYR A 781 -6.85 -7.95 -2.68
C TYR A 781 -6.15 -6.81 -3.43
N PHE A 782 -5.58 -5.79 -2.75
CA PHE A 782 -5.36 -4.46 -3.28
C PHE A 782 -4.87 -4.41 -4.72
N ILE A 783 -3.70 -4.99 -5.06
CA ILE A 783 -3.31 -5.05 -6.47
C ILE A 783 -2.92 -6.46 -6.86
N GLN A 784 -3.64 -7.46 -6.33
CA GLN A 784 -3.09 -8.81 -6.27
C GLN A 784 -4.15 -9.78 -6.80
N THR A 785 -4.99 -9.29 -7.72
CA THR A 785 -6.06 -10.06 -8.36
C THR A 785 -5.86 -10.17 -9.86
N VAL A 786 -5.94 -11.40 -10.38
CA VAL A 786 -5.83 -11.69 -11.82
C VAL A 786 -6.95 -12.66 -12.23
N ASN A 787 -7.57 -12.39 -13.38
CA ASN A 787 -8.69 -13.17 -13.88
C ASN A 787 -9.78 -13.27 -12.80
N GLY A 788 -9.91 -12.20 -12.00
CA GLY A 788 -10.96 -12.07 -10.99
C GLY A 788 -10.69 -12.80 -9.68
N MET A 789 -9.56 -13.53 -9.59
CA MET A 789 -9.21 -14.33 -8.42
C MET A 789 -7.86 -13.89 -7.85
N PRO A 790 -7.70 -13.80 -6.52
CA PRO A 790 -6.41 -13.48 -5.93
C PRO A 790 -5.37 -14.59 -5.92
N VAL A 791 -4.10 -14.19 -5.89
CA VAL A 791 -2.95 -15.08 -5.97
C VAL A 791 -2.57 -15.61 -4.59
N LEU A 792 -3.00 -14.91 -3.51
CA LEU A 792 -2.63 -15.21 -2.12
C LEU A 792 -3.89 -15.19 -1.27
N MET A 793 -4.12 -16.27 -0.53
CA MET A 793 -5.11 -16.27 0.54
C MET A 793 -4.48 -15.90 1.88
N GLY A 794 -4.28 -14.60 2.07
CA GLY A 794 -3.72 -14.08 3.31
C GLY A 794 -4.77 -13.83 4.42
N GLY A 795 -4.29 -13.27 5.53
CA GLY A 795 -5.13 -12.78 6.60
C GLY A 795 -5.26 -13.76 7.77
N LEU A 796 -6.35 -13.62 8.52
CA LEU A 796 -6.57 -14.28 9.79
C LEU A 796 -7.59 -15.39 9.63
N SER A 797 -7.34 -16.53 10.30
CA SER A 797 -8.18 -17.72 10.29
C SER A 797 -8.38 -18.23 11.72
N ILE A 798 -9.62 -18.62 12.07
CA ILE A 798 -9.95 -19.06 13.42
C ILE A 798 -10.68 -20.42 13.43
N VAL A 799 -10.20 -21.38 14.27
CA VAL A 799 -10.91 -22.63 14.55
C VAL A 799 -10.98 -22.93 16.05
N ALA A 800 -12.11 -23.51 16.50
CA ALA A 800 -12.45 -23.57 17.92
C ALA A 800 -13.08 -24.92 18.28
N SER A 801 -12.86 -25.36 19.53
CA SER A 801 -13.04 -26.75 19.93
C SER A 801 -13.46 -26.84 21.39
N PRO A 802 -14.31 -27.81 21.81
CA PRO A 802 -14.86 -28.82 20.92
C PRO A 802 -16.13 -28.55 20.14
N VAL A 803 -16.95 -27.56 20.56
CA VAL A 803 -18.13 -27.15 19.82
C VAL A 803 -17.68 -26.55 18.49
N SER A 804 -17.96 -27.28 17.39
CA SER A 804 -17.28 -27.10 16.11
C SER A 804 -17.67 -25.81 15.42
N ALA A 805 -16.70 -24.90 15.32
CA ALA A 805 -16.94 -23.58 14.77
C ALA A 805 -15.69 -23.05 14.11
N SER A 806 -15.87 -22.26 13.06
CA SER A 806 -14.77 -21.61 12.35
C SER A 806 -15.22 -20.27 11.76
N LEU A 807 -14.26 -19.35 11.59
CA LEU A 807 -14.43 -18.11 10.84
C LEU A 807 -13.24 -17.93 9.92
N PRO A 808 -13.40 -17.53 8.63
CA PRO A 808 -14.71 -17.37 7.99
C PRO A 808 -15.31 -18.66 7.45
N SER A 809 -16.66 -18.69 7.47
CA SER A 809 -17.50 -19.57 6.67
C SER A 809 -17.24 -19.28 5.19
N SER A 810 -17.45 -20.30 4.34
CA SER A 810 -17.33 -20.21 2.88
C SER A 810 -18.18 -19.08 2.29
N THR A 811 -19.29 -18.75 2.96
CA THR A 811 -20.30 -17.78 2.54
C THR A 811 -19.87 -16.33 2.77
N SER A 812 -18.78 -16.11 3.55
CA SER A 812 -18.41 -14.80 4.09
C SER A 812 -17.77 -13.90 3.05
N SER A 813 -18.13 -12.60 3.13
CA SER A 813 -17.43 -11.52 2.44
C SER A 813 -15.99 -11.42 2.93
N PRO A 814 -15.05 -10.82 2.16
CA PRO A 814 -13.82 -10.29 2.75
C PRO A 814 -14.21 -9.24 3.78
N GLY A 815 -13.34 -8.98 4.76
CA GLY A 815 -13.63 -7.96 5.75
C GLY A 815 -14.81 -8.33 6.67
N PHE A 816 -14.85 -9.63 7.02
CA PHE A 816 -15.84 -10.19 7.94
C PHE A 816 -15.71 -9.64 9.35
N MET A 817 -14.55 -9.06 9.70
CA MET A 817 -14.43 -8.34 10.97
C MET A 817 -13.58 -7.08 10.79
N TYR A 818 -13.78 -6.08 11.66
CA TYR A 818 -13.04 -4.84 11.57
C TYR A 818 -11.86 -4.98 12.52
N LEU A 819 -10.66 -4.71 12.03
CA LEU A 819 -9.43 -5.05 12.72
C LEU A 819 -8.33 -4.07 12.28
N LEU A 820 -7.83 -3.27 13.23
CA LEU A 820 -7.03 -2.08 12.93
C LEU A 820 -5.74 -2.03 13.76
N PRO A 821 -4.65 -1.41 13.26
CA PRO A 821 -3.40 -1.35 14.02
C PRO A 821 -3.41 -0.26 15.07
N SER A 822 -2.74 -0.50 16.19
CA SER A 822 -2.71 0.49 17.26
C SER A 822 -1.91 1.74 16.90
N ALA A 823 -2.22 2.87 17.56
CA ALA A 823 -1.69 4.19 17.22
C ALA A 823 -0.68 4.71 18.25
N ALA A 824 0.33 5.46 17.77
CA ALA A 824 1.50 5.87 18.57
C ALA A 824 1.15 6.97 19.58
N GLN A 825 1.83 6.95 20.75
CA GLN A 825 1.48 7.73 21.93
C GLN A 825 2.49 8.85 22.24
N VAL A 826 2.13 9.72 23.21
CA VAL A 826 2.63 11.08 23.45
C VAL A 826 4.15 11.27 23.36
N PRO A 827 5.02 10.48 24.04
CA PRO A 827 6.46 10.61 23.86
C PRO A 827 7.05 10.30 22.48
N SER A 828 6.23 9.72 21.56
CA SER A 828 6.60 9.51 20.16
C SER A 828 6.62 10.85 19.42
N PRO A 829 7.61 11.08 18.52
CA PRO A 829 7.70 12.34 17.78
C PRO A 829 6.46 12.68 16.97
N LEU A 830 5.86 11.66 16.32
CA LEU A 830 4.69 11.83 15.46
C LEU A 830 3.56 10.97 16.01
N PRO A 831 2.75 11.48 16.95
CA PRO A 831 1.62 10.72 17.50
C PRO A 831 0.48 10.51 16.50
N GLY A 832 -0.37 9.53 16.80
CA GLY A 832 -1.57 9.30 16.01
C GLY A 832 -1.30 8.51 14.72
N MET A 833 -0.04 8.14 14.47
CA MET A 833 0.33 7.30 13.33
C MET A 833 0.39 5.83 13.73
N ALA A 834 0.27 4.93 12.74
CA ALA A 834 0.20 3.49 12.97
C ALA A 834 1.53 2.86 13.44
N THR A 835 1.37 1.86 14.31
CA THR A 835 2.36 0.88 14.76
C THR A 835 2.00 -0.47 14.11
N PRO A 836 2.95 -1.34 13.73
CA PRO A 836 2.61 -2.62 13.12
C PRO A 836 1.98 -3.69 14.03
N ASN A 837 1.34 -3.29 15.14
CA ASN A 837 0.81 -4.23 16.11
C ASN A 837 -0.70 -4.27 16.00
N TYR A 838 -1.27 -5.46 15.84
CA TYR A 838 -2.71 -5.59 15.86
C TYR A 838 -3.08 -6.40 17.09
N ASN A 839 -3.95 -5.83 17.92
CA ASN A 839 -4.20 -6.32 19.25
C ASN A 839 -5.64 -6.84 19.34
N LEU A 840 -5.80 -8.10 19.71
CA LEU A 840 -7.05 -8.83 19.51
C LEU A 840 -7.45 -9.54 20.80
N ASN A 841 -8.72 -9.35 21.24
CA ASN A 841 -9.17 -9.75 22.55
C ASN A 841 -10.18 -10.91 22.47
N ILE A 842 -10.02 -11.91 23.33
CA ILE A 842 -10.77 -13.14 23.23
C ILE A 842 -11.40 -13.42 24.57
N TYR A 843 -12.69 -13.80 24.58
CA TYR A 843 -13.41 -14.22 25.76
C TYR A 843 -13.92 -15.66 25.57
N ILE A 844 -13.74 -16.54 26.58
CA ILE A 844 -14.36 -17.87 26.59
C ILE A 844 -15.21 -18.00 27.84
N THR A 845 -16.47 -18.41 27.73
CA THR A 845 -17.32 -18.53 28.91
C THR A 845 -18.45 -19.53 28.73
N TYR A 846 -19.05 -20.02 29.83
CA TYR A 846 -20.23 -20.89 29.79
C TYR A 846 -21.47 -20.20 30.33
N LYS A 847 -21.30 -19.06 30.97
CA LYS A 847 -22.35 -18.52 31.84
C LYS A 847 -23.54 -18.00 31.04
N ILE A 848 -23.34 -17.68 29.76
CA ILE A 848 -24.40 -17.12 28.92
C ILE A 848 -24.91 -18.14 27.91
N ASP A 849 -24.45 -19.40 27.99
CA ASP A 849 -24.99 -20.48 27.17
C ASP A 849 -26.48 -20.64 27.46
N GLY A 850 -27.28 -20.70 26.38
CA GLY A 850 -28.72 -20.87 26.45
C GLY A 850 -29.46 -19.57 26.72
N ALA A 851 -28.73 -18.44 26.72
CA ALA A 851 -29.38 -17.14 26.60
C ALA A 851 -29.95 -16.98 25.18
N THR A 852 -30.89 -16.04 25.03
CA THR A 852 -31.62 -15.82 23.77
C THR A 852 -31.75 -14.33 23.44
N VAL A 853 -31.88 -14.06 22.14
CA VAL A 853 -32.05 -12.71 21.61
C VAL A 853 -33.13 -12.82 20.53
N GLY A 854 -34.39 -12.72 20.95
CA GLY A 854 -35.49 -13.11 20.09
C GLY A 854 -35.41 -14.59 19.71
N ASN A 855 -35.40 -14.86 18.39
CA ASN A 855 -35.32 -16.20 17.84
C ASN A 855 -33.94 -16.83 18.07
N ASN A 856 -32.93 -15.98 18.26
CA ASN A 856 -31.54 -16.39 18.32
C ASN A 856 -31.22 -17.12 19.63
N MET A 857 -30.43 -18.19 19.49
CA MET A 857 -29.92 -18.99 20.59
C MET A 857 -28.40 -18.84 20.64
N ILE A 858 -27.84 -18.64 21.84
CA ILE A 858 -26.41 -18.42 22.03
C ILE A 858 -25.63 -19.75 22.07
N ASN A 859 -24.87 -20.03 21.00
CA ASN A 859 -23.99 -21.19 20.92
C ASN A 859 -22.79 -20.98 19.98
N GLY A 860 -21.60 -21.51 20.31
CA GLY A 860 -20.46 -21.51 19.38
C GLY A 860 -19.60 -20.24 19.43
N LEU A 861 -19.18 -19.74 18.26
CA LEU A 861 -18.22 -18.64 18.14
C LEU A 861 -18.84 -17.42 17.44
N TYR A 862 -18.47 -16.19 17.86
CA TYR A 862 -19.11 -14.97 17.36
C TYR A 862 -18.14 -13.79 17.36
N VAL A 863 -18.35 -12.84 16.44
CA VAL A 863 -17.58 -11.59 16.42
C VAL A 863 -18.38 -10.53 17.16
N ALA A 864 -17.69 -9.67 17.92
CA ALA A 864 -18.32 -8.62 18.72
C ALA A 864 -17.47 -7.36 18.69
N SER A 865 -18.12 -6.19 18.82
CA SER A 865 -17.45 -4.89 18.82
C SER A 865 -16.49 -4.77 17.63
N GLN A 866 -15.23 -4.35 17.88
CA GLN A 866 -14.19 -4.32 16.86
C GLN A 866 -13.28 -5.54 16.98
N ASN A 867 -12.17 -5.43 17.72
CA ASN A 867 -11.20 -6.52 17.74
C ASN A 867 -11.56 -7.57 18.81
N THR A 868 -12.76 -8.20 18.76
CA THR A 868 -13.22 -9.03 19.87
C THR A 868 -13.98 -10.27 19.41
N LEU A 869 -13.64 -11.43 20.00
CA LEU A 869 -14.30 -12.69 19.74
C LEU A 869 -14.88 -13.22 21.04
N ILE A 870 -16.10 -13.76 20.94
CA ILE A 870 -16.70 -14.52 22.04
C ILE A 870 -16.82 -15.97 21.62
N TYR A 871 -16.28 -16.90 22.42
CA TYR A 871 -16.60 -18.31 22.31
C TYR A 871 -17.42 -18.75 23.52
N VAL A 872 -18.65 -19.27 23.28
CA VAL A 872 -19.51 -19.75 24.33
C VAL A 872 -19.69 -21.26 24.22
N VAL A 873 -19.53 -21.96 25.34
CA VAL A 873 -19.70 -23.42 25.37
C VAL A 873 -20.57 -23.90 26.56
N PRO A 874 -21.10 -25.14 26.56
CA PRO A 874 -21.76 -25.70 27.74
C PRO A 874 -20.88 -26.07 28.94
N ASN A 875 -21.51 -26.36 30.10
CA ASN A 875 -20.84 -26.34 31.40
C ASN A 875 -19.70 -27.36 31.45
N GLY A 876 -20.04 -28.60 31.14
CA GLY A 876 -19.07 -29.70 31.25
C GLY A 876 -18.00 -29.68 30.16
N SER A 877 -18.21 -28.89 29.10
CA SER A 877 -17.31 -28.82 27.96
C SER A 877 -16.21 -27.77 28.11
N PHE A 878 -16.27 -26.96 29.20
CA PHE A 878 -15.52 -25.72 29.40
C PHE A 878 -14.05 -25.96 29.72
N VAL A 879 -13.69 -26.90 30.59
CA VAL A 879 -12.26 -27.11 30.84
C VAL A 879 -11.63 -27.77 29.63
N GLY A 880 -10.40 -27.36 29.28
CA GLY A 880 -9.72 -27.92 28.12
C GLY A 880 -10.18 -27.34 26.77
N SER A 881 -11.25 -26.53 26.74
CA SER A 881 -11.69 -25.91 25.50
C SER A 881 -10.62 -24.95 24.96
N ASN A 882 -10.62 -24.67 23.63
CA ASN A 882 -9.51 -23.93 23.03
C ASN A 882 -9.82 -23.24 21.70
N ILE A 883 -9.01 -22.23 21.33
CA ILE A 883 -9.02 -21.63 20.01
C ILE A 883 -7.63 -21.67 19.38
N LYS A 884 -7.51 -22.07 18.10
CA LYS A 884 -6.24 -21.94 17.39
C LYS A 884 -6.34 -20.81 16.36
N LEU A 885 -5.37 -19.89 16.40
CA LEU A 885 -5.35 -18.75 15.49
C LEU A 885 -4.20 -18.95 14.51
N THR A 886 -4.46 -18.69 13.22
CA THR A 886 -3.40 -18.75 12.22
C THR A 886 -3.32 -17.43 11.50
N TYR A 887 -2.10 -16.93 11.29
CA TYR A 887 -1.90 -15.72 10.51
C TYR A 887 -1.04 -15.99 9.27
N THR A 888 -1.55 -15.69 8.06
CA THR A 888 -0.81 -15.80 6.81
C THR A 888 -0.52 -14.43 6.24
N THR A 889 0.67 -14.21 5.70
CA THR A 889 1.05 -12.89 5.22
C THR A 889 0.09 -12.35 4.15
N THR A 890 0.01 -11.02 4.01
CA THR A 890 -0.90 -10.34 3.10
C THR A 890 -0.19 -9.86 1.82
N ASP A 891 1.16 -9.87 1.81
CA ASP A 891 1.98 -9.31 0.73
C ASP A 891 2.72 -10.37 -0.09
N TYR A 892 2.62 -10.29 -1.43
CA TYR A 892 3.18 -11.25 -2.38
C TYR A 892 4.70 -11.31 -2.38
N ALA A 893 5.40 -10.27 -1.93
CA ALA A 893 6.85 -10.38 -1.76
C ALA A 893 7.24 -11.40 -0.70
N VAL A 894 6.53 -11.44 0.41
CA VAL A 894 6.82 -12.36 1.48
C VAL A 894 6.50 -13.79 1.05
N LEU A 895 5.43 -13.99 0.28
CA LEU A 895 5.16 -15.33 -0.23
C LEU A 895 6.25 -15.80 -1.19
N HIS A 896 6.91 -14.89 -1.93
CA HIS A 896 7.93 -15.22 -2.92
C HIS A 896 9.29 -15.56 -2.29
N TYR A 897 9.80 -14.73 -1.38
CA TYR A 897 11.14 -14.96 -0.86
C TYR A 897 11.16 -16.02 0.23
N PHE A 898 10.07 -16.17 1.02
CA PHE A 898 10.03 -17.09 2.17
C PHE A 898 9.25 -18.39 1.94
N TYR A 899 8.86 -18.76 0.71
CA TYR A 899 8.04 -19.95 0.55
C TYR A 899 8.74 -21.24 0.95
N SER A 900 10.05 -21.30 0.71
CA SER A 900 10.95 -22.41 1.01
C SER A 900 10.81 -22.92 2.45
N THR A 901 10.75 -21.99 3.40
CA THR A 901 10.96 -22.25 4.81
C THR A 901 9.65 -22.26 5.61
N GLY A 902 8.55 -21.78 5.01
CA GLY A 902 7.26 -21.62 5.68
C GLY A 902 7.22 -20.44 6.65
N GLN A 903 8.17 -19.52 6.53
CA GLN A 903 8.25 -18.39 7.42
C GLN A 903 7.16 -17.34 7.15
N TYR A 904 6.24 -17.60 6.22
CA TYR A 904 5.20 -16.63 5.90
C TYR A 904 3.93 -16.83 6.72
N LYS A 905 3.83 -17.95 7.48
CA LYS A 905 2.67 -18.26 8.32
C LYS A 905 3.08 -18.51 9.78
N VAL A 906 2.19 -18.20 10.74
CA VAL A 906 2.48 -18.39 12.16
C VAL A 906 1.23 -18.83 12.91
N PHE A 907 1.36 -19.50 14.08
CA PHE A 907 0.21 -20.00 14.85
C PHE A 907 0.26 -19.58 16.32
N LYS A 908 -0.89 -19.56 17.00
CA LYS A 908 -0.93 -19.51 18.46
C LYS A 908 -2.20 -20.20 18.95
N THR A 909 -2.21 -20.68 20.20
CA THR A 909 -3.39 -21.36 20.74
C THR A 909 -3.74 -20.88 22.15
N VAL A 910 -5.03 -20.63 22.42
CA VAL A 910 -5.49 -20.20 23.73
C VAL A 910 -6.40 -21.27 24.31
N SER A 911 -6.12 -21.77 25.53
CA SER A 911 -6.90 -22.84 26.15
C SER A 911 -7.16 -22.62 27.65
N VAL A 912 -8.30 -23.16 28.15
CA VAL A 912 -8.79 -22.93 29.50
C VAL A 912 -8.23 -23.98 30.45
N PRO A 913 -7.32 -23.64 31.39
CA PRO A 913 -6.74 -24.65 32.29
C PRO A 913 -7.66 -25.13 33.40
N ASN A 914 -7.34 -26.33 33.90
CA ASN A 914 -7.98 -26.99 35.03
C ASN A 914 -7.57 -26.32 36.35
N VAL A 915 -8.45 -26.27 37.38
CA VAL A 915 -8.19 -25.59 38.65
C VAL A 915 -8.55 -26.47 39.85
N THR A 916 -7.86 -26.28 40.99
CA THR A 916 -8.14 -27.07 42.20
C THR A 916 -9.40 -26.57 42.93
N ALA A 917 -10.21 -27.50 43.45
CA ALA A 917 -11.41 -27.16 44.21
C ALA A 917 -11.46 -27.96 45.52
N ASN A 918 -12.24 -27.47 46.50
CA ASN A 918 -12.30 -28.14 47.80
C ASN A 918 -13.60 -27.83 48.53
N LEU A 919 -14.00 -28.78 49.38
CA LEU A 919 -15.08 -28.63 50.32
C LEU A 919 -14.52 -28.79 51.73
N TYR A 920 -14.87 -27.90 52.67
CA TYR A 920 -14.36 -28.04 54.02
C TYR A 920 -15.29 -27.51 55.11
N PHE A 921 -15.30 -28.22 56.24
CA PHE A 921 -15.69 -27.67 57.54
C PHE A 921 -14.56 -26.80 58.08
N PRO A 922 -14.85 -25.76 58.90
CA PRO A 922 -13.80 -24.88 59.43
C PRO A 922 -12.85 -25.54 60.45
N SER A 923 -13.29 -26.66 61.04
CA SER A 923 -12.53 -27.41 62.04
C SER A 923 -12.75 -28.92 61.91
N SER A 924 -11.67 -29.68 62.14
CA SER A 924 -11.69 -31.14 62.16
C SER A 924 -12.62 -31.69 63.25
N THR A 925 -12.93 -30.86 64.26
CA THR A 925 -13.83 -31.23 65.36
C THR A 925 -14.82 -30.10 65.66
N THR A 926 -16.04 -30.49 66.06
CA THR A 926 -17.13 -29.55 66.34
C THR A 926 -17.99 -30.09 67.49
N PRO A 927 -18.49 -29.26 68.43
CA PRO A 927 -19.32 -29.75 69.52
C PRO A 927 -20.81 -29.84 69.19
N LEU A 928 -21.44 -30.89 69.76
CA LEU A 928 -22.90 -31.05 69.78
C LEU A 928 -23.58 -29.98 70.63
N TYR A 929 -22.81 -29.01 71.16
CA TYR A 929 -23.32 -27.82 71.82
C TYR A 929 -23.86 -26.82 70.79
N GLN A 930 -23.26 -26.79 69.59
CA GLN A 930 -23.65 -25.86 68.54
C GLN A 930 -24.88 -26.38 67.79
N LEU A 931 -25.80 -25.45 67.44
CA LEU A 931 -27.04 -25.78 66.72
C LEU A 931 -26.78 -26.02 65.23
N SER A 932 -25.75 -25.36 64.67
CA SER A 932 -25.46 -25.35 63.24
C SER A 932 -23.97 -25.07 63.03
N VAL A 933 -23.41 -25.50 61.88
CA VAL A 933 -22.01 -25.22 61.56
C VAL A 933 -21.83 -24.80 60.10
N PRO A 934 -20.77 -24.00 59.79
CA PRO A 934 -20.37 -23.73 58.41
C PRO A 934 -19.84 -24.95 57.65
N LEU A 935 -20.03 -24.91 56.32
CA LEU A 935 -19.48 -25.88 55.37
C LEU A 935 -19.24 -25.11 54.09
N TYR A 936 -17.96 -24.96 53.72
CA TYR A 936 -17.58 -24.06 52.64
C TYR A 936 -17.29 -24.85 51.37
N LEU A 937 -17.91 -24.44 50.26
CA LEU A 937 -17.55 -24.90 48.94
C LEU A 937 -16.69 -23.84 48.24
N SER A 938 -15.55 -24.28 47.68
CA SER A 938 -14.59 -23.39 47.05
C SER A 938 -14.24 -23.89 45.66
N GLU A 939 -14.62 -23.11 44.63
CA GLU A 939 -14.17 -23.35 43.28
C GLU A 939 -14.10 -22.05 42.52
N PRO A 940 -12.92 -21.64 41.98
CA PRO A 940 -12.80 -20.41 41.23
C PRO A 940 -13.80 -20.17 40.10
N TYR A 941 -14.11 -21.20 39.30
CA TYR A 941 -14.94 -21.04 38.13
C TYR A 941 -16.42 -20.84 38.46
N TYR A 942 -16.82 -21.07 39.70
CA TYR A 942 -18.18 -20.76 40.09
C TYR A 942 -18.34 -19.27 40.40
N GLY A 943 -17.24 -18.51 40.58
CA GLY A 943 -17.28 -17.12 41.06
C GLY A 943 -17.82 -16.14 40.02
N SER A 944 -18.53 -15.08 40.46
CA SER A 944 -19.12 -14.09 39.57
C SER A 944 -19.24 -12.70 40.23
N PRO A 945 -19.96 -11.69 39.67
CA PRO A 945 -20.34 -10.49 40.42
C PRO A 945 -21.47 -10.71 41.43
N LEU A 946 -21.49 -9.89 42.50
CA LEU A 946 -22.46 -10.03 43.59
C LEU A 946 -23.78 -9.36 43.24
N PRO A 947 -24.94 -9.86 43.75
CA PRO A 947 -25.01 -11.12 44.49
C PRO A 947 -25.13 -12.32 43.56
N THR A 948 -24.66 -13.47 44.08
CA THR A 948 -24.75 -14.75 43.39
C THR A 948 -24.95 -15.86 44.42
N TYR A 949 -25.78 -16.85 44.06
CA TYR A 949 -26.30 -17.75 45.07
C TYR A 949 -26.57 -19.12 44.48
N ILE A 950 -26.54 -20.15 45.36
CA ILE A 950 -26.72 -21.53 44.96
C ILE A 950 -27.84 -22.12 45.81
N GLY A 951 -28.97 -22.48 45.18
CA GLY A 951 -30.09 -23.08 45.89
C GLY A 951 -30.09 -24.61 45.78
N LEU A 952 -30.26 -25.28 46.93
CA LEU A 952 -30.24 -26.73 47.03
C LEU A 952 -31.65 -27.36 47.01
N GLY A 953 -31.76 -28.68 46.72
CA GLY A 953 -33.05 -29.36 46.85
C GLY A 953 -33.18 -30.75 46.22
N THR A 954 -34.32 -31.40 46.47
CA THR A 954 -34.73 -32.71 45.95
C THR A 954 -33.68 -33.79 46.21
N ASN A 955 -33.22 -34.49 45.16
CA ASN A 955 -32.15 -35.46 45.30
C ASN A 955 -30.80 -34.73 45.19
N GLY A 956 -30.55 -33.82 46.13
CA GLY A 956 -29.27 -33.17 46.32
C GLY A 956 -28.82 -32.26 45.16
N THR A 957 -29.77 -31.76 44.36
CA THR A 957 -29.47 -30.85 43.25
C THR A 957 -28.99 -29.48 43.75
N SER A 958 -28.21 -28.75 42.93
CA SER A 958 -27.71 -27.42 43.26
C SER A 958 -27.78 -26.49 42.04
N LEU A 959 -28.45 -25.32 42.19
CA LEU A 959 -28.73 -24.42 41.07
C LEU A 959 -28.14 -23.03 41.33
N TRP A 960 -27.28 -22.58 40.38
CA TRP A 960 -26.46 -21.38 40.46
C TRP A 960 -27.14 -20.24 39.74
N ASN A 961 -27.08 -19.04 40.35
CA ASN A 961 -27.81 -17.84 39.90
C ASN A 961 -27.00 -16.57 40.17
N SER A 962 -27.11 -15.58 39.29
CA SER A 962 -26.14 -14.48 39.28
C SER A 962 -26.68 -13.28 38.49
N PRO A 963 -27.69 -12.52 39.00
CA PRO A 963 -28.36 -11.46 38.22
C PRO A 963 -27.56 -10.25 37.74
N ASN A 964 -26.35 -10.03 38.28
CA ASN A 964 -25.47 -8.94 37.89
C ASN A 964 -24.43 -9.33 36.83
N TYR A 965 -24.44 -10.58 36.35
CA TYR A 965 -23.59 -10.99 35.25
C TYR A 965 -24.16 -10.46 33.93
N VAL A 966 -23.40 -9.61 33.23
CA VAL A 966 -23.76 -9.17 31.88
C VAL A 966 -22.49 -9.12 31.02
N LEU A 967 -22.64 -9.47 29.73
CA LEU A 967 -21.54 -9.49 28.78
C LEU A 967 -22.08 -9.10 27.40
N PHE A 968 -21.82 -7.84 27.00
CA PHE A 968 -22.26 -7.24 25.75
C PHE A 968 -23.78 -7.28 25.62
N GLY A 969 -24.47 -7.09 26.74
CA GLY A 969 -25.93 -7.01 26.70
C GLY A 969 -26.63 -8.35 26.95
N VAL A 970 -25.94 -9.46 26.71
CA VAL A 970 -26.47 -10.77 27.05
C VAL A 970 -26.23 -11.01 28.55
N SER A 971 -27.14 -11.77 29.20
CA SER A 971 -27.06 -12.00 30.64
C SER A 971 -27.27 -13.49 30.98
N ALA A 972 -26.65 -13.91 32.09
CA ALA A 972 -26.52 -15.32 32.49
C ALA A 972 -27.84 -15.90 32.99
N VAL A 973 -28.07 -17.18 32.66
CA VAL A 973 -29.27 -17.94 33.05
C VAL A 973 -28.89 -18.94 34.14
N GLN A 974 -29.90 -19.49 34.84
CA GLN A 974 -29.75 -20.46 35.93
C GLN A 974 -29.04 -21.76 35.50
N GLN A 975 -27.87 -22.03 36.09
CA GLN A 975 -27.03 -23.14 35.67
C GLN A 975 -27.07 -24.28 36.70
N TYR A 976 -27.16 -25.52 36.21
CA TYR A 976 -27.08 -26.70 37.06
C TYR A 976 -25.64 -27.24 37.03
N LEU A 977 -24.84 -26.91 38.07
CA LEU A 977 -23.39 -27.14 38.05
C LEU A 977 -22.96 -28.37 38.86
N GLY A 978 -23.84 -28.91 39.72
CA GLY A 978 -23.47 -30.09 40.51
C GLY A 978 -24.54 -30.60 41.47
N PHE A 979 -24.19 -31.67 42.22
CA PHE A 979 -25.10 -32.29 43.18
C PHE A 979 -24.37 -32.81 44.41
N ILE A 980 -25.03 -32.71 45.58
CA ILE A 980 -24.61 -33.39 46.81
C ILE A 980 -24.89 -34.88 46.64
N LYS A 981 -23.90 -35.72 46.98
CA LYS A 981 -23.95 -37.13 46.66
C LYS A 981 -24.50 -37.93 47.85
N SER A 982 -24.01 -37.66 49.07
CA SER A 982 -24.39 -38.42 50.27
C SER A 982 -24.06 -37.66 51.56
N ILE A 983 -24.78 -38.01 52.64
CA ILE A 983 -24.62 -37.42 53.97
C ILE A 983 -24.65 -38.55 54.98
N SER A 984 -23.53 -38.73 55.69
CA SER A 984 -23.28 -39.96 56.44
C SER A 984 -22.71 -39.65 57.82
N VAL A 985 -23.03 -40.53 58.79
CA VAL A 985 -22.41 -40.52 60.11
C VAL A 985 -21.91 -41.90 60.47
N THR A 986 -20.76 -41.96 61.17
CA THR A 986 -20.30 -43.17 61.83
C THR A 986 -20.44 -42.99 63.34
N LEU A 987 -21.14 -43.95 63.97
CA LEU A 987 -21.47 -43.93 65.39
C LEU A 987 -20.37 -44.60 66.23
N SER A 988 -20.50 -44.46 67.56
CA SER A 988 -19.47 -44.74 68.56
C SER A 988 -19.02 -46.20 68.62
N ASN A 989 -19.63 -47.11 67.83
CA ASN A 989 -19.27 -48.52 67.81
C ASN A 989 -18.84 -49.01 66.42
N GLY A 990 -18.74 -48.10 65.44
CA GLY A 990 -18.37 -48.43 64.06
C GLY A 990 -19.56 -48.57 63.10
N THR A 991 -20.78 -48.70 63.64
CA THR A 991 -22.00 -48.67 62.86
C THR A 991 -22.09 -47.36 62.08
N THR A 992 -22.54 -47.41 60.82
CA THR A 992 -22.64 -46.22 59.98
C THR A 992 -24.06 -46.08 59.45
N VAL A 993 -24.57 -44.84 59.50
CA VAL A 993 -25.88 -44.51 58.98
C VAL A 993 -25.71 -43.50 57.84
N VAL A 994 -26.39 -43.77 56.72
CA VAL A 994 -26.48 -42.81 55.63
C VAL A 994 -27.91 -42.27 55.63
N ILE A 995 -28.05 -40.94 55.75
CA ILE A 995 -29.35 -40.33 55.90
C ILE A 995 -29.95 -40.17 54.51
N PRO A 996 -31.14 -40.75 54.22
CA PRO A 996 -31.69 -40.68 52.86
C PRO A 996 -32.11 -39.25 52.51
N LEU A 997 -31.83 -38.84 51.27
CA LEU A 997 -31.98 -37.45 50.88
C LEU A 997 -33.41 -37.16 50.44
N THR A 998 -34.36 -37.36 51.37
CA THR A 998 -35.75 -36.99 51.16
C THR A 998 -35.88 -35.47 51.21
N THR A 999 -37.00 -34.96 50.66
CA THR A 999 -37.30 -33.53 50.73
C THR A 999 -37.31 -33.05 52.18
N SER A 1000 -38.04 -33.76 53.04
CA SER A 1000 -38.12 -33.48 54.48
C SER A 1000 -36.74 -33.45 55.14
N ASN A 1001 -35.84 -34.35 54.73
CA ASN A 1001 -34.51 -34.45 55.31
C ASN A 1001 -33.64 -33.25 54.89
N MET A 1002 -33.66 -32.86 53.61
CA MET A 1002 -32.94 -31.68 53.17
C MET A 1002 -33.53 -30.42 53.81
N GLN A 1003 -34.87 -30.37 53.94
CA GLN A 1003 -35.61 -29.29 54.58
C GLN A 1003 -35.17 -29.07 56.02
N THR A 1004 -35.06 -30.15 56.81
CA THR A 1004 -34.68 -30.04 58.22
C THR A 1004 -33.19 -29.74 58.37
N LEU A 1005 -32.38 -30.31 57.48
CA LEU A 1005 -30.94 -30.30 57.67
C LEU A 1005 -30.32 -28.98 57.20
N PHE A 1006 -30.93 -28.31 56.21
CA PHE A 1006 -30.43 -27.01 55.77
C PHE A 1006 -31.56 -25.99 55.59
N PRO A 1007 -32.27 -25.51 56.65
CA PRO A 1007 -33.37 -24.56 56.51
C PRO A 1007 -33.02 -23.28 55.75
N GLN A 1008 -31.77 -22.82 55.92
CA GLN A 1008 -31.11 -21.88 55.04
C GLN A 1008 -30.67 -22.64 53.78
N LEU A 1009 -31.63 -22.87 52.88
CA LEU A 1009 -31.47 -23.77 51.73
C LEU A 1009 -30.52 -23.24 50.65
N VAL A 1010 -29.87 -22.08 50.89
CA VAL A 1010 -29.16 -21.34 49.84
C VAL A 1010 -27.78 -20.89 50.33
N GLY A 1011 -26.77 -21.03 49.45
CA GLY A 1011 -25.41 -20.55 49.70
C GLY A 1011 -25.16 -19.21 49.02
N GLN A 1012 -24.24 -18.41 49.59
CA GLN A 1012 -24.01 -17.04 49.15
C GLN A 1012 -22.52 -16.80 48.92
N GLU A 1013 -22.17 -16.07 47.86
CA GLU A 1013 -20.76 -15.76 47.59
C GLU A 1013 -20.24 -14.71 48.57
N LEU A 1014 -19.05 -14.94 49.13
CA LEU A 1014 -18.51 -14.12 50.20
C LEU A 1014 -17.88 -12.82 49.71
N GLN A 1015 -17.23 -12.84 48.54
CA GLN A 1015 -16.59 -11.66 47.96
C GLN A 1015 -16.63 -11.74 46.43
N ALA A 1016 -16.67 -10.58 45.77
CA ALA A 1016 -16.83 -10.52 44.31
C ALA A 1016 -15.73 -11.33 43.59
N CYS A 1017 -16.17 -12.16 42.63
CA CYS A 1017 -15.33 -13.01 41.78
C CYS A 1017 -14.41 -13.94 42.59
N ASN A 1018 -14.69 -14.16 43.88
CA ASN A 1018 -14.03 -15.18 44.71
C ASN A 1018 -14.77 -16.50 44.53
N GLY A 1019 -14.05 -17.62 44.61
CA GLY A 1019 -14.68 -18.90 44.30
C GLY A 1019 -15.54 -19.50 45.43
N THR A 1020 -15.86 -18.73 46.50
CA THR A 1020 -16.26 -19.34 47.76
C THR A 1020 -17.69 -18.98 48.16
N PHE A 1021 -18.41 -20.01 48.60
CA PHE A 1021 -19.77 -19.95 49.09
C PHE A 1021 -19.86 -20.66 50.44
N GLN A 1022 -20.70 -20.14 51.35
CA GLN A 1022 -20.92 -20.72 52.67
C GLN A 1022 -22.28 -21.37 52.76
N PHE A 1023 -22.31 -22.69 53.02
CA PHE A 1023 -23.52 -23.39 53.42
C PHE A 1023 -23.54 -23.54 54.95
N GLY A 1024 -24.74 -23.80 55.50
CA GLY A 1024 -24.93 -24.02 56.93
C GLY A 1024 -25.74 -25.28 57.24
N ILE A 1025 -25.09 -26.24 57.91
CA ILE A 1025 -25.66 -27.56 58.16
C ILE A 1025 -26.10 -27.68 59.62
N SER A 1026 -27.35 -28.12 59.81
CA SER A 1026 -28.04 -27.98 61.09
C SER A 1026 -27.76 -29.18 61.99
N ILE A 1027 -26.86 -29.01 62.98
CA ILE A 1027 -26.52 -30.07 63.92
C ILE A 1027 -27.72 -30.40 64.83
N THR A 1028 -28.48 -29.38 65.25
CA THR A 1028 -29.71 -29.62 66.02
C THR A 1028 -30.73 -30.41 65.18
N GLY A 1029 -30.66 -30.24 63.86
CA GLY A 1029 -31.36 -31.10 62.92
C GLY A 1029 -30.79 -32.52 62.98
N LEU A 1030 -29.47 -32.65 62.75
CA LEU A 1030 -28.77 -33.92 62.62
C LEU A 1030 -29.07 -34.84 63.80
N GLU A 1031 -29.14 -34.27 65.01
CA GLU A 1031 -29.51 -35.00 66.22
C GLU A 1031 -30.87 -35.69 66.06
N LYS A 1032 -31.90 -34.89 65.78
CA LYS A 1032 -33.27 -35.36 65.71
C LYS A 1032 -33.49 -36.23 64.47
N LEU A 1033 -32.84 -35.86 63.37
CA LEU A 1033 -32.91 -36.50 62.06
C LEU A 1033 -32.47 -37.97 62.12
N LEU A 1034 -31.46 -38.27 62.94
CA LEU A 1034 -30.97 -39.62 63.15
C LEU A 1034 -31.90 -40.45 64.05
N ASN A 1035 -32.82 -39.78 64.77
CA ASN A 1035 -33.63 -40.37 65.84
C ASN A 1035 -32.78 -41.01 66.93
N LEU A 1036 -31.57 -40.49 67.13
CA LEU A 1036 -30.60 -41.08 68.05
C LEU A 1036 -30.76 -40.47 69.45
N ASN A 1037 -30.25 -41.20 70.46
CA ASN A 1037 -30.10 -40.69 71.82
C ASN A 1037 -29.09 -39.53 71.80
N VAL A 1038 -29.62 -38.31 71.96
CA VAL A 1038 -29.06 -37.04 71.51
C VAL A 1038 -27.56 -36.91 71.79
N GLN A 1039 -27.15 -37.12 73.05
CA GLN A 1039 -25.77 -36.92 73.47
C GLN A 1039 -25.17 -38.20 74.07
N GLN A 1040 -26.04 -39.12 74.51
CA GLN A 1040 -25.67 -40.30 75.30
C GLN A 1040 -24.76 -41.24 74.49
N LEU A 1041 -25.19 -41.58 73.27
CA LEU A 1041 -24.50 -42.53 72.42
C LEU A 1041 -23.67 -41.84 71.33
N ASN A 1042 -23.81 -40.51 71.23
CA ASN A 1042 -23.57 -39.76 70.01
C ASN A 1042 -22.16 -39.17 69.97
N ASN A 1043 -21.15 -39.93 70.40
CA ASN A 1043 -19.78 -39.63 69.99
C ASN A 1043 -19.59 -40.14 68.56
N SER A 1044 -19.74 -39.25 67.56
CA SER A 1044 -19.93 -39.62 66.15
C SER A 1044 -19.02 -38.82 65.20
N ILE A 1045 -18.79 -39.36 63.99
CA ILE A 1045 -18.08 -38.64 62.93
C ILE A 1045 -19.06 -38.36 61.79
N LEU A 1046 -18.99 -37.14 61.22
CA LEU A 1046 -19.85 -36.66 60.14
C LEU A 1046 -19.05 -36.56 58.83
N SER A 1047 -19.62 -37.07 57.72
CA SER A 1047 -18.93 -37.15 56.43
C SER A 1047 -19.88 -36.92 55.25
N VAL A 1048 -19.50 -36.00 54.35
CA VAL A 1048 -20.37 -35.53 53.27
C VAL A 1048 -19.58 -35.34 51.97
N THR A 1049 -20.29 -35.46 50.84
CA THR A 1049 -19.67 -35.53 49.53
C THR A 1049 -20.53 -34.82 48.46
N TYR A 1050 -19.85 -34.17 47.50
CA TYR A 1050 -20.45 -33.39 46.42
C TYR A 1050 -19.73 -33.67 45.11
N HIS A 1051 -20.47 -33.53 44.01
CA HIS A 1051 -19.98 -33.79 42.68
C HIS A 1051 -20.17 -32.53 41.84
N ASP A 1052 -19.12 -32.10 41.11
CA ASP A 1052 -19.25 -30.96 40.21
C ASP A 1052 -18.94 -31.33 38.77
N TYR A 1053 -19.77 -30.79 37.88
CA TYR A 1053 -19.65 -31.18 36.49
C TYR A 1053 -18.48 -30.48 35.78
N VAL A 1054 -17.95 -29.39 36.34
CA VAL A 1054 -17.00 -28.54 35.66
C VAL A 1054 -15.63 -29.18 35.66
N THR A 1055 -15.22 -29.77 36.79
CA THR A 1055 -13.96 -30.49 36.87
C THR A 1055 -14.16 -31.98 36.63
N GLY A 1056 -15.37 -32.46 36.97
CA GLY A 1056 -15.69 -33.88 36.94
C GLY A 1056 -15.22 -34.62 38.20
N GLU A 1057 -14.71 -33.87 39.18
CA GLU A 1057 -14.26 -34.45 40.44
C GLU A 1057 -15.42 -34.61 41.44
N THR A 1058 -15.20 -35.44 42.46
CA THR A 1058 -15.95 -35.34 43.70
C THR A 1058 -15.12 -34.69 44.80
N LEU A 1059 -15.80 -33.89 45.62
CA LEU A 1059 -15.24 -33.29 46.82
C LEU A 1059 -15.88 -33.94 48.05
N THR A 1060 -15.07 -34.19 49.08
CA THR A 1060 -15.52 -34.82 50.31
C THR A 1060 -14.95 -34.14 51.55
N ALA A 1061 -15.74 -34.09 52.65
CA ALA A 1061 -15.42 -33.34 53.86
C ALA A 1061 -15.97 -34.01 55.12
N THR A 1062 -15.26 -33.86 56.25
CA THR A 1062 -15.59 -34.53 57.51
C THR A 1062 -15.32 -33.63 58.74
N THR A 1063 -16.02 -33.94 59.85
CA THR A 1063 -15.74 -33.37 61.18
C THR A 1063 -16.14 -34.38 62.26
N LYS A 1064 -15.41 -34.41 63.39
CA LYS A 1064 -15.84 -35.20 64.55
C LYS A 1064 -16.83 -34.39 65.39
N LEU A 1065 -17.94 -35.02 65.75
CA LEU A 1065 -18.96 -34.47 66.64
C LEU A 1065 -18.67 -34.91 68.08
N VAL A 1066 -18.45 -33.94 68.98
CA VAL A 1066 -18.03 -34.20 70.36
C VAL A 1066 -19.04 -33.67 71.37
N ALA A 1067 -19.08 -34.33 72.54
CA ALA A 1067 -19.86 -33.91 73.69
C ALA A 1067 -19.18 -34.34 74.99
N LEU A 1068 -19.57 -33.69 76.11
CA LEU A 1068 -18.94 -33.81 77.43
C LEU A 1068 -18.90 -35.27 77.90
N SER A 1069 -17.69 -35.76 78.18
CA SER A 1069 -17.40 -37.15 78.49
C SER A 1069 -16.48 -37.25 79.72
C1 NAG B . -5.95 44.28 17.69
C2 NAG B . -6.49 43.30 16.67
C3 NAG B . -7.72 42.44 16.97
C4 NAG B . -8.23 42.48 18.44
C5 NAG B . -7.74 43.66 19.28
C6 NAG B . -7.39 43.27 20.68
C7 NAG B . -7.30 44.03 14.49
C8 NAG B . -8.52 44.79 14.06
N2 NAG B . -6.92 44.29 15.74
O3 NAG B . -7.45 41.07 16.57
O4 NAG B . -9.65 42.41 18.41
O5 NAG B . -6.39 43.87 18.93
O6 NAG B . -6.43 42.19 20.57
O7 NAG B . -6.72 43.25 13.74
C1 NAG B . -9.98 41.07 18.81
C2 NAG B . -11.30 41.06 19.59
C3 NAG B . -12.09 39.79 19.29
C4 NAG B . -12.37 39.62 17.79
C5 NAG B . -11.12 39.90 16.92
C6 NAG B . -11.39 41.01 15.91
C7 NAG B . -11.40 42.24 21.74
C8 NAG B . -12.32 41.93 22.89
N2 NAG B . -11.02 41.18 21.01
O3 NAG B . -13.33 39.78 20.01
O4 NAG B . -12.79 38.28 17.55
O5 NAG B . -9.96 40.12 17.73
O6 NAG B . -10.37 41.13 14.90
O7 NAG B . -11.04 43.38 21.49
C1 MAN B . -10.32 40.07 13.90
C2 MAN B . -9.16 40.34 12.95
C3 MAN B . -9.60 41.18 11.73
C4 MAN B . -10.85 40.65 11.02
C5 MAN B . -11.99 40.31 12.00
C6 MAN B . -13.04 39.41 11.36
O2 MAN B . -8.70 39.05 12.57
O3 MAN B . -8.51 41.32 10.81
O4 MAN B . -11.31 41.62 10.07
O5 MAN B . -11.53 39.66 13.21
O6 MAN B . -14.20 39.29 12.20
C1 NAG C . -5.94 62.47 18.55
C2 NAG C . -5.38 62.09 19.94
C3 NAG C . -6.47 61.54 20.86
C4 NAG C . -7.65 62.51 21.02
C5 NAG C . -8.15 62.95 19.62
C6 NAG C . -9.09 64.15 19.70
C7 NAG C . -3.00 61.47 19.99
C8 NAG C . -2.05 60.32 20.15
N2 NAG C . -4.29 61.14 19.81
O3 NAG C . -5.93 61.13 22.13
O4 NAG C . -8.71 61.89 21.76
O5 NAG C . -7.09 63.32 18.72
O6 NAG C . -9.56 64.49 18.39
O7 NAG C . -2.61 62.63 20.04
C1 NAG C . -8.98 62.53 23.02
C2 NAG C . -10.42 62.12 23.40
C3 NAG C . -10.75 62.07 24.90
C4 NAG C . -9.56 61.85 25.84
C5 NAG C . -8.31 62.61 25.36
C6 NAG C . -7.11 62.37 26.28
C7 NAG C . -11.95 62.69 21.55
C8 NAG C . -12.58 63.84 20.81
N2 NAG C . -11.35 63.02 22.71
O3 NAG C . -11.73 61.04 25.13
O4 NAG C . -9.94 62.25 27.17
O5 NAG C . -8.01 62.20 24.01
O6 NAG C . -5.93 62.04 25.55
O7 NAG C . -12.01 61.55 21.13
C1 NAG D . 1.59 11.08 6.08
C2 NAG D . 0.99 12.15 6.89
C3 NAG D . -0.46 11.79 7.19
C4 NAG D . -1.33 11.55 5.96
C5 NAG D . -0.50 10.59 5.20
C6 NAG D . -1.14 10.55 3.84
C7 NAG D . 2.15 13.27 8.68
C8 NAG D . 3.06 13.03 9.85
N2 NAG D . 1.73 12.16 8.11
O3 NAG D . -1.13 12.75 8.07
O4 NAG D . -2.59 10.92 6.30
O5 NAG D . 0.74 11.20 4.97
O6 NAG D . -1.91 9.34 3.74
O7 NAG D . 1.86 14.41 8.30
C1 NAG D . -3.79 11.74 6.33
C2 NAG D . -5.05 10.99 5.93
C3 NAG D . -6.33 11.76 6.11
C4 NAG D . -6.38 12.47 7.41
C5 NAG D . -5.05 13.10 7.71
C6 NAG D . -5.04 13.66 9.14
C7 NAG D . -5.27 9.39 4.06
C8 NAG D . -5.56 9.23 2.59
N2 NAG D . -4.95 10.61 4.53
O3 NAG D . -7.39 10.79 6.15
O4 NAG D . -7.33 13.55 7.33
O5 NAG D . -4.05 12.12 7.63
O6 NAG D . -3.69 13.85 9.61
O7 NAG D . -5.35 8.46 4.84
C1 YZT D . -8.32 10.82 5.05
C2 YZT D . -9.59 10.03 5.41
C3 YZT D . -10.52 9.94 4.22
C4 YZT D . -10.80 11.31 3.63
C5 YZT D . -9.52 12.10 3.41
C6 YZT D . -9.81 13.56 3.08
O1S6 YZT D . -7.92 14.90 4.16
O2 YZT D . -9.26 8.74 5.89
O2S6 YZT D . -7.41 13.64 2.12
O3 YZT D . -11.74 9.33 4.62
O3S6 YZT D . -8.80 15.64 1.98
O4 YZT D . -11.45 11.16 2.37
O5 YZT D . -8.69 12.11 4.60
S6 YZT D . -8.37 14.51 2.72
C2 BGC D . -13.24 12.06 1.00
C3 BGC D . -14.69 12.57 1.00
C4 BGC D . -15.64 11.83 1.97
C5 BGC D . -14.95 11.48 3.29
C6 BGC D . -15.82 10.57 4.17
C1 BGC D . -12.76 11.70 2.41
O2 BGC D . -12.40 13.08 0.46
O3 BGC D . -15.21 12.48 -0.34
O4 BGC D . -16.80 12.65 2.18
O5 BGC D . -13.70 10.83 3.06
O6 BGC D . -16.29 11.30 5.31
C1 MAN D . -8.63 13.18 7.85
C2 MAN D . -9.75 13.99 7.20
C3 MAN D . -9.88 15.38 7.86
C4 MAN D . -9.90 15.29 9.38
C5 MAN D . -8.74 14.45 9.89
C6 MAN D . -8.75 14.25 11.40
O2 MAN D . -10.98 13.25 7.29
O3 MAN D . -11.06 16.05 7.39
O4 MAN D . -9.82 16.62 9.91
O5 MAN D . -8.75 13.16 9.29
O6 MAN D . -7.40 14.31 11.89
C1 MAN D . -3.67 14.80 10.69
C2 MAN D . -2.60 15.86 10.46
C3 MAN D . -1.21 15.28 10.65
C4 MAN D . -1.09 14.53 11.96
C5 MAN D . -2.23 13.51 12.05
C6 MAN D . -2.22 12.66 13.31
O2 MAN D . -2.81 16.93 11.39
O3 MAN D . -0.24 16.32 10.61
O4 MAN D . 0.19 13.88 11.97
O5 MAN D . -3.48 14.19 11.97
O6 MAN D . -2.90 11.43 13.02
C1 NAG E . 14.74 8.06 -15.23
C2 NAG E . 16.11 8.66 -15.47
C3 NAG E . 16.47 9.06 -16.91
C4 NAG E . 15.36 9.01 -17.96
C5 NAG E . 14.08 8.34 -17.47
C6 NAG E . 13.48 7.54 -18.60
C7 NAG E . 16.77 9.95 -13.56
C8 NAG E . 16.02 10.64 -12.45
N2 NAG E . 16.12 9.87 -14.73
O3 NAG E . 17.51 8.20 -17.35
O4 NAG E . 15.08 10.32 -18.48
O5 NAG E . 14.32 7.44 -16.41
O6 NAG E . 12.16 8.03 -18.90
O7 NAG E . 17.89 9.50 -13.41
C1 NAG E . 15.50 10.38 -19.87
C2 NAG E . 14.57 11.25 -20.74
C3 NAG E . 15.11 11.55 -22.15
C4 NAG E . 16.62 11.34 -22.41
C5 NAG E . 17.30 10.47 -21.35
C6 NAG E . 18.82 10.63 -21.37
C7 NAG E . 12.15 11.15 -20.81
C8 NAG E . 11.01 10.34 -21.37
N2 NAG E . 13.33 10.55 -20.89
O3 NAG E . 14.79 12.91 -22.47
O4 NAG E . 16.77 10.74 -23.70
O5 NAG E . 16.83 10.84 -20.05
O6 NAG E . 19.36 10.05 -20.17
O7 NAG E . 11.97 12.26 -20.34
C1 NAG F . 10.73 -17.62 -57.79
C2 NAG F . 11.71 -17.13 -58.80
C3 NAG F . 11.18 -17.30 -60.29
C4 NAG F . 9.85 -18.14 -60.68
C5 NAG F . 8.95 -18.41 -59.46
C6 NAG F . 7.95 -19.56 -59.83
C7 NAG F . 12.97 -15.24 -57.52
C8 NAG F . 12.62 -14.12 -56.53
N2 NAG F . 11.96 -15.74 -58.29
O3 NAG F . 12.44 -17.69 -60.94
O4 NAG F . 8.87 -17.74 -61.75
O5 NAG F . 9.81 -18.61 -58.30
O6 NAG F . 6.55 -19.41 -59.41
O7 NAG F . 14.12 -15.61 -57.61
C1 NAG F . 9.30 -17.83 -63.16
C2 NAG F . 8.71 -18.78 -64.25
C3 NAG F . 9.17 -18.90 -65.73
C4 NAG F . 9.58 -17.49 -66.07
C5 NAG F . 10.03 -16.66 -64.84
C6 NAG F . 10.17 -15.25 -65.24
C7 NAG F . 8.19 -20.91 -63.59
C8 NAG F . 8.77 -22.25 -63.41
N2 NAG F . 9.15 -20.02 -63.78
O3 NAG F . 8.23 -19.44 -66.80
O4 NAG F . 10.69 -17.66 -66.92
O5 NAG F . 9.05 -16.65 -63.81
O6 NAG F . 10.87 -14.49 -64.21
O7 NAG F . 6.99 -20.66 -63.63
C1 YZT F . 8.23 -20.84 -67.05
C2 YZT F . 7.02 -21.39 -67.92
C3 YZT F . 7.06 -22.90 -68.12
C4 YZT F . 8.55 -23.41 -68.22
C5 YZT F . 9.62 -22.67 -67.29
C6 YZT F . 11.10 -23.10 -67.24
O1S6 YZT F . 12.10 -21.73 -65.13
O2 YZT F . 5.75 -21.04 -67.35
O2S6 YZT F . 12.60 -21.08 -67.43
O3 YZT F . 6.13 -23.42 -69.14
O3S6 YZT F . 13.63 -23.07 -66.51
O4 YZT F . 8.53 -24.69 -67.72
O5 YZT F . 9.50 -21.29 -67.56
S6 YZT F . 12.45 -22.25 -66.44
C1 NAG G . 1.47 -6.75 -51.41
C2 NAG G . 2.33 -5.53 -51.64
C3 NAG G . 1.46 -4.30 -51.84
C4 NAG G . 0.42 -4.53 -52.92
C5 NAG G . -0.22 -5.90 -52.81
C6 NAG G . -0.97 -6.25 -54.09
C7 NAG G . 4.51 -5.25 -50.69
C8 NAG G . 5.26 -4.49 -49.63
N2 NAG G . 3.19 -5.33 -50.51
O3 NAG G . 2.25 -3.15 -52.22
O4 NAG G . -0.66 -3.57 -52.82
O5 NAG G . 0.78 -6.88 -52.64
O6 NAG G . -1.58 -7.53 -53.92
O7 NAG G . 5.07 -5.75 -51.65
C1 NAG G . -0.64 -2.54 -53.83
C2 NAG G . -2.04 -1.97 -54.00
C3 NAG G . -2.10 -0.63 -54.71
C4 NAG G . -0.99 0.31 -54.26
C5 NAG G . 0.32 -0.44 -54.43
C6 NAG G . 1.57 0.38 -54.15
C7 NAG G . -3.87 -3.48 -54.37
C8 NAG G . -4.46 -4.52 -55.27
N2 NAG G . -2.75 -2.92 -54.82
O3 NAG G . -3.39 -0.04 -54.52
O4 NAG G . -1.02 1.48 -55.07
O5 NAG G . 0.29 -1.51 -53.51
O6 NAG G . 1.68 0.69 -52.76
O7 NAG G . -4.39 -3.17 -53.30
C1 YZT G . -4.09 -0.10 -55.79
C2 YZT G . -5.61 -0.05 -55.65
C3 YZT G . -6.27 1.02 -56.54
C4 YZT G . -5.74 1.00 -57.98
C5 YZT G . -4.26 0.66 -58.05
C6 YZT G . -3.47 1.45 -59.08
O1S6 YZT G . -1.13 1.03 -58.03
O2 YZT G . -6.16 -1.34 -55.91
O2S6 YZT G . -1.95 -0.56 -59.68
O3 YZT G . -6.10 2.32 -55.96
O3S6 YZT G . -1.24 1.68 -60.37
O4 YZT G . -6.46 0.05 -58.76
O5 YZT G . -3.65 0.87 -56.76
S6 YZT G . -1.84 0.84 -59.39
C1 NAG H . -5.52 -31.88 -42.73
C2 NAG H . -6.02 -33.25 -42.39
C3 NAG H . -4.88 -34.22 -42.58
C4 NAG H . -4.19 -34.06 -43.95
C5 NAG H . -3.98 -32.58 -44.26
C6 NAG H . -3.65 -32.31 -45.72
C7 NAG H . -7.63 -33.45 -40.54
C8 NAG H . -7.80 -34.68 -39.68
N2 NAG H . -6.39 -33.27 -40.99
O3 NAG H . -5.40 -35.55 -42.40
O4 NAG H . -2.89 -34.62 -44.02
O5 NAG H . -5.20 -31.92 -44.08
O6 NAG H . -4.50 -33.02 -46.64
O7 NAG H . -8.54 -32.68 -40.79
C1 NAG H . -2.87 -35.94 -44.56
C2 NAG H . -1.56 -36.23 -45.26
C3 NAG H . -1.37 -37.73 -45.59
C4 NAG H . -1.76 -38.64 -44.41
C5 NAG H . -3.10 -38.20 -43.85
C6 NAG H . -3.49 -38.89 -42.57
C7 NAG H . -0.56 -34.54 -46.61
C8 NAG H . 0.28 -34.71 -47.84
N2 NAG H . -1.50 -35.45 -46.46
O3 NAG H . 0.03 -37.91 -45.86
O4 NAG H . -1.87 -39.98 -44.86
O5 NAG H . -2.98 -36.84 -43.47
O6 NAG H . -4.79 -38.42 -42.19
O7 NAG H . -0.35 -33.65 -45.81
C1 YZT H . 0.30 -38.42 -47.18
C2 YZT H . 1.79 -38.76 -47.30
C3 YZT H . 2.15 -39.32 -48.68
C4 YZT H . 1.17 -40.40 -49.15
C5 YZT H . -0.28 -39.92 -48.98
C6 YZT H . -1.34 -40.96 -49.31
O1S6 YZT H . -3.18 -39.12 -49.27
O2 YZT H . 2.57 -37.61 -47.00
O2S6 YZT H . -3.21 -40.80 -47.51
O3 YZT H . 3.48 -39.85 -48.63
O3S6 YZT H . -3.85 -41.42 -49.79
O4 YZT H . 1.40 -40.69 -50.53
O5 YZT H . -0.49 -39.54 -47.60
S6 YZT H . -3.03 -40.52 -49.03
C1 MAN H . -0.86 -40.82 -44.24
C2 MAN H . -0.38 -41.89 -45.24
C3 MAN H . -0.68 -43.33 -44.76
C4 MAN H . -2.08 -43.47 -44.16
C5 MAN H . -2.38 -42.37 -43.13
C6 MAN H . -2.74 -42.94 -41.75
O2 MAN H . 1.02 -41.71 -45.51
O3 MAN H . 0.28 -43.75 -43.79
O4 MAN H . -3.08 -43.41 -45.20
O5 MAN H . -1.29 -41.43 -43.00
O6 MAN H . -4.16 -42.90 -41.60
C1 MAN H . -5.67 -39.56 -42.07
C2 MAN H . -7.11 -39.11 -42.31
C3 MAN H . -7.67 -38.35 -41.10
C4 MAN H . -7.41 -39.07 -39.76
C5 MAN H . -5.96 -39.56 -39.63
C6 MAN H . -5.77 -40.49 -38.44
O2 MAN H . -7.91 -40.26 -42.62
O3 MAN H . -9.08 -38.15 -41.25
O4 MAN H . -7.71 -38.17 -38.68
O5 MAN H . -5.57 -40.28 -40.82
O6 MAN H . -4.41 -40.41 -37.99
C1 NAG I . -8.18 19.28 -7.21
C2 NAG I . -8.95 19.26 -8.52
C3 NAG I . -9.84 20.48 -8.73
C4 NAG I . -10.65 20.82 -7.48
C5 NAG I . -9.66 20.96 -6.36
C6 NAG I . -10.44 21.19 -5.10
C7 NAG I . -8.03 18.07 -10.38
C8 NAG I . -7.37 18.25 -11.72
N2 NAG I . -8.04 19.15 -9.62
O3 NAG I . -10.74 20.19 -9.82
O4 NAG I . -11.39 22.02 -7.67
O5 NAG I . -9.07 19.69 -6.17
O6 NAG I . -9.57 21.49 -4.00
O7 NAG I . -8.50 16.99 -10.04
C1 NAG I . -12.82 21.85 -7.56
C2 NAG I . -13.44 23.20 -7.22
C3 NAG I . -14.88 23.44 -7.67
C4 NAG I . -15.56 22.34 -8.50
C5 NAG I . -14.77 21.03 -8.53
C6 NAG I . -15.26 20.09 -9.62
C7 NAG I . -12.89 24.51 -5.27
C8 NAG I . -13.28 24.74 -3.84
N2 NAG I . -13.38 23.40 -5.80
O3 NAG I . -14.87 24.64 -8.45
O4 NAG I . -16.85 22.09 -7.96
O5 NAG I . -13.41 21.37 -8.75
O6 NAG I . -14.39 18.95 -9.67
O7 NAG I . -12.15 25.30 -5.85
C1 YZT I . -15.51 25.77 -7.81
C2 YZT I . -16.49 26.41 -8.77
C3 YZT I . -17.23 27.61 -8.15
C4 YZT I . -17.77 27.28 -6.76
C5 YZT I . -16.67 26.65 -5.88
C6 YZT I . -17.12 26.26 -4.49
O1S6 YZT I . -18.30 24.86 -2.70
O2 YZT I . -15.83 26.79 -9.99
O2S6 YZT I . -19.44 25.10 -4.84
O3 YZT I . -18.29 28.02 -9.01
O3S6 YZT I . -17.44 23.68 -4.63
O4 YZT I . -18.26 28.47 -6.13
O5 YZT I . -16.15 25.49 -6.54
S6 YZT I . -18.16 24.85 -4.24
C1 MAN I . -17.85 22.74 -8.79
C2 MAN I . -18.92 23.40 -7.91
C3 MAN I . -19.86 22.34 -7.29
C4 MAN I . -20.35 21.27 -8.28
C5 MAN I . -19.21 20.76 -9.19
C6 MAN I . -19.66 19.83 -10.31
O2 MAN I . -19.66 24.35 -8.69
O3 MAN I . -20.97 22.97 -6.63
O4 MAN I . -20.88 20.17 -7.53
O5 MAN I . -18.46 21.87 -9.75
O6 MAN I . -18.62 18.88 -10.56
C1 MAN I . -14.68 18.12 -10.83
C2 MAN I . -13.88 16.82 -10.70
C3 MAN I . -12.38 17.10 -10.93
C4 MAN I . -12.14 17.83 -12.26
C5 MAN I . -13.04 19.06 -12.39
C6 MAN I . -12.99 19.68 -13.79
O2 MAN I . -14.38 15.86 -11.64
O3 MAN I . -11.63 15.89 -10.85
O4 MAN I . -10.77 18.21 -12.35
O5 MAN I . -14.42 18.74 -12.11
O6 MAN I . -13.24 21.09 -13.69
C1 NAG J . 18.84 -22.53 -21.85
C2 NAG J . 18.34 -23.86 -22.28
C3 NAG J . 17.39 -24.40 -21.20
C4 NAG J . 18.01 -24.53 -19.80
C5 NAG J . 18.82 -23.27 -19.48
C6 NAG J . 19.85 -23.59 -18.41
C7 NAG J . 17.75 -24.35 -24.50
C8 NAG J . 18.05 -23.60 -25.76
N2 NAG J . 17.58 -23.59 -23.44
O3 NAG J . 16.91 -25.67 -21.61
O4 NAG J . 16.98 -24.61 -18.83
O5 NAG J . 19.53 -22.77 -20.62
O6 NAG J . 19.29 -23.24 -17.14
O7 NAG J . 17.67 -25.57 -24.44
C1 NAG J . 17.01 -25.85 -18.11
C2 NAG J . 16.01 -25.78 -16.94
C3 NAG J . 15.97 -27.10 -16.21
C4 NAG J . 15.62 -28.19 -17.21
C5 NAG J . 16.73 -28.22 -18.26
C6 NAG J . 16.61 -29.33 -19.30
C7 NAG J . 15.66 -23.63 -15.83
C8 NAG J . 15.83 -22.98 -14.48
N2 NAG J . 16.39 -24.71 -16.04
O3 NAG J . 15.06 -27.06 -15.11
O4 NAG J . 15.49 -29.47 -16.57
O5 NAG J . 16.71 -26.96 -18.95
O6 NAG J . 15.28 -29.47 -19.77
O7 NAG J . 14.89 -23.17 -16.66
C1 YZT J . 15.76 -27.39 -13.88
C2 YZT J . 14.81 -27.36 -12.68
C3 YZT J . 15.51 -27.81 -11.38
C4 YZT J . 16.33 -29.09 -11.57
C5 YZT J . 17.23 -28.98 -12.82
C6 YZT J . 18.01 -30.23 -13.17
O1S6 YZT J . 19.03 -28.85 -15.16
O2 YZT J . 14.25 -26.06 -12.53
O2S6 YZT J . 20.05 -30.99 -14.59
O3 YZT J . 14.53 -28.00 -10.36
O3S6 YZT J . 17.86 -30.92 -15.68
O4 YZT J . 17.13 -29.33 -10.42
O5 YZT J . 16.43 -28.66 -13.97
S6 YZT J . 18.80 -30.34 -14.77
C1 NAG K . 1.52 -19.64 -17.83
C2 NAG K . 2.44 -20.60 -17.15
C3 NAG K . 1.70 -21.70 -16.44
C4 NAG K . 0.72 -21.13 -15.44
C5 NAG K . -0.24 -20.23 -16.22
C6 NAG K . -1.32 -19.59 -15.31
C7 NAG K . 4.55 -20.59 -18.37
C8 NAG K . 4.92 -20.34 -19.81
N2 NAG K . 3.34 -21.11 -18.15
O3 NAG K . 2.65 -22.54 -15.76
O4 NAG K . 0.04 -22.28 -14.91
O5 NAG K . 0.40 -19.25 -17.06
O6 NAG K . -0.87 -18.84 -14.15
O7 NAG K . 5.35 -20.33 -17.48
C1 NAG K . 0.11 -22.54 -13.49
C2 NAG K . -0.80 -23.72 -13.17
C3 NAG K . -0.57 -24.28 -11.77
C4 NAG K . 0.93 -24.54 -11.62
C5 NAG K . 1.51 -23.13 -11.66
C6 NAG K . 2.93 -23.00 -11.08
C7 NAG K . -2.95 -23.72 -14.21
C8 NAG K . -4.30 -23.08 -14.23
N2 NAG K . -2.15 -23.28 -13.26
O3 NAG K . -1.34 -25.46 -11.55
O4 NAG K . 1.26 -25.25 -10.42
O5 NAG K . 1.45 -22.77 -13.04
O6 NAG K . 3.69 -22.07 -11.87
O7 NAG K . -2.63 -24.56 -15.04
C1 YZT K . -2.17 -25.17 -10.42
C2 YZT K . -3.45 -26.00 -10.37
C3 YZT K . -4.29 -25.68 -9.12
C4 YZT K . -3.45 -25.57 -7.84
C5 YZT K . -2.19 -24.73 -8.08
C6 YZT K . -1.21 -24.59 -6.92
O1S6 YZT K . 0.39 -22.87 -5.85
O2 YZT K . -4.20 -25.80 -11.57
O2S6 YZT K . -0.20 -22.56 -8.20
O3 YZT K . -5.32 -26.65 -8.97
O3S6 YZT K . 1.29 -24.35 -7.57
O4 YZT K . -4.23 -25.01 -6.78
O5 YZT K . -1.46 -25.29 -9.18
S6 YZT K . 0.11 -23.44 -7.12
C1 MAN K . 5.09 -22.43 -11.91
C2 MAN K . 5.87 -21.32 -12.65
C3 MAN K . 5.72 -21.46 -14.18
C4 MAN K . 5.98 -22.89 -14.68
C5 MAN K . 5.17 -23.91 -13.87
C6 MAN K . 5.52 -25.36 -14.23
O2 MAN K . 7.25 -21.40 -12.27
O3 MAN K . 6.58 -20.53 -14.86
O4 MAN K . 5.68 -22.98 -16.09
O5 MAN K . 5.40 -23.73 -12.45
O6 MAN K . 4.69 -26.26 -13.50
C1 NAG L . 15.24 -7.70 4.61
C2 NAG L . 15.28 -9.13 5.04
C3 NAG L . 14.46 -9.22 6.30
C4 NAG L . 15.05 -8.42 7.46
C5 NAG L . 15.26 -7.03 6.94
C6 NAG L . 16.14 -6.24 7.92
C7 NAG L . 14.98 -10.79 3.39
C8 NAG L . 14.57 -10.81 1.97
N2 NAG L . 14.55 -9.73 4.00
O3 NAG L . 14.22 -10.56 6.78
O4 NAG L . 14.07 -8.27 8.52
O5 NAG L . 15.91 -7.07 5.69
O6 NAG L . 17.21 -7.06 8.44
O7 NAG L . 15.62 -11.69 3.94
C1 NAG L . 14.36 -8.99 9.74
C2 NAG L . 13.68 -8.42 10.97
C3 NAG L . 14.18 -9.15 12.21
C4 NAG L . 14.55 -10.62 12.04
C5 NAG L . 14.65 -11.10 10.59
C6 NAG L . 14.19 -12.54 10.43
C7 NAG L . 13.03 -6.13 11.15
C8 NAG L . 13.33 -4.88 10.41
N2 NAG L . 14.00 -7.02 11.07
O3 NAG L . 13.23 -9.05 13.27
O4 NAG L . 15.87 -10.68 12.58
O5 NAG L . 13.91 -10.32 9.67
O6 NAG L . 14.52 -13.03 9.12
O7 NAG L . 11.97 -6.30 11.77
C1 YZT L . 13.68 -8.06 14.24
C2 YZT L . 12.67 -7.82 15.34
C3 YZT L . 13.13 -6.74 16.33
C4 YZT L . 14.60 -6.89 16.74
C5 YZT L . 15.49 -7.20 15.52
C6 YZT L . 16.95 -7.47 15.85
O1S6 YZT L . 17.53 -5.19 14.78
O2 YZT L . 11.41 -7.45 14.77
O2S6 YZT L . 18.09 -7.23 13.55
O3 YZT L . 12.31 -6.79 17.49
O3S6 YZT L . 19.39 -6.62 15.53
O4 YZT L . 15.06 -5.68 17.34
O5 YZT L . 14.97 -8.33 14.81
S6 YZT L . 18.09 -6.50 14.92
C1 MAN L . 16.01 -11.70 13.60
C2 MAN L . 16.75 -11.17 14.82
C3 MAN L . 18.24 -10.93 14.50
C4 MAN L . 18.91 -12.08 13.71
C5 MAN L . 18.00 -12.66 12.60
C6 MAN L . 18.56 -13.95 12.01
O2 MAN L . 16.62 -12.10 15.90
O3 MAN L . 18.99 -10.66 15.70
O4 MAN L . 20.14 -11.58 13.13
O5 MAN L . 16.65 -12.88 13.08
O6 MAN L . 19.14 -13.69 10.73
C1 MAN L . 15.94 -13.27 9.03
C2 MAN L . 16.52 -12.64 7.76
C3 MAN L . 17.43 -13.62 6.99
C4 MAN L . 16.70 -14.95 6.75
C5 MAN L . 16.00 -15.50 8.01
C6 MAN L . 16.42 -16.94 8.29
O2 MAN L . 17.25 -11.46 8.13
O3 MAN L . 18.63 -13.86 7.74
O4 MAN L . 15.75 -14.82 5.70
O5 MAN L . 16.27 -14.68 9.17
O6 MAN L . 15.95 -17.38 9.57
C1 NAG M . -1.68 15.61 -24.36
C2 NAG M . -1.21 16.18 -25.70
C3 NAG M . -1.86 17.48 -26.12
C4 NAG M . -3.35 17.41 -26.00
C5 NAG M . -3.64 16.79 -24.64
C6 NAG M . -5.12 16.70 -24.29
C7 NAG M . 0.95 15.62 -26.59
C8 NAG M . 2.11 16.35 -27.18
N2 NAG M . 0.22 16.33 -25.74
O3 NAG M . -1.60 17.70 -27.49
O4 NAG M . -3.79 18.77 -25.91
O5 NAG M . -3.08 15.50 -24.59
O6 NAG M . -5.79 16.03 -25.36
O7 NAG M . 0.72 14.45 -26.89
C1 NAG M . -4.56 19.19 -27.05
C2 NAG M . -5.52 20.34 -26.72
C3 NAG M . -6.10 21.06 -27.93
C4 NAG M . -5.11 21.14 -29.08
C5 NAG M . -4.54 19.74 -29.25
C6 NAG M . -3.78 19.49 -30.56
C7 NAG M . -6.87 20.39 -24.77
C8 NAG M . -8.30 20.41 -24.37
N2 NAG M . -6.61 19.84 -25.94
O3 NAG M . -6.42 22.39 -27.53
O4 NAG M . -5.73 21.65 -30.25
O5 NAG M . -3.72 19.59 -28.13
O6 NAG M . -2.51 18.86 -30.34
O7 NAG M . -6.00 20.89 -24.07
C1 YZT M . -7.85 22.57 -27.49
C2 YZT M . -8.24 23.89 -26.85
C3 YZT M . -9.78 24.06 -26.78
C4 YZT M . -10.47 23.69 -28.08
C5 YZT M . -9.94 22.35 -28.63
C6 YZT M . -10.51 21.92 -29.97
O1S6 YZT M . -8.59 20.83 -31.32
O2 YZT M . -7.65 24.00 -25.56
O2S6 YZT M . -9.56 19.54 -29.50
O3 YZT M . -10.09 25.40 -26.40
O3S6 YZT M . -10.83 19.90 -31.57
O4 YZT M . -11.88 23.60 -27.87
O5 YZT M . -8.51 22.42 -28.76
S6 YZT M . -9.88 20.39 -30.60
C1 MAN M . -5.22 22.99 -30.54
C2 MAN M . -6.34 23.87 -31.09
C3 MAN M . -6.66 23.50 -32.55
C4 MAN M . -5.41 23.37 -33.44
C5 MAN M . -4.28 22.58 -32.75
C6 MAN M . -2.96 22.66 -33.53
O2 MAN M . -5.97 25.25 -30.96
O3 MAN M . -7.58 24.45 -33.13
O4 MAN M . -5.78 22.72 -34.67
O5 MAN M . -4.06 23.03 -31.40
O6 MAN M . -2.68 21.37 -34.09
C1 MAN M . -1.57 19.62 -31.10
C2 MAN M . -0.39 18.74 -31.57
C3 MAN M . 0.66 18.56 -30.47
C4 MAN M . 1.05 19.90 -29.85
C5 MAN M . -0.20 20.62 -29.33
C6 MAN M . 0.09 21.97 -28.68
O2 MAN M . 0.16 19.35 -32.75
O3 MAN M . 1.83 17.93 -31.01
O4 MAN M . 2.04 19.74 -28.83
O5 MAN M . -1.13 20.82 -30.42
O6 MAN M . 0.90 22.79 -29.54
C1 NAG N . -24.06 -29.27 32.90
C2 NAG N . -25.50 -29.41 32.60
C3 NAG N . -25.98 -30.74 33.09
C4 NAG N . -25.18 -31.87 32.44
C5 NAG N . -23.73 -31.61 32.76
C6 NAG N . -22.83 -32.62 32.07
C7 NAG N . -26.67 -27.43 32.54
C8 NAG N . -27.92 -26.82 33.10
N2 NAG N . -26.13 -28.34 33.30
O3 NAG N . -27.38 -30.88 32.73
O4 NAG N . -25.46 -33.13 33.09
O5 NAG N . -23.40 -30.36 32.23
O6 NAG N . -22.93 -32.43 30.66
O7 NAG N . -26.20 -27.10 31.47
C1 NAG N . -26.53 -33.91 32.52
C2 NAG N . -26.12 -35.35 32.44
C3 NAG N . -27.32 -36.23 32.06
C4 NAG N . -28.70 -35.80 32.56
C5 NAG N . -28.80 -34.28 32.63
C6 NAG N . -30.03 -33.79 33.36
C7 NAG N . -24.04 -36.14 31.60
C8 NAG N . -23.39 -36.51 30.31
N2 NAG N . -25.13 -35.40 31.44
O3 NAG N . -27.07 -37.54 32.56
O4 NAG N . -29.66 -36.17 31.57
O5 NAG N . -27.68 -33.85 33.34
O6 NAG N . -30.07 -32.37 33.22
O7 NAG N . -23.58 -36.49 32.70
C1 YZT N . -26.83 -38.50 31.51
C2 YZT N . -27.14 -39.92 31.98
C3 YZT N . -26.98 -40.97 30.86
C4 YZT N . -27.61 -40.53 29.53
C5 YZT N . -27.21 -39.08 29.19
C6 YZT N . -27.84 -38.49 27.95
O1S6 YZT N . -28.80 -36.18 28.61
O2 YZT N . -26.34 -40.25 33.11
O2S6 YZT N . -26.40 -36.33 28.16
O3 YZT N . -27.55 -42.21 31.28
O3S6 YZT N . -28.02 -36.48 26.32
O4 YZT N . -27.20 -41.40 28.49
O5 YZT N . -27.56 -38.23 30.31
S6 YZT N . -27.69 -36.75 27.69
C1 MAN N . -30.52 -37.30 31.93
C2 MAN N . -31.19 -37.89 30.70
C3 MAN N . -32.61 -37.28 30.40
C4 MAN N . -33.63 -37.12 31.53
C5 MAN N . -32.80 -36.49 32.63
C6 MAN N . -33.60 -36.44 33.91
O2 MAN N . -31.18 -39.27 31.02
O3 MAN N . -33.32 -38.02 29.42
O4 MAN N . -34.82 -36.35 31.13
O5 MAN N . -31.54 -37.16 32.94
O6 MAN N . -33.55 -35.08 34.32
C1 MAN N . -31.28 -31.94 32.52
C2 MAN N . -30.92 -30.93 31.43
C3 MAN N . -30.61 -29.55 32.04
C4 MAN N . -31.68 -29.09 33.04
C5 MAN N . -31.95 -30.19 34.06
C6 MAN N . -33.05 -29.84 35.07
O2 MAN N . -32.00 -30.84 30.49
O3 MAN N . -30.43 -28.60 31.00
O4 MAN N . -31.26 -27.89 33.70
O5 MAN N . -32.30 -31.40 33.36
O6 MAN N . -32.57 -30.06 36.41
C1 NAG O . -8.85 -31.81 36.22
C2 NAG O . -9.30 -32.87 35.24
C3 NAG O . -9.79 -34.14 35.93
C4 NAG O . -8.98 -34.59 37.14
C5 NAG O . -8.47 -33.39 37.96
C6 NAG O . -7.39 -33.73 38.99
C7 NAG O . -10.52 -32.13 33.30
C8 NAG O . -11.89 -32.29 32.72
N2 NAG O . -10.45 -32.29 34.61
O3 NAG O . -9.75 -35.20 34.99
O4 NAG O . -9.82 -35.45 37.92
O5 NAG O . -7.91 -32.43 37.08
O6 NAG O . -6.32 -34.49 38.40
O7 NAG O . -9.54 -31.87 32.62
C1 NAG O . -9.07 -36.54 38.52
C2 NAG O . -9.74 -36.96 39.83
C3 NAG O . -10.09 -38.44 39.89
C4 NAG O . -10.70 -38.92 38.59
C5 NAG O . -9.77 -38.65 37.40
C6 NAG O . -10.58 -38.28 36.17
C7 NAG O . -9.21 -35.95 41.99
C8 NAG O . -8.12 -35.11 42.61
N2 NAG O . -8.84 -36.65 40.92
O3 NAG O . -11.02 -38.61 40.96
O4 NAG O . -10.87 -40.32 38.69
O5 NAG O . -8.76 -37.65 37.64
O6 NAG O . -9.89 -38.89 35.06
O7 NAG O . -10.33 -35.98 42.46
C1 NAG P . -24.13 -49.54 68.11
C2 NAG P . -24.81 -50.87 67.74
C3 NAG P . -26.18 -51.03 68.42
C4 NAG P . -26.98 -49.73 68.36
C5 NAG P . -26.18 -48.49 68.77
C6 NAG P . -26.89 -47.81 69.93
C7 NAG P . -25.28 -52.04 65.65
C8 NAG P . -26.48 -52.02 64.76
N2 NAG P . -25.00 -50.91 66.29
O3 NAG P . -25.99 -51.45 69.79
O4 NAG P . -27.59 -49.56 67.06
O5 NAG P . -24.83 -48.82 69.13
O6 NAG P . -26.99 -48.66 71.10
O7 NAG P . -24.60 -53.05 65.79
C1 NAG P . -28.88 -48.93 67.19
C2 NAG P . -29.24 -48.33 65.82
C3 NAG P . -30.70 -48.53 65.40
C4 NAG P . -31.08 -49.97 65.72
C5 NAG P . -31.11 -50.10 67.26
C6 NAG P . -31.66 -51.45 67.73
C7 NAG P . -28.39 -46.30 64.77
C8 NAG P . -28.82 -44.87 64.57
N2 NAG P . -28.91 -46.91 65.84
O3 NAG P . -30.90 -48.17 64.02
O4 NAG P . -32.34 -50.31 65.16
O5 NAG P . -29.81 -49.82 67.84
O6 NAG P . -30.45 -52.03 68.21
O7 NAG P . -27.63 -46.88 64.02
C1 YZT P . -31.90 -47.14 63.84
C2 YZT P . -31.93 -46.77 62.35
C3 YZT P . -33.12 -45.89 61.99
C4 YZT P . -34.41 -46.41 62.61
C5 YZT P . -34.22 -46.61 64.12
C6 YZT P . -35.44 -47.14 64.87
O1S6 YZT P . -34.23 -46.86 67.15
O2 YZT P . -30.73 -46.11 61.98
O2S6 YZT P . -34.74 -49.11 66.38
O3 YZT P . -33.24 -45.77 60.56
O3S6 YZT P . -36.54 -47.68 67.16
O4 YZT P . -35.46 -45.49 62.37
O5 YZT P . -33.17 -47.56 64.35
S6 YZT P . -35.24 -47.66 66.55
C1 MAN P . -32.22 -51.26 64.07
C2 MAN P . -32.97 -50.77 62.82
C3 MAN P . -34.48 -50.77 63.08
C4 MAN P . -34.98 -52.09 63.70
C5 MAN P . -34.08 -52.59 64.84
C6 MAN P . -34.43 -54.01 65.31
O2 MAN P . -32.64 -51.58 61.68
O3 MAN P . -35.18 -50.46 61.86
O4 MAN P . -36.32 -51.89 64.18
O5 MAN P . -32.71 -52.55 64.42
O6 MAN P . -33.69 -54.32 66.50
C1 MAN P . -30.23 -53.37 67.95
C2 MAN P . -28.86 -53.75 68.44
C3 MAN P . -27.93 -54.49 67.44
C4 MAN P . -28.70 -55.21 66.32
C5 MAN P . -29.73 -54.30 65.63
C6 MAN P . -30.52 -55.08 64.49
O2 MAN P . -29.48 -54.70 69.25
O3 MAN P . -27.07 -55.42 68.13
O4 MAN P . -27.78 -55.64 65.31
O5 MAN P . -30.46 -53.44 66.54
O6 MAN P . -31.34 -56.13 65.03
C1 NAG Q . -11.85 -15.85 49.04
C2 NAG Q . -10.35 -15.71 49.35
C3 NAG Q . -9.94 -16.49 50.63
C4 NAG Q . -10.99 -16.40 51.80
C5 NAG Q . -12.45 -16.61 51.29
C6 NAG Q . -13.60 -16.45 52.32
C7 NAG Q . -9.24 -15.29 47.15
C8 NAG Q . -8.39 -15.89 46.06
N2 NAG Q . -9.55 -16.09 48.17
O3 NAG Q . -8.63 -16.05 51.06
O4 NAG Q . -10.66 -17.34 52.85
O5 NAG Q . -12.70 -15.70 50.21
O6 NAG Q . -13.98 -17.70 52.95
O7 NAG Q . -9.62 -14.12 47.07
C1 NAG Q . -10.12 -16.64 54.00
C2 NAG Q . -10.40 -17.41 55.32
C3 NAG Q . -9.65 -16.82 56.53
C4 NAG Q . -8.20 -16.38 56.20
C5 NAG Q . -8.07 -15.63 54.84
C6 NAG Q . -6.62 -15.30 54.39
C7 NAG Q . -12.37 -18.69 55.97
C8 NAG Q . -13.86 -18.72 56.23
N2 NAG Q . -11.84 -17.52 55.62
O3 NAG Q . -9.71 -17.70 57.68
O4 NAG Q . -7.73 -15.58 57.29
O5 NAG Q . -8.71 -16.37 53.79
O6 NAG Q . -6.59 -14.93 53.00
O7 NAG Q . -11.66 -19.67 56.07
C1 NAG R . 25.52 -7.96 -54.95
C2 NAG R . 24.11 -7.51 -55.27
C3 NAG R . 23.98 -7.10 -56.75
C4 NAG R . 25.16 -6.24 -57.26
C5 NAG R . 26.51 -6.71 -56.70
C6 NAG R . 27.64 -5.72 -56.97
C7 NAG R . 22.36 -8.62 -53.93
C8 NAG R . 20.96 -9.12 -54.19
N2 NAG R . 23.17 -8.58 -55.00
O3 NAG R . 22.75 -6.40 -56.92
O4 NAG R . 25.20 -6.30 -58.69
O5 NAG R . 26.42 -6.90 -55.29
O6 NAG R . 28.85 -6.44 -57.18
O7 NAG R . 22.72 -8.29 -52.82
C1 NAG S . -6.69 -7.69 -34.64
C2 NAG S . -6.86 -6.35 -35.41
C3 NAG S . -8.29 -5.80 -35.20
C4 NAG S . -9.44 -6.81 -35.12
C5 NAG S . -9.06 -8.26 -34.82
C6 NAG S . -10.07 -9.24 -35.42
C7 NAG S . -5.96 -4.24 -34.43
C8 NAG S . -6.23 -4.26 -32.95
N2 NAG S . -5.81 -5.41 -35.04
O3 NAG S . -8.65 -4.86 -36.21
O4 NAG S . -10.27 -6.49 -34.01
O5 NAG S . -7.70 -8.60 -35.15
O6 NAG S . -10.73 -9.77 -34.28
O7 NAG S . -5.87 -3.19 -35.06
C1 NAG T . -35.06 -38.60 42.81
C2 NAG T . -35.41 -38.51 41.32
C3 NAG T . -36.61 -39.42 40.98
C4 NAG T . -36.46 -40.84 41.55
C5 NAG T . -35.95 -40.86 43.01
C6 NAG T . -35.54 -42.26 43.48
C7 NAG T . -34.80 -36.34 40.22
C8 NAG T . -35.44 -35.29 39.34
N2 NAG T . -35.66 -37.13 40.90
O3 NAG T . -36.82 -39.47 39.56
O4 NAG T . -37.72 -41.54 41.44
O5 NAG T . -34.83 -39.97 43.22
O6 NAG T . -34.38 -42.72 42.78
O7 NAG T . -33.59 -36.43 40.31
#